data_6O04
#
_entry.id   6O04
#
_cell.length_a   100.798
_cell.length_b   143.314
_cell.length_c   173.616
_cell.angle_alpha   90.000
_cell.angle_beta   90.000
_cell.angle_gamma   90.000
#
_symmetry.space_group_name_H-M   'P 21 21 21'
#
loop_
_entity.id
_entity.type
_entity.pdbx_description
1 polymer '2-succinyl-5-enolpyruvyl-6-hydroxy-3-cyclohexene-1-carboxylate synthase'
2 non-polymer '1,4-dihydroxy-2-naphthoic acid'
3 non-polymer 'ACETATE ION'
4 non-polymer 'FORMIC ACID'
5 non-polymer 'MAGNESIUM ION'
6 non-polymer '(1~{R},2~{S},5~{S},6~{S})-2-[(1~{S})-1-[3-[(4-azanylidene-2-methyl-1~{H}-pyrimidin-5-yl)methyl]-4-methyl-5-[2-[oxidanyl (phosphonooxy)phosphoryl]oxyethyl]-1,3-thiazol-3-ium-2-yl]-1,4-bis(oxidanyl)-4-oxidanylidene-butyl]-6-oxidanyl-5-(3-oxid anyl-3-oxidanylidene-prop-1-en-2-yl)oxy-cyclohex-3-ene-1-carboxylic acid'
7 non-polymer 'CHLORIDE ION'
8 water water
#
_entity_poly.entity_id   1
_entity_poly.type   'polypeptide(L)'
_entity_poly.pdbx_seq_one_letter_code
;MGSSHHHHHHSSGLVPRGSHMNPSTTQARVVVDELIRGGVRDVVLCPGSRNAPLAFALQDADRSGRIRLHVRIDERTAGY
LAIGLAIGAGAPVCVAMTSGTAVANLGPAVVEANYARVPLIVLSANRPYELLGTGANQTMEQLGYFGTQVRASISLGLAE
DAPERTSALNATWRSATCRVLAAATGARTANAGPVHFDIPLREPLVPDPEPLGAVTPPGRPAGKPWTYTPPVTFDQPLDI
DLSVDTVVISGHGAGVHPNLAALPTVAEPTAPRSGDNPLHPLALPLLRPQQVIMLGRPTLHRPVSVLLADAEVPVFALTT
GPRWPDVSGNSQATGTRAVTTGAPRPAWLDRCAAMNRHAIAAVREQLAAHPLTTGLHVAAAVSHALRPGDQLVLGASNPV
RDVALAGLDTRGIRVRSNRGVAGIDGTVSTAIGAALAYEGAHERTGSPDSPPRTIALIGDLTFVHDSSGLLIGPTEPIPR
SLTIVVSNDNGGGIFELLEQGDPRFSDVSSRIFGTPHDVDVGALCRAYHVESRQIEVDELGPTLDQPGAGMRVLEVKADR
SSLRQLHAAIKAAL
;
_entity_poly.pdbx_strand_id   A,D,B,C
#
loop_
_chem_comp.id
_chem_comp.type
_chem_comp.name
_chem_comp.formula
ACT non-polymer 'ACETATE ION' 'C2 H3 O2 -1'
CL non-polymer 'CHLORIDE ION' 'Cl -1'
DNA non-polymer '1,4-dihydroxy-2-naphthoic acid' 'C11 H8 O4'
FMT non-polymer 'FORMIC ACID' 'C H2 O2'
MG non-polymer 'MAGNESIUM ION' 'Mg 2'
TOI non-polymer '(1~{R},2~{S},5~{S},6~{S})-2-[(1~{S})-1-[3-[(4-azanylidene-2-methyl-1~{H}-pyrimidin-5-yl)methyl]-4-methyl-5-[2-[oxidanyl (phosphonooxy)phosphoryl]oxyethyl]-1,3-thiazol-3-ium-2-yl]-1,4-bis(oxidanyl)-4-oxidanylidene-butyl]-6-oxidanyl-5-(3-oxid anyl-3-oxidanylidene-prop-1-en-2-yl)oxy-cyclohex-3-ene-1-carboxylic acid' 'C26 H35 N4 O16 P2 S 1'
#
# COMPACT_ATOMS: atom_id res chain seq x y z
N MET A 21 31.03 -3.02 20.64
CA MET A 21 29.58 -2.93 20.79
C MET A 21 28.88 -3.53 19.58
N ASN A 22 27.95 -4.47 19.83
CA ASN A 22 27.29 -5.17 18.74
C ASN A 22 26.37 -4.23 17.97
N PRO A 23 26.02 -4.57 16.72
CA PRO A 23 25.31 -3.61 15.86
C PRO A 23 23.97 -3.14 16.40
N SER A 24 23.15 -4.04 16.96
CA SER A 24 21.84 -3.63 17.45
C SER A 24 21.96 -2.66 18.62
N THR A 25 22.93 -2.89 19.50
CA THR A 25 23.12 -2.01 20.65
C THR A 25 23.62 -0.64 20.22
N THR A 26 24.55 -0.59 19.27
CA THR A 26 25.06 0.69 18.78
C THR A 26 23.98 1.50 18.10
N GLN A 27 23.25 0.87 17.17
CA GLN A 27 22.20 1.56 16.43
C GLN A 27 21.12 2.10 17.36
N ALA A 28 20.70 1.29 18.35
CA ALA A 28 19.67 1.73 19.27
C ALA A 28 20.14 2.90 20.12
N ARG A 29 21.42 2.92 20.49
CA ARG A 29 21.94 4.02 21.29
C ARG A 29 22.06 5.30 20.47
N VAL A 30 22.47 5.19 19.21
CA VAL A 30 22.53 6.35 18.34
C VAL A 30 21.15 6.96 18.16
N VAL A 31 20.15 6.11 17.92
CA VAL A 31 18.79 6.59 17.66
C VAL A 31 18.22 7.29 18.89
N VAL A 32 18.28 6.63 20.04
CA VAL A 32 17.74 7.20 21.26
C VAL A 32 18.43 8.54 21.55
N ASP A 33 19.74 8.60 21.33
CA ASP A 33 20.47 9.85 21.57
C ASP A 33 19.96 10.97 20.66
N GLU A 34 19.84 10.69 19.36
CA GLU A 34 19.38 11.70 18.43
C GLU A 34 17.94 12.11 18.72
N LEU A 35 17.10 11.16 19.12
CA LEU A 35 15.72 11.49 19.50
C LEU A 35 15.71 12.44 20.68
N ILE A 36 16.57 12.21 21.67
CA ILE A 36 16.63 13.10 22.83
C ILE A 36 17.13 14.47 22.42
N ARG A 37 18.14 14.52 21.53
CA ARG A 37 18.59 15.80 21.00
C ARG A 37 17.50 16.53 20.22
N GLY A 38 16.48 15.81 19.76
CA GLY A 38 15.39 16.38 19.00
C GLY A 38 14.24 16.93 19.80
N GLY A 39 14.32 16.90 21.13
CA GLY A 39 13.27 17.43 21.97
C GLY A 39 12.38 16.39 22.63
N VAL A 40 12.68 15.11 22.47
CA VAL A 40 11.89 14.08 23.13
C VAL A 40 12.26 14.06 24.61
N ARG A 41 11.26 14.27 25.48
CA ARG A 41 11.45 14.20 26.92
C ARG A 41 10.79 13.00 27.56
N ASP A 42 9.77 12.42 26.92
CA ASP A 42 9.07 11.26 27.44
C ASP A 42 9.01 10.19 26.36
N VAL A 43 9.14 8.93 26.77
CA VAL A 43 9.05 7.80 25.86
C VAL A 43 8.24 6.70 26.54
N VAL A 44 7.21 6.22 25.86
CA VAL A 44 6.41 5.10 26.34
C VAL A 44 6.99 3.82 25.74
N LEU A 45 7.22 2.82 26.60
CA LEU A 45 7.82 1.55 26.18
C LEU A 45 6.92 0.41 26.62
N CYS A 46 6.68 -0.53 25.71
CA CYS A 46 5.88 -1.70 26.04
C CYS A 46 6.69 -2.98 25.80
N PRO A 47 6.51 -4.00 26.64
CA PRO A 47 7.49 -5.09 26.70
C PRO A 47 7.56 -5.93 25.43
N GLY A 48 8.75 -6.47 25.21
CA GLY A 48 9.02 -7.37 24.11
C GLY A 48 10.50 -7.65 24.07
N SER A 49 10.87 -8.69 23.33
CA SER A 49 12.27 -9.05 23.22
C SER A 49 12.93 -8.53 21.95
N ARG A 50 12.16 -8.35 20.87
CA ARG A 50 12.73 -7.80 19.65
C ARG A 50 13.11 -6.33 19.83
N ASN A 51 12.34 -5.59 20.65
CA ASN A 51 12.67 -4.22 20.96
C ASN A 51 13.56 -4.09 22.18
N ALA A 52 14.21 -5.18 22.61
CA ALA A 52 15.18 -5.09 23.69
C ALA A 52 16.30 -4.09 23.42
N PRO A 53 16.86 -3.96 22.20
CA PRO A 53 17.83 -2.88 21.99
C PRO A 53 17.30 -1.51 22.30
N LEU A 54 16.03 -1.25 21.97
CA LEU A 54 15.43 0.04 22.30
C LEU A 54 15.17 0.19 23.79
N ALA A 55 14.80 -0.90 24.47
CA ALA A 55 14.53 -0.83 25.90
C ALA A 55 15.78 -0.51 26.69
N PHE A 56 16.89 -1.22 26.41
CA PHE A 56 18.13 -0.99 27.14
C PHE A 56 18.62 0.45 26.95
N ALA A 57 18.60 0.94 25.72
CA ALA A 57 19.07 2.30 25.46
C ALA A 57 18.17 3.34 26.10
N LEU A 58 16.85 3.16 26.00
CA LEU A 58 15.93 4.09 26.64
C LEU A 58 16.05 4.04 28.15
N GLN A 59 16.34 2.87 28.71
CA GLN A 59 16.49 2.76 30.16
C GLN A 59 17.69 3.58 30.65
N ASP A 60 18.84 3.44 29.99
CA ASP A 60 20.01 4.22 30.34
C ASP A 60 19.69 5.71 30.32
N ALA A 61 19.00 6.16 29.26
CA ALA A 61 18.66 7.57 29.15
C ALA A 61 17.73 8.01 30.28
N ASP A 62 16.82 7.13 30.69
CA ASP A 62 15.93 7.45 31.81
C ASP A 62 16.71 7.54 33.11
N ARG A 63 17.73 6.69 33.28
CA ARG A 63 18.48 6.66 34.53
C ARG A 63 19.43 7.83 34.68
N SER A 64 19.88 8.43 33.57
CA SER A 64 20.72 9.62 33.64
C SER A 64 19.93 10.91 33.54
N GLY A 65 18.60 10.82 33.54
CA GLY A 65 17.76 12.01 33.54
C GLY A 65 17.54 12.66 32.20
N ARG A 66 18.05 12.08 31.11
CA ARG A 66 17.86 12.68 29.79
C ARG A 66 16.40 12.66 29.38
N ILE A 67 15.69 11.58 29.70
CA ILE A 67 14.27 11.43 29.40
C ILE A 67 13.59 10.78 30.60
N ARG A 68 12.26 10.78 30.56
CA ARG A 68 11.44 10.03 31.50
C ARG A 68 10.79 8.89 30.76
N LEU A 69 11.08 7.66 31.19
CA LEU A 69 10.50 6.48 30.59
C LEU A 69 9.20 6.12 31.29
N HIS A 70 8.20 5.71 30.50
CA HIS A 70 6.92 5.24 31.02
C HIS A 70 6.63 3.89 30.39
N VAL A 71 6.54 2.85 31.21
CA VAL A 71 6.30 1.49 30.73
C VAL A 71 4.83 1.15 30.91
N ARG A 72 4.24 0.55 29.88
CA ARG A 72 2.85 0.11 29.92
C ARG A 72 2.74 -1.25 29.25
N ILE A 73 1.70 -1.98 29.61
CA ILE A 73 1.53 -3.36 29.14
C ILE A 73 0.67 -3.43 27.88
N ASP A 74 -0.30 -2.54 27.73
CA ASP A 74 -1.25 -2.55 26.61
C ASP A 74 -0.81 -1.51 25.58
N GLU A 75 -0.47 -1.99 24.38
CA GLU A 75 0.08 -1.09 23.36
C GLU A 75 -0.94 -0.05 22.91
N ARG A 76 -2.21 -0.42 22.83
CA ARG A 76 -3.21 0.52 22.33
C ARG A 76 -3.36 1.72 23.26
N THR A 77 -3.69 1.46 24.53
CA THR A 77 -3.84 2.57 25.47
C THR A 77 -2.50 3.27 25.73
N ALA A 78 -1.39 2.56 25.56
CA ALA A 78 -0.09 3.21 25.69
C ALA A 78 0.11 4.28 24.62
N GLY A 79 -0.46 4.07 23.43
CA GLY A 79 -0.41 5.10 22.41
C GLY A 79 -1.13 6.37 22.83
N TYR A 80 -2.23 6.22 23.55
CA TYR A 80 -2.96 7.39 24.03
C TYR A 80 -2.26 8.04 25.21
N LEU A 81 -1.47 7.27 25.96
CA LEU A 81 -0.62 7.87 26.98
C LEU A 81 0.45 8.76 26.34
N ALA A 82 1.02 8.30 25.23
CA ALA A 82 1.99 9.13 24.51
C ALA A 82 1.34 10.37 23.92
N ILE A 83 0.11 10.22 23.39
CA ILE A 83 -0.62 11.38 22.89
C ILE A 83 -0.81 12.41 23.99
N GLY A 84 -1.27 11.97 25.16
CA GLY A 84 -1.37 12.86 26.30
C GLY A 84 -0.04 13.47 26.68
N LEU A 85 1.02 12.66 26.67
CA LEU A 85 2.35 13.17 26.96
C LEU A 85 2.82 14.18 25.92
N ALA A 86 2.17 14.23 24.75
CA ALA A 86 2.51 15.19 23.72
C ALA A 86 1.66 16.45 23.79
N ILE A 87 0.34 16.31 23.96
CA ILE A 87 -0.51 17.48 24.04
C ILE A 87 -0.35 18.23 25.35
N GLY A 88 0.26 17.59 26.37
CA GLY A 88 0.38 18.25 27.66
C GLY A 88 1.37 19.40 27.65
N ALA A 89 2.48 19.25 26.93
CA ALA A 89 3.52 20.27 26.90
C ALA A 89 3.99 20.64 25.51
N GLY A 90 3.50 19.96 24.47
CA GLY A 90 3.82 20.32 23.10
C GLY A 90 5.04 19.63 22.51
N ALA A 91 5.55 18.59 23.16
CA ALA A 91 6.79 17.98 22.69
C ALA A 91 6.51 16.68 21.93
N PRO A 92 7.39 16.30 21.01
CA PRO A 92 7.25 14.99 20.37
C PRO A 92 7.54 13.87 21.35
N VAL A 93 6.69 12.84 21.29
CA VAL A 93 6.76 11.69 22.18
C VAL A 93 6.77 10.42 21.33
N CYS A 94 7.66 9.49 21.68
CA CYS A 94 7.75 8.20 21.00
C CYS A 94 7.19 7.09 21.87
N VAL A 95 6.61 6.10 21.22
CA VAL A 95 6.12 4.88 21.86
C VAL A 95 6.83 3.72 21.17
N ALA A 96 7.51 2.88 21.94
CA ALA A 96 8.32 1.80 21.41
C ALA A 96 7.70 0.46 21.79
N MET A 97 7.58 -0.44 20.82
CA MET A 97 6.99 -1.75 21.06
C MET A 97 7.69 -2.79 20.20
N THR A 98 7.45 -4.06 20.54
CA THR A 98 7.99 -5.17 19.76
C THR A 98 7.25 -5.30 18.44
N SER A 99 7.66 -6.28 17.64
CA SER A 99 7.04 -6.50 16.34
C SER A 99 5.73 -7.26 16.48
N GLY A 100 4.94 -7.23 15.40
CA GLY A 100 3.67 -7.95 15.38
C GLY A 100 2.48 -7.11 15.74
N THR A 101 1.48 -7.73 16.38
CA THR A 101 0.25 -7.01 16.74
C THR A 101 0.53 -5.82 17.66
N ALA A 102 1.63 -5.84 18.39
CA ALA A 102 1.99 -4.69 19.22
C ALA A 102 2.04 -3.41 18.39
N VAL A 103 2.53 -3.51 17.16
CA VAL A 103 2.53 -2.36 16.26
C VAL A 103 1.11 -2.05 15.81
N ALA A 104 0.36 -3.09 15.40
CA ALA A 104 -1.00 -2.89 14.92
C ALA A 104 -1.90 -2.28 15.98
N ASN A 105 -1.60 -2.50 17.26
CA ASN A 105 -2.40 -1.95 18.33
C ASN A 105 -2.27 -0.44 18.45
N LEU A 106 -1.27 0.16 17.80
CA LEU A 106 -1.10 1.61 17.82
C LEU A 106 -1.99 2.31 16.80
N GLY A 107 -2.70 1.55 15.97
CA GLY A 107 -3.58 2.09 14.96
C GLY A 107 -4.54 3.16 15.46
N PRO A 108 -5.33 2.85 16.50
CA PRO A 108 -6.27 3.87 17.01
C PRO A 108 -5.61 5.17 17.41
N ALA A 109 -4.51 5.11 18.17
CA ALA A 109 -3.84 6.33 18.58
C ALA A 109 -3.21 7.06 17.40
N VAL A 110 -2.84 6.33 16.34
CA VAL A 110 -2.28 6.99 15.16
C VAL A 110 -3.38 7.73 14.41
N VAL A 111 -4.57 7.13 14.30
CA VAL A 111 -5.68 7.81 13.64
C VAL A 111 -6.04 9.09 14.37
N GLU A 112 -6.07 9.04 15.70
CA GLU A 112 -6.34 10.25 16.48
C GLU A 112 -5.22 11.27 16.32
N ALA A 113 -3.96 10.80 16.42
CA ALA A 113 -2.82 11.71 16.27
C ALA A 113 -2.81 12.36 14.89
N ASN A 114 -3.25 11.63 13.87
CA ASN A 114 -3.29 12.18 12.52
C ASN A 114 -4.23 13.38 12.46
N TYR A 115 -5.45 13.23 12.95
CA TYR A 115 -6.43 14.31 12.85
C TYR A 115 -6.16 15.41 13.86
N ALA A 116 -5.72 15.05 15.07
CA ALA A 116 -5.43 16.04 16.09
C ALA A 116 -4.05 16.67 15.94
N ARG A 117 -3.28 16.25 14.94
CA ARG A 117 -1.97 16.84 14.63
C ARG A 117 -1.01 16.71 15.83
N VAL A 118 -0.84 15.48 16.30
CA VAL A 118 -0.07 15.19 17.51
C VAL A 118 1.24 14.53 17.08
N PRO A 119 2.39 15.06 17.51
CA PRO A 119 3.68 14.47 17.10
C PRO A 119 3.97 13.15 17.80
N LEU A 120 3.36 12.06 17.34
CA LEU A 120 3.47 10.75 17.97
C LEU A 120 4.36 9.87 17.10
N ILE A 121 5.52 9.50 17.62
CA ILE A 121 6.48 8.69 16.88
C ILE A 121 6.29 7.23 17.29
N VAL A 122 5.85 6.41 16.34
CA VAL A 122 5.66 4.98 16.56
C VAL A 122 6.99 4.31 16.23
N LEU A 123 7.76 3.98 17.27
CA LEU A 123 9.12 3.47 17.13
C LEU A 123 9.09 1.96 17.33
N SER A 124 8.87 1.24 16.23
CA SER A 124 8.62 -0.19 16.28
C SER A 124 9.89 -0.96 15.96
N ALA A 125 10.20 -1.96 16.77
CA ALA A 125 11.18 -2.96 16.39
C ALA A 125 10.55 -3.95 15.42
N ASN A 126 11.39 -4.58 14.61
CA ASN A 126 10.93 -5.53 13.62
C ASN A 126 11.97 -6.64 13.50
N ARG A 127 11.52 -7.80 13.06
CA ARG A 127 12.44 -8.78 12.54
C ARG A 127 13.13 -8.19 11.31
N PRO A 128 14.28 -8.75 10.92
CA PRO A 128 14.85 -8.34 9.63
C PRO A 128 13.84 -8.57 8.52
N TYR A 129 13.79 -7.61 7.59
CA TYR A 129 12.86 -7.73 6.45
C TYR A 129 13.11 -9.01 5.67
N GLU A 130 14.36 -9.51 5.71
CA GLU A 130 14.69 -10.76 5.04
C GLU A 130 13.88 -11.94 5.56
N LEU A 131 13.29 -11.82 6.76
CA LEU A 131 12.46 -12.88 7.32
C LEU A 131 11.00 -12.75 6.95
N LEU A 132 10.59 -11.65 6.34
CA LEU A 132 9.19 -11.46 5.97
C LEU A 132 8.83 -12.39 4.82
N GLY A 133 7.90 -13.32 5.07
CA GLY A 133 7.53 -14.32 4.10
C GLY A 133 8.06 -15.70 4.39
N THR A 134 9.02 -15.83 5.30
CA THR A 134 9.57 -17.13 5.66
C THR A 134 8.72 -17.87 6.68
N GLY A 135 7.74 -17.21 7.28
CA GLY A 135 6.95 -17.83 8.32
C GLY A 135 7.51 -17.63 9.71
N ALA A 136 8.45 -16.71 9.89
CA ALA A 136 9.04 -16.48 11.20
C ALA A 136 7.98 -16.03 12.19
N ASN A 137 8.11 -16.48 13.43
CA ASN A 137 7.19 -16.10 14.50
C ASN A 137 7.17 -14.59 14.67
N GLN A 138 5.96 -14.04 14.82
CA GLN A 138 5.77 -12.63 15.17
C GLN A 138 6.30 -11.69 14.10
N THR A 139 6.17 -12.09 12.83
CA THR A 139 6.62 -11.28 11.71
C THR A 139 5.45 -11.02 10.78
N MET A 140 5.30 -9.75 10.36
CA MET A 140 4.16 -9.34 9.56
C MET A 140 4.56 -8.20 8.65
N GLU A 141 3.64 -7.81 7.77
CA GLU A 141 3.83 -6.65 6.91
C GLU A 141 3.72 -5.38 7.74
N GLN A 142 4.84 -4.98 8.35
CA GLN A 142 4.88 -3.90 9.34
C GLN A 142 5.08 -2.53 8.72
N LEU A 143 6.09 -2.39 7.87
CA LEU A 143 6.34 -1.11 7.21
C LEU A 143 5.18 -0.78 6.28
N GLY A 144 4.65 0.45 6.41
CA GLY A 144 3.50 0.85 5.64
C GLY A 144 2.17 0.34 6.17
N TYR A 145 2.16 -0.26 7.37
CA TYR A 145 0.92 -0.77 7.93
C TYR A 145 -0.11 0.33 8.13
N PHE A 146 0.35 1.55 8.45
CA PHE A 146 -0.56 2.64 8.76
C PHE A 146 -1.00 3.43 7.54
N GLY A 147 -0.31 3.27 6.41
CA GLY A 147 -0.77 3.90 5.19
C GLY A 147 -0.68 5.41 5.26
N THR A 148 -1.76 6.09 4.86
CA THR A 148 -1.81 7.54 4.78
C THR A 148 -2.02 8.21 6.14
N GLN A 149 -2.21 7.44 7.21
CA GLN A 149 -2.48 8.04 8.51
C GLN A 149 -1.25 8.74 9.08
N VAL A 150 -0.05 8.26 8.74
CA VAL A 150 1.18 8.82 9.28
C VAL A 150 1.76 9.82 8.29
N ARG A 151 2.46 10.82 8.81
CA ARG A 151 3.14 11.79 7.95
C ARG A 151 4.26 11.15 7.16
N ALA A 152 4.85 10.08 7.68
CA ALA A 152 5.91 9.37 6.99
C ALA A 152 6.02 7.97 7.58
N SER A 153 6.49 7.04 6.75
CA SER A 153 6.85 5.70 7.18
C SER A 153 8.30 5.47 6.76
N ILE A 154 9.20 5.45 7.75
CA ILE A 154 10.63 5.43 7.49
C ILE A 154 11.23 4.19 8.13
N SER A 155 12.08 3.50 7.37
CA SER A 155 12.80 2.34 7.86
C SER A 155 14.28 2.70 8.04
N LEU A 156 14.81 2.42 9.22
CA LEU A 156 16.21 2.70 9.48
C LEU A 156 17.14 1.78 8.68
N GLY A 157 16.68 0.57 8.39
CA GLY A 157 17.55 -0.42 7.78
C GLY A 157 18.31 -1.22 8.82
N LEU A 158 18.55 -2.49 8.48
CA LEU A 158 19.31 -3.35 9.38
C LEU A 158 20.72 -2.81 9.59
N ALA A 159 21.20 -2.91 10.82
CA ALA A 159 22.51 -2.39 11.18
C ALA A 159 23.59 -3.36 10.72
N GLU A 160 24.50 -2.87 9.88
CA GLU A 160 25.57 -3.72 9.35
C GLU A 160 26.63 -3.97 10.40
N ASP A 161 27.17 -5.19 10.39
CA ASP A 161 28.32 -5.57 11.21
C ASP A 161 29.58 -5.15 10.44
N ALA A 162 29.88 -3.86 10.49
CA ALA A 162 30.97 -3.29 9.70
C ALA A 162 31.58 -2.13 10.46
N PRO A 163 32.61 -2.39 11.27
CA PRO A 163 33.18 -1.33 12.11
C PRO A 163 33.76 -0.15 11.33
N GLU A 164 34.45 -0.40 10.22
CA GLU A 164 35.03 0.69 9.45
C GLU A 164 33.98 1.65 8.91
N ARG A 165 32.73 1.20 8.81
CA ARG A 165 31.62 2.01 8.33
C ARG A 165 30.86 2.69 9.46
N THR A 166 31.40 2.68 10.68
CA THR A 166 30.64 3.18 11.82
C THR A 166 30.38 4.68 11.71
N SER A 167 31.40 5.45 11.30
CA SER A 167 31.22 6.88 11.15
C SER A 167 30.13 7.19 10.12
N ALA A 168 30.10 6.43 9.03
CA ALA A 168 29.08 6.66 8.01
C ALA A 168 27.69 6.30 8.53
N LEU A 169 27.56 5.11 9.12
CA LEU A 169 26.25 4.67 9.62
C LEU A 169 25.72 5.60 10.71
N ASN A 170 26.62 6.21 11.49
CA ASN A 170 26.18 7.18 12.48
C ASN A 170 25.49 8.36 11.82
N ALA A 171 26.02 8.82 10.68
CA ALA A 171 25.45 9.99 10.01
C ALA A 171 24.11 9.67 9.35
N THR A 172 24.01 8.51 8.71
CA THR A 172 22.75 8.14 8.06
C THR A 172 21.66 7.87 9.10
N TRP A 173 22.01 7.18 10.19
CA TRP A 173 21.03 6.90 11.23
C TRP A 173 20.53 8.19 11.87
N ARG A 174 21.43 9.11 12.17
CA ARG A 174 21.02 10.35 12.83
C ARG A 174 20.23 11.25 11.90
N SER A 175 20.60 11.29 10.63
CA SER A 175 19.84 12.09 9.67
C SER A 175 18.46 11.49 9.42
N ALA A 176 18.35 10.15 9.47
CA ALA A 176 17.04 9.52 9.34
C ALA A 176 16.18 9.78 10.55
N THR A 177 16.79 9.88 11.74
CA THR A 177 16.02 10.15 12.95
C THR A 177 15.47 11.57 12.95
N CYS A 178 16.25 12.52 12.43
CA CYS A 178 15.78 13.91 12.35
C CYS A 178 14.67 14.06 11.33
N ARG A 179 14.68 13.24 10.27
CA ARG A 179 13.56 13.22 9.34
C ARG A 179 12.28 12.74 10.03
N VAL A 180 12.40 11.71 10.86
CA VAL A 180 11.26 11.24 11.66
C VAL A 180 10.77 12.35 12.57
N LEU A 181 11.70 13.06 13.22
CA LEU A 181 11.29 14.13 14.13
C LEU A 181 10.68 15.30 13.37
N ALA A 182 11.21 15.63 12.19
CA ALA A 182 10.73 16.78 11.45
C ALA A 182 9.34 16.53 10.87
N ALA A 183 9.11 15.31 10.37
CA ALA A 183 7.77 14.97 9.89
C ALA A 183 6.77 14.93 11.04
N ALA A 184 7.21 14.47 12.21
CA ALA A 184 6.31 14.34 13.35
C ALA A 184 5.88 15.69 13.90
N THR A 185 6.83 16.61 14.04
CA THR A 185 6.55 17.92 14.63
C THR A 185 6.13 18.96 13.61
N GLY A 186 6.01 18.60 12.34
CA GLY A 186 5.70 19.58 11.31
C GLY A 186 6.75 20.66 11.19
N ALA A 187 8.02 20.31 11.38
CA ALA A 187 9.09 21.29 11.41
C ALA A 187 9.14 22.10 10.12
N ARG A 188 8.96 21.45 8.98
CA ARG A 188 8.92 22.13 7.69
C ARG A 188 7.54 22.19 7.07
N THR A 189 6.59 21.39 7.56
CA THR A 189 5.25 21.33 6.99
C THR A 189 4.22 22.15 7.73
N ALA A 190 4.47 22.49 9.00
CA ALA A 190 3.48 23.09 9.90
C ALA A 190 2.29 22.17 10.10
N ASN A 191 2.47 20.86 9.89
CA ASN A 191 1.40 19.87 10.01
C ASN A 191 1.96 18.69 10.82
N ALA A 192 1.99 18.84 12.14
CA ALA A 192 2.45 17.77 13.01
C ALA A 192 1.52 16.56 12.91
N GLY A 193 2.07 15.39 13.20
CA GLY A 193 1.31 14.17 13.13
C GLY A 193 2.14 12.93 13.43
N PRO A 194 1.53 11.76 13.32
CA PRO A 194 2.24 10.53 13.66
C PRO A 194 3.22 10.11 12.56
N VAL A 195 4.28 9.43 12.99
CA VAL A 195 5.30 8.91 12.09
C VAL A 195 5.61 7.47 12.51
N HIS A 196 5.66 6.56 11.54
CA HIS A 196 6.07 5.20 11.79
C HIS A 196 7.58 5.08 11.54
N PHE A 197 8.32 4.69 12.56
CA PHE A 197 9.78 4.57 12.52
C PHE A 197 10.10 3.10 12.80
N ASP A 198 10.31 2.32 11.74
CA ASP A 198 10.52 0.89 11.85
C ASP A 198 12.01 0.58 11.92
N ILE A 199 12.39 -0.22 12.90
CA ILE A 199 13.79 -0.56 13.15
C ILE A 199 13.94 -2.08 13.07
N PRO A 200 14.43 -2.61 11.95
CA PRO A 200 14.73 -4.04 11.89
C PRO A 200 15.99 -4.37 12.69
N LEU A 201 15.87 -5.38 13.57
CA LEU A 201 16.94 -5.76 14.48
C LEU A 201 17.11 -7.27 14.48
N ARG A 202 18.35 -7.72 14.62
CA ARG A 202 18.67 -9.14 14.65
C ARG A 202 19.66 -9.41 15.77
N GLU A 203 19.83 -10.70 16.08
CA GLU A 203 20.71 -11.11 17.17
C GLU A 203 22.15 -10.72 16.85
N PRO A 204 22.95 -10.34 17.86
CA PRO A 204 22.52 -10.24 19.27
C PRO A 204 21.71 -8.99 19.58
N LEU A 205 20.61 -9.16 20.31
CA LEU A 205 19.73 -8.05 20.65
C LEU A 205 20.10 -7.38 21.97
N VAL A 206 20.68 -8.12 22.90
CA VAL A 206 21.10 -7.56 24.19
C VAL A 206 22.54 -7.08 24.06
N PRO A 207 22.99 -6.15 24.89
CA PRO A 207 24.40 -5.73 24.82
C PRO A 207 25.33 -6.87 25.20
N ASP A 208 26.42 -7.00 24.47
CA ASP A 208 27.40 -8.04 24.72
C ASP A 208 28.18 -7.74 26.00
N PRO A 209 28.78 -8.76 26.64
CA PRO A 209 29.55 -8.53 27.85
C PRO A 209 30.74 -7.60 27.64
N VAL A 215 31.79 2.91 23.56
CA VAL A 215 31.42 4.32 23.46
C VAL A 215 30.51 4.53 22.26
N THR A 216 29.42 5.27 22.47
CA THR A 216 28.43 5.48 21.41
C THR A 216 28.97 6.50 20.42
N PRO A 217 28.84 6.26 19.11
CA PRO A 217 29.27 7.24 18.12
C PRO A 217 28.60 8.58 18.36
N PRO A 218 29.38 9.65 18.46
CA PRO A 218 28.83 10.91 18.96
C PRO A 218 28.03 11.67 17.91
N GLY A 219 27.04 12.41 18.40
CA GLY A 219 26.30 13.35 17.58
C GLY A 219 27.07 14.65 17.44
N ARG A 220 26.34 15.69 17.05
CA ARG A 220 26.94 16.99 16.86
C ARG A 220 27.32 17.61 18.20
N PRO A 221 28.30 18.52 18.22
CA PRO A 221 28.71 19.14 19.49
C PRO A 221 27.62 20.05 20.05
N ALA A 222 27.69 20.24 21.38
CA ALA A 222 26.77 21.07 22.13
C ALA A 222 25.34 20.52 22.14
N GLY A 223 25.20 19.21 21.97
CA GLY A 223 23.90 18.58 21.99
C GLY A 223 22.98 18.98 20.85
N LYS A 224 23.52 19.58 19.79
CA LYS A 224 22.70 20.00 18.66
C LYS A 224 22.14 18.78 17.92
N PRO A 225 20.99 18.94 17.26
CA PRO A 225 20.51 17.87 16.38
C PRO A 225 21.41 17.72 15.17
N TRP A 226 21.42 16.51 14.60
CA TRP A 226 22.31 16.22 13.47
C TRP A 226 21.96 17.09 12.27
N THR A 227 20.66 17.24 11.98
CA THR A 227 20.19 18.13 10.93
C THR A 227 19.29 19.17 11.59
N TYR A 228 19.79 20.39 11.71
CA TYR A 228 19.06 21.45 12.40
C TYR A 228 17.93 21.95 11.53
N THR A 229 16.70 21.94 12.04
CA THR A 229 15.55 22.44 11.31
C THR A 229 14.87 23.49 12.19
N PRO A 230 15.02 24.77 11.83
CA PRO A 230 14.33 25.83 12.58
C PRO A 230 12.84 25.77 12.33
N PRO A 231 12.02 25.85 13.39
CA PRO A 231 10.57 25.88 13.20
C PRO A 231 10.15 26.90 12.15
N VAL A 232 9.34 26.46 11.21
CA VAL A 232 8.97 27.28 10.06
C VAL A 232 7.80 28.21 10.44
N THR A 233 7.65 29.28 9.67
CA THR A 233 6.53 30.20 9.82
C THR A 233 5.78 30.26 8.49
N PHE A 234 4.57 29.69 8.49
CA PHE A 234 3.77 29.49 7.29
C PHE A 234 2.63 30.51 7.32
N ASP A 235 2.51 31.29 6.24
CA ASP A 235 1.75 32.54 6.29
C ASP A 235 0.88 32.71 5.04
N GLN A 236 -0.41 32.94 5.25
CA GLN A 236 -1.39 33.10 4.18
C GLN A 236 -2.39 34.15 4.60
N PRO A 237 -2.08 35.43 4.39
CA PRO A 237 -2.98 36.48 4.86
C PRO A 237 -4.29 36.52 4.08
N LEU A 238 -5.34 36.97 4.76
CA LEU A 238 -6.67 37.11 4.17
C LEU A 238 -7.23 38.48 4.48
N ASP A 239 -7.84 39.10 3.47
CA ASP A 239 -8.52 40.39 3.65
C ASP A 239 -9.94 40.13 4.13
N ILE A 240 -10.27 40.63 5.32
CA ILE A 240 -11.62 40.49 5.86
C ILE A 240 -12.07 41.84 6.40
N ASP A 241 -13.31 42.21 6.07
CA ASP A 241 -13.92 43.46 6.52
C ASP A 241 -14.72 43.17 7.78
N LEU A 242 -14.27 43.69 8.93
CA LEU A 242 -14.96 43.45 10.19
C LEU A 242 -16.20 44.30 10.36
N SER A 243 -16.46 45.25 9.45
CA SER A 243 -17.69 46.03 9.51
C SER A 243 -18.90 45.13 9.31
N VAL A 244 -18.84 44.24 8.31
CA VAL A 244 -19.88 43.25 8.09
C VAL A 244 -20.06 42.45 9.36
N ASP A 245 -21.32 42.30 9.79
CA ASP A 245 -21.65 41.58 11.02
C ASP A 245 -21.00 40.22 11.05
N THR A 246 -20.02 40.04 11.94
CA THR A 246 -19.15 38.87 11.94
C THR A 246 -19.27 38.10 13.25
N VAL A 247 -19.30 36.77 13.14
CA VAL A 247 -19.17 35.87 14.26
C VAL A 247 -17.96 34.98 14.00
N VAL A 248 -17.15 34.76 15.04
CA VAL A 248 -15.97 33.92 14.95
C VAL A 248 -16.27 32.57 15.57
N ILE A 249 -15.96 31.50 14.85
CA ILE A 249 -16.16 30.13 15.32
C ILE A 249 -14.80 29.46 15.32
N SER A 250 -14.31 29.11 16.51
CA SER A 250 -13.01 28.50 16.68
C SER A 250 -13.18 27.09 17.21
N GLY A 251 -12.49 26.13 16.59
CA GLY A 251 -12.54 24.75 17.03
C GLY A 251 -11.17 24.21 17.37
N HIS A 252 -11.02 22.89 17.28
CA HIS A 252 -9.74 22.26 17.61
C HIS A 252 -8.64 22.72 16.67
N GLY A 253 -7.47 23.01 17.25
CA GLY A 253 -6.34 23.50 16.49
C GLY A 253 -6.39 24.97 16.12
N ALA A 254 -7.39 25.70 16.60
CA ALA A 254 -7.51 27.12 16.27
C ALA A 254 -6.29 27.90 16.75
N GLY A 255 -5.98 28.96 16.02
CA GLY A 255 -4.91 29.86 16.41
C GLY A 255 -5.41 30.99 17.28
N VAL A 256 -4.49 31.90 17.61
CA VAL A 256 -4.80 33.12 18.33
C VAL A 256 -4.70 34.28 17.35
N HIS A 257 -5.73 35.12 17.32
CA HIS A 257 -5.81 36.21 16.36
C HIS A 257 -6.19 37.48 17.11
N PRO A 258 -5.20 38.24 17.59
CA PRO A 258 -5.49 39.44 18.38
C PRO A 258 -6.34 40.47 17.66
N ASN A 259 -6.20 40.59 16.34
CA ASN A 259 -7.05 41.50 15.59
C ASN A 259 -8.48 41.00 15.45
N LEU A 260 -8.79 39.81 15.99
CA LEU A 260 -10.15 39.29 16.02
C LEU A 260 -10.68 39.19 17.45
N ALA A 261 -9.98 39.78 18.42
CA ALA A 261 -10.32 39.58 19.82
C ALA A 261 -11.67 40.20 20.18
N ALA A 262 -11.99 41.34 19.59
CA ALA A 262 -13.22 42.04 19.94
C ALA A 262 -14.46 41.33 19.42
N LEU A 263 -14.30 40.42 18.45
CA LEU A 263 -15.45 39.84 17.78
C LEU A 263 -16.17 38.83 18.67
N PRO A 264 -17.48 38.65 18.48
CA PRO A 264 -18.20 37.59 19.20
C PRO A 264 -17.70 36.23 18.74
N THR A 265 -17.29 35.41 19.71
CA THR A 265 -16.59 34.17 19.40
C THR A 265 -17.30 32.99 20.07
N VAL A 266 -17.78 32.05 19.25
CA VAL A 266 -18.25 30.76 19.73
C VAL A 266 -17.06 29.82 19.72
N ALA A 267 -16.50 29.54 20.89
CA ALA A 267 -15.25 28.80 21.02
C ALA A 267 -15.50 27.43 21.61
N GLU A 268 -15.04 26.39 20.92
CA GLU A 268 -14.98 25.08 21.52
C GLU A 268 -14.01 25.11 22.71
N PRO A 269 -14.22 24.23 23.70
CA PRO A 269 -13.39 24.31 24.92
C PRO A 269 -11.90 24.14 24.66
N THR A 270 -11.50 23.42 23.63
CA THR A 270 -10.08 23.23 23.33
C THR A 270 -9.50 24.33 22.46
N ALA A 271 -10.32 25.26 21.98
CA ALA A 271 -9.84 26.35 21.17
C ALA A 271 -9.35 27.50 22.05
N PRO A 272 -8.10 27.94 21.90
CA PRO A 272 -7.63 29.06 22.73
C PRO A 272 -8.36 30.34 22.39
N ARG A 273 -8.79 31.06 23.42
CA ARG A 273 -9.43 32.35 23.21
C ARG A 273 -8.41 33.38 22.75
N SER A 274 -8.86 34.32 21.91
CA SER A 274 -8.05 35.45 21.51
C SER A 274 -8.48 36.75 22.17
N GLY A 275 -9.71 36.81 22.71
CA GLY A 275 -10.18 37.97 23.43
C GLY A 275 -11.17 37.64 24.52
N ASP A 276 -12.05 38.59 24.85
CA ASP A 276 -13.08 38.38 25.87
C ASP A 276 -14.41 38.93 25.34
N ASN A 277 -14.97 38.24 24.34
CA ASN A 277 -16.33 38.48 23.89
C ASN A 277 -16.96 37.13 23.60
N PRO A 278 -17.32 36.39 24.65
CA PRO A 278 -17.83 35.03 24.45
C PRO A 278 -19.22 35.05 23.84
N LEU A 279 -19.49 34.05 23.01
CA LEU A 279 -20.81 33.82 22.45
C LEU A 279 -21.19 32.37 22.71
N HIS A 280 -22.23 32.17 23.51
CA HIS A 280 -22.66 30.82 23.85
C HIS A 280 -23.10 30.08 22.58
N PRO A 281 -22.85 28.77 22.49
CA PRO A 281 -23.28 28.04 21.29
C PRO A 281 -24.78 28.06 21.08
N LEU A 282 -25.57 28.04 22.15
CA LEU A 282 -27.02 28.12 22.01
C LEU A 282 -27.48 29.47 21.48
N ALA A 283 -26.65 30.51 21.61
CA ALA A 283 -27.03 31.84 21.17
C ALA A 283 -26.87 32.02 19.67
N LEU A 284 -25.99 31.24 19.04
CA LEU A 284 -25.72 31.40 17.61
C LEU A 284 -26.97 31.25 16.74
N PRO A 285 -27.80 30.20 16.91
CA PRO A 285 -28.97 30.06 16.00
C PRO A 285 -29.99 31.18 16.13
N LEU A 286 -29.97 31.93 17.23
CA LEU A 286 -30.91 33.02 17.43
C LEU A 286 -30.35 34.37 16.98
N LEU A 287 -29.21 34.37 16.30
CA LEU A 287 -28.63 35.56 15.71
C LEU A 287 -28.49 35.36 14.21
N ARG A 288 -28.26 36.46 13.49
CA ARG A 288 -28.16 36.46 12.04
C ARG A 288 -26.85 37.11 11.63
N PRO A 289 -25.73 36.40 11.78
CA PRO A 289 -24.45 36.94 11.34
C PRO A 289 -24.40 37.05 9.82
N GLN A 290 -23.71 38.09 9.34
CA GLN A 290 -23.57 38.30 7.92
C GLN A 290 -22.33 37.64 7.33
N GLN A 291 -21.38 37.24 8.17
CA GLN A 291 -20.26 36.43 7.71
C GLN A 291 -19.62 35.74 8.91
N VAL A 292 -18.83 34.70 8.61
CA VAL A 292 -18.24 33.84 9.63
C VAL A 292 -16.74 33.74 9.37
N ILE A 293 -15.95 33.90 10.42
CA ILE A 293 -14.52 33.60 10.39
C ILE A 293 -14.32 32.30 11.16
N MET A 294 -13.84 31.28 10.46
CA MET A 294 -13.70 29.94 11.04
C MET A 294 -12.24 29.69 11.39
N LEU A 295 -11.97 29.55 12.69
CA LEU A 295 -10.63 29.27 13.19
C LEU A 295 -10.50 27.78 13.46
N GLY A 296 -9.47 27.16 12.89
CA GLY A 296 -9.23 25.76 13.16
C GLY A 296 -10.27 24.88 12.50
N ARG A 297 -10.68 23.83 13.22
CA ARG A 297 -11.54 22.79 12.68
C ARG A 297 -12.70 22.55 13.65
N PRO A 298 -13.84 23.21 13.43
CA PRO A 298 -14.98 23.06 14.36
C PRO A 298 -15.62 21.69 14.23
N THR A 299 -15.74 21.00 15.35
CA THR A 299 -16.29 19.66 15.41
C THR A 299 -17.57 19.52 16.20
N LEU A 300 -17.77 20.36 17.21
CA LEU A 300 -18.57 20.03 18.37
C LEU A 300 -20.07 20.24 18.15
N HIS A 301 -20.47 21.48 17.87
CA HIS A 301 -21.86 21.91 18.02
C HIS A 301 -22.64 21.74 16.73
N ARG A 302 -23.83 21.16 16.85
CA ARG A 302 -24.78 21.17 15.73
C ARG A 302 -25.14 22.58 15.28
N PRO A 303 -25.32 23.57 16.17
CA PRO A 303 -25.67 24.91 15.66
C PRO A 303 -24.60 25.56 14.81
N VAL A 304 -23.32 25.34 15.07
CA VAL A 304 -22.36 25.91 14.13
C VAL A 304 -22.37 25.10 12.84
N SER A 305 -22.67 23.81 12.94
CA SER A 305 -22.86 23.02 11.72
C SER A 305 -24.02 23.56 10.90
N VAL A 306 -25.15 23.90 11.53
CA VAL A 306 -26.28 24.39 10.75
C VAL A 306 -25.93 25.69 10.05
N LEU A 307 -25.13 26.55 10.71
CA LEU A 307 -24.83 27.84 10.10
C LEU A 307 -23.76 27.69 9.01
N LEU A 308 -22.81 26.77 9.20
CA LEU A 308 -21.82 26.53 8.16
C LEU A 308 -22.42 25.92 6.90
N ALA A 309 -23.56 25.23 7.01
CA ALA A 309 -24.26 24.73 5.84
C ALA A 309 -25.04 25.82 5.11
N ASP A 310 -25.38 26.91 5.81
CA ASP A 310 -25.89 28.13 5.17
C ASP A 310 -24.97 28.52 4.02
N ALA A 311 -25.40 28.29 2.79
CA ALA A 311 -24.60 28.64 1.62
C ALA A 311 -24.71 30.11 1.26
N GLU A 312 -25.56 30.86 1.95
CA GLU A 312 -25.73 32.28 1.70
C GLU A 312 -24.85 33.14 2.60
N VAL A 313 -24.13 32.55 3.54
CA VAL A 313 -23.29 33.32 4.46
C VAL A 313 -21.83 32.98 4.16
N PRO A 314 -21.00 33.97 3.84
CA PRO A 314 -19.60 33.70 3.51
C PRO A 314 -18.78 33.31 4.74
N VAL A 315 -17.90 32.33 4.56
CA VAL A 315 -17.02 31.83 5.62
C VAL A 315 -15.58 32.00 5.18
N PHE A 316 -14.75 32.54 6.06
CA PHE A 316 -13.31 32.62 5.87
C PHE A 316 -12.65 31.67 6.86
N ALA A 317 -11.82 30.76 6.35
CA ALA A 317 -11.19 29.73 7.16
C ALA A 317 -9.76 30.12 7.47
N LEU A 318 -9.46 30.34 8.74
CA LEU A 318 -8.10 30.64 9.19
C LEU A 318 -7.57 29.45 9.98
N THR A 319 -6.42 28.93 9.57
CA THR A 319 -5.85 27.72 10.13
C THR A 319 -4.37 27.92 10.39
N THR A 320 -3.84 27.15 11.34
CA THR A 320 -2.40 27.14 11.60
C THR A 320 -1.65 26.16 10.72
N GLY A 321 -2.36 25.38 9.90
CA GLY A 321 -1.75 24.39 9.06
C GLY A 321 -2.35 24.33 7.67
N PRO A 322 -1.77 23.48 6.81
CA PRO A 322 -2.25 23.40 5.42
C PRO A 322 -3.66 22.85 5.29
N ARG A 323 -4.08 21.95 6.18
CA ARG A 323 -5.43 21.41 6.12
C ARG A 323 -6.43 22.49 6.51
N TRP A 324 -7.64 22.37 5.97
CA TRP A 324 -8.71 23.27 6.35
C TRP A 324 -10.04 22.54 6.23
N PRO A 325 -11.00 22.85 7.11
CA PRO A 325 -12.25 22.08 7.13
C PRO A 325 -13.16 22.42 5.97
N ASP A 326 -13.79 21.39 5.41
CA ASP A 326 -14.85 21.56 4.43
C ASP A 326 -16.23 21.45 5.06
N VAL A 327 -16.32 21.71 6.37
CA VAL A 327 -17.59 21.73 7.07
C VAL A 327 -18.54 22.72 6.39
N SER A 328 -18.03 23.89 6.06
CA SER A 328 -18.78 24.85 5.28
C SER A 328 -18.65 24.52 3.80
N GLY A 329 -19.78 24.51 3.09
CA GLY A 329 -19.71 24.40 1.64
C GLY A 329 -19.41 25.71 0.94
N ASN A 330 -19.60 26.84 1.63
CA ASN A 330 -19.41 28.18 1.08
C ASN A 330 -18.22 28.89 1.70
N SER A 331 -17.08 28.20 1.86
CA SER A 331 -15.88 28.88 2.34
C SER A 331 -15.25 29.63 1.18
N GLN A 332 -15.30 30.96 1.22
CA GLN A 332 -14.78 31.76 0.11
C GLN A 332 -13.26 31.71 0.02
N ALA A 333 -12.59 31.57 1.16
CA ALA A 333 -11.14 31.73 1.18
C ALA A 333 -10.58 31.05 2.41
N THR A 334 -9.32 30.66 2.32
CA THR A 334 -8.59 30.08 3.43
C THR A 334 -7.27 30.82 3.62
N GLY A 335 -6.80 30.84 4.86
CA GLY A 335 -5.55 31.51 5.15
C GLY A 335 -5.08 31.16 6.54
N THR A 336 -4.03 31.87 6.97
CA THR A 336 -3.45 31.67 8.29
C THR A 336 -3.77 32.79 9.27
N ARG A 337 -4.04 33.99 8.77
CA ARG A 337 -4.32 35.15 9.62
C ARG A 337 -5.14 36.13 8.80
N ALA A 338 -5.83 37.02 9.50
CA ALA A 338 -6.68 38.01 8.87
C ALA A 338 -5.97 39.35 8.78
N VAL A 339 -6.18 40.03 7.65
CA VAL A 339 -5.81 41.43 7.49
C VAL A 339 -7.10 42.22 7.56
N THR A 340 -7.38 42.81 8.72
CA THR A 340 -8.71 43.32 9.02
C THR A 340 -8.88 44.76 8.57
N THR A 341 -10.05 45.03 7.99
CA THR A 341 -10.51 46.37 7.67
C THR A 341 -11.74 46.69 8.52
N GLY A 342 -11.93 47.97 8.82
CA GLY A 342 -13.10 48.38 9.58
C GLY A 342 -13.15 47.81 10.99
N ALA A 343 -14.34 47.89 11.57
CA ALA A 343 -14.58 47.44 12.93
C ALA A 343 -16.03 46.98 13.04
N PRO A 344 -16.35 46.11 13.99
CA PRO A 344 -17.74 45.64 14.12
C PRO A 344 -18.67 46.76 14.56
N ARG A 345 -19.90 46.70 14.05
CA ARG A 345 -20.94 47.63 14.47
C ARG A 345 -21.15 47.50 15.97
N PRO A 346 -21.15 48.60 16.72
CA PRO A 346 -21.45 48.50 18.16
C PRO A 346 -22.82 47.91 18.45
N ALA A 347 -23.82 48.20 17.62
CA ALA A 347 -25.12 47.57 17.78
C ALA A 347 -25.01 46.05 17.65
N TRP A 348 -24.15 45.60 16.74
CA TRP A 348 -23.98 44.16 16.54
C TRP A 348 -23.27 43.52 17.73
N LEU A 349 -22.31 44.23 18.32
CA LEU A 349 -21.65 43.72 19.53
C LEU A 349 -22.63 43.67 20.69
N ASP A 350 -23.40 44.74 20.88
CA ASP A 350 -24.43 44.76 21.92
C ASP A 350 -25.39 43.59 21.76
N ARG A 351 -25.83 43.35 20.52
CA ARG A 351 -26.87 42.35 20.27
C ARG A 351 -26.40 40.96 20.66
N CYS A 352 -25.18 40.59 20.27
CA CYS A 352 -24.67 39.26 20.57
C CYS A 352 -24.33 39.12 22.06
N ALA A 353 -23.74 40.15 22.66
CA ALA A 353 -23.45 40.13 24.10
C ALA A 353 -24.73 39.91 24.90
N ALA A 354 -25.82 40.54 24.47
CA ALA A 354 -27.11 40.32 25.14
C ALA A 354 -27.62 38.91 24.87
N MET A 355 -27.39 38.38 23.68
CA MET A 355 -27.79 37.00 23.40
C MET A 355 -26.98 36.02 24.23
N ASN A 356 -25.71 36.34 24.48
CA ASN A 356 -24.84 35.44 25.25
C ASN A 356 -25.25 35.43 26.72
N ARG A 357 -25.53 36.60 27.29
CA ARG A 357 -26.02 36.66 28.67
C ARG A 357 -27.34 35.92 28.80
N HIS A 358 -28.20 36.02 27.78
CA HIS A 358 -29.50 35.35 27.83
C HIS A 358 -29.37 33.84 27.76
N ALA A 359 -28.51 33.34 26.86
CA ALA A 359 -28.33 31.90 26.74
C ALA A 359 -27.70 31.31 27.99
N ILE A 360 -26.69 31.97 28.54
CA ILE A 360 -26.04 31.46 29.74
C ILE A 360 -26.97 31.56 30.94
N ALA A 361 -27.89 32.52 30.93
CA ALA A 361 -28.86 32.63 32.04
C ALA A 361 -29.85 31.47 32.00
N ALA A 362 -30.32 31.11 30.81
CA ALA A 362 -31.23 29.98 30.66
C ALA A 362 -30.60 28.71 31.23
N VAL A 363 -29.34 28.46 30.87
CA VAL A 363 -28.66 27.23 31.31
C VAL A 363 -28.56 27.19 32.83
N ARG A 364 -28.13 28.30 33.44
CA ARG A 364 -27.92 28.30 34.89
C ARG A 364 -29.24 28.30 35.64
N GLU A 365 -30.26 28.99 35.11
CA GLU A 365 -31.57 28.98 35.75
C GLU A 365 -32.19 27.59 35.70
N GLN A 366 -32.09 26.91 34.56
CA GLN A 366 -32.72 25.60 34.42
C GLN A 366 -31.99 24.53 35.21
N LEU A 367 -30.65 24.63 35.30
CA LEU A 367 -29.91 23.65 36.09
C LEU A 367 -30.27 23.75 37.57
N ALA A 368 -30.52 24.97 38.06
CA ALA A 368 -30.92 25.15 39.45
C ALA A 368 -32.37 24.74 39.69
N ALA A 369 -33.24 24.94 38.71
CA ALA A 369 -34.62 24.49 38.85
C ALA A 369 -34.73 22.98 38.78
N HIS A 370 -33.81 22.33 38.07
CA HIS A 370 -33.87 20.89 37.88
C HIS A 370 -33.60 20.16 39.19
N PRO A 371 -34.39 19.13 39.53
CA PRO A 371 -34.21 18.50 40.84
C PRO A 371 -33.00 17.59 40.91
N LEU A 372 -32.78 16.75 39.90
CA LEU A 372 -31.77 15.71 39.94
C LEU A 372 -30.43 16.22 39.42
N THR A 373 -29.37 15.50 39.79
CA THR A 373 -28.02 15.82 39.35
C THR A 373 -27.72 15.04 38.08
N THR A 374 -27.49 15.76 36.98
CA THR A 374 -27.14 15.16 35.71
C THR A 374 -25.66 15.35 35.44
N GLY A 375 -25.19 14.78 34.32
CA GLY A 375 -23.82 15.01 33.91
C GLY A 375 -23.54 16.47 33.62
N LEU A 376 -24.58 17.22 33.25
CA LEU A 376 -24.42 18.66 33.06
C LEU A 376 -24.20 19.38 34.39
N HIS A 377 -24.76 18.84 35.48
CA HIS A 377 -24.47 19.40 36.80
C HIS A 377 -23.04 19.11 37.21
N VAL A 378 -22.58 17.88 36.98
CA VAL A 378 -21.18 17.55 37.24
C VAL A 378 -20.26 18.44 36.40
N ALA A 379 -20.64 18.69 35.15
CA ALA A 379 -19.81 19.51 34.28
C ALA A 379 -19.72 20.95 34.78
N ALA A 380 -20.86 21.54 35.16
CA ALA A 380 -20.86 22.90 35.68
C ALA A 380 -20.04 23.00 36.95
N ALA A 381 -20.14 21.99 37.83
CA ALA A 381 -19.38 22.02 39.07
C ALA A 381 -17.88 21.98 38.80
N VAL A 382 -17.45 21.15 37.86
CA VAL A 382 -16.02 21.08 37.53
C VAL A 382 -15.54 22.41 36.97
N SER A 383 -16.34 23.03 36.10
CA SER A 383 -15.96 24.31 35.51
C SER A 383 -15.82 25.40 36.57
N HIS A 384 -16.76 25.44 37.52
CA HIS A 384 -16.69 26.44 38.59
C HIS A 384 -15.48 26.22 39.50
N ALA A 385 -15.01 24.97 39.61
CA ALA A 385 -13.89 24.67 40.50
C ALA A 385 -12.55 25.12 39.94
N LEU A 386 -12.42 25.18 38.61
CA LEU A 386 -11.14 25.44 37.99
C LEU A 386 -10.66 26.86 38.25
N ARG A 387 -9.34 27.03 38.17
CA ARG A 387 -8.66 28.30 38.37
C ARG A 387 -7.54 28.39 37.34
N PRO A 388 -7.11 29.60 36.99
CA PRO A 388 -6.06 29.75 35.98
C PRO A 388 -4.81 28.95 36.34
N GLY A 389 -4.19 28.36 35.32
CA GLY A 389 -3.08 27.47 35.50
C GLY A 389 -3.45 25.99 35.56
N ASP A 390 -4.74 25.68 35.72
CA ASP A 390 -5.18 24.30 35.70
C ASP A 390 -5.12 23.73 34.29
N GLN A 391 -5.00 22.41 34.20
CA GLN A 391 -5.17 21.70 32.94
C GLN A 391 -6.42 20.84 33.02
N LEU A 392 -7.31 21.00 32.05
CA LEU A 392 -8.59 20.30 32.02
C LEU A 392 -8.60 19.31 30.87
N VAL A 393 -8.82 18.04 31.17
CA VAL A 393 -8.89 16.98 30.17
C VAL A 393 -10.33 16.50 30.09
N LEU A 394 -10.84 16.34 28.87
CA LEU A 394 -12.24 16.01 28.66
C LEU A 394 -12.39 14.77 27.79
N GLY A 395 -13.25 13.85 28.21
CA GLY A 395 -13.70 12.83 27.30
C GLY A 395 -14.46 13.46 26.14
N ALA A 396 -14.17 12.98 24.93
CA ALA A 396 -14.62 13.66 23.72
C ALA A 396 -16.09 13.45 23.38
N SER A 397 -16.90 12.95 24.31
CA SER A 397 -18.33 12.77 24.04
C SER A 397 -19.14 13.87 24.73
N ASN A 398 -19.95 13.47 25.70
CA ASN A 398 -20.76 14.42 26.45
C ASN A 398 -19.93 15.40 27.30
N PRO A 399 -18.80 15.02 27.91
CA PRO A 399 -18.12 15.99 28.80
C PRO A 399 -17.68 17.27 28.14
N VAL A 400 -17.12 17.21 26.92
CA VAL A 400 -16.74 18.46 26.26
C VAL A 400 -17.98 19.18 25.74
N ARG A 401 -19.04 18.44 25.43
CA ARG A 401 -20.29 19.09 25.05
C ARG A 401 -20.99 19.71 26.25
N ASP A 402 -20.94 19.04 27.41
CA ASP A 402 -21.57 19.58 28.61
C ASP A 402 -20.80 20.78 29.15
N VAL A 403 -19.47 20.69 29.19
CA VAL A 403 -18.66 21.78 29.71
C VAL A 403 -18.81 23.03 28.85
N ALA A 404 -19.04 22.85 27.54
CA ALA A 404 -19.26 24.00 26.67
C ALA A 404 -20.61 24.65 26.94
N LEU A 405 -21.66 23.83 27.11
CA LEU A 405 -22.99 24.37 27.39
C LEU A 405 -23.03 25.04 28.76
N ALA A 406 -22.20 24.57 29.70
CA ALA A 406 -22.14 25.19 31.02
C ALA A 406 -21.50 26.55 30.99
N GLY A 407 -20.95 26.98 29.85
CA GLY A 407 -20.38 28.30 29.73
C GLY A 407 -19.00 28.45 30.32
N LEU A 408 -18.21 27.38 30.32
CA LEU A 408 -16.87 27.43 30.90
C LEU A 408 -16.03 28.52 30.26
N ASP A 409 -15.37 29.32 31.08
CA ASP A 409 -14.40 30.31 30.63
C ASP A 409 -13.03 29.65 30.68
N THR A 410 -12.46 29.38 29.50
CA THR A 410 -11.22 28.62 29.39
C THR A 410 -9.97 29.50 29.40
N ARG A 411 -10.11 30.80 29.63
CA ARG A 411 -8.94 31.67 29.63
C ARG A 411 -8.05 31.35 30.82
N GLY A 412 -6.77 31.08 30.53
CA GLY A 412 -5.81 30.77 31.56
C GLY A 412 -5.69 29.31 31.92
N ILE A 413 -6.55 28.45 31.39
CA ILE A 413 -6.48 27.01 31.65
C ILE A 413 -6.26 26.28 30.33
N ARG A 414 -5.40 25.27 30.36
CA ARG A 414 -5.13 24.44 29.20
C ARG A 414 -6.15 23.31 29.13
N VAL A 415 -6.92 23.27 28.06
CA VAL A 415 -7.99 22.28 27.88
C VAL A 415 -7.56 21.30 26.79
N ARG A 416 -7.58 20.02 27.12
CA ARG A 416 -7.19 18.96 26.21
C ARG A 416 -8.37 18.02 25.97
N SER A 417 -8.40 17.44 24.76
CA SER A 417 -9.41 16.46 24.38
C SER A 417 -9.00 15.83 23.06
N ASN A 418 -9.21 14.52 22.94
CA ASN A 418 -8.89 13.79 21.72
C ASN A 418 -9.97 14.04 20.67
N ARG A 419 -9.98 15.27 20.16
CA ARG A 419 -11.00 15.70 19.20
C ARG A 419 -10.67 15.31 17.77
N GLY A 420 -9.56 14.63 17.53
CA GLY A 420 -9.21 14.21 16.18
C GLY A 420 -10.26 13.31 15.57
N VAL A 421 -10.54 12.20 16.24
CA VAL A 421 -11.65 11.32 15.86
C VAL A 421 -12.71 11.22 16.94
N ALA A 422 -12.45 11.75 18.14
CA ALA A 422 -13.42 11.76 19.25
C ALA A 422 -13.89 10.34 19.58
N GLY A 423 -12.95 9.39 19.56
CA GLY A 423 -13.25 8.05 20.02
C GLY A 423 -13.12 7.93 21.53
N ILE A 424 -13.66 6.82 22.06
CA ILE A 424 -13.60 6.60 23.50
C ILE A 424 -12.40 5.77 23.91
N ASP A 425 -11.57 5.33 22.96
CA ASP A 425 -10.34 4.62 23.31
C ASP A 425 -9.37 5.55 24.02
N GLY A 426 -8.69 5.02 25.04
CA GLY A 426 -7.52 5.67 25.61
C GLY A 426 -7.74 7.01 26.25
N THR A 427 -8.96 7.30 26.71
CA THR A 427 -9.21 8.61 27.33
C THR A 427 -8.50 8.75 28.66
N VAL A 428 -8.55 7.70 29.49
CA VAL A 428 -7.87 7.75 30.78
C VAL A 428 -6.37 7.93 30.59
N SER A 429 -5.79 7.18 29.65
CA SER A 429 -4.35 7.28 29.40
C SER A 429 -3.94 8.65 28.91
N THR A 430 -4.82 9.33 28.15
CA THR A 430 -4.50 10.67 27.69
C THR A 430 -4.43 11.66 28.85
N ALA A 431 -5.38 11.55 29.79
CA ALA A 431 -5.36 12.44 30.96
C ALA A 431 -4.12 12.19 31.80
N ILE A 432 -3.79 10.92 32.07
CA ILE A 432 -2.58 10.58 32.80
C ILE A 432 -1.36 11.13 32.09
N GLY A 433 -1.31 11.00 30.77
CA GLY A 433 -0.16 11.50 30.02
C GLY A 433 -0.11 13.02 29.97
N ALA A 434 -1.27 13.66 29.79
CA ALA A 434 -1.31 15.12 29.80
C ALA A 434 -0.85 15.68 31.14
N ALA A 435 -1.23 15.00 32.23
CA ALA A 435 -0.82 15.45 33.56
C ALA A 435 0.69 15.34 33.73
N LEU A 436 1.26 14.18 33.39
CA LEU A 436 2.69 13.97 33.57
C LEU A 436 3.50 14.99 32.78
N ALA A 437 3.13 15.23 31.52
CA ALA A 437 3.87 16.18 30.71
C ALA A 437 3.72 17.60 31.23
N TYR A 438 2.51 17.96 31.68
CA TYR A 438 2.27 19.29 32.22
C TYR A 438 3.08 19.50 33.50
N GLU A 439 3.07 18.51 34.39
CA GLU A 439 3.84 18.62 35.64
C GLU A 439 5.34 18.70 35.36
N GLY A 440 5.82 17.90 34.40
CA GLY A 440 7.23 17.95 34.06
C GLY A 440 7.65 19.30 33.49
N ALA A 441 6.75 19.92 32.71
CA ALA A 441 7.03 21.26 32.20
C ALA A 441 7.13 22.27 33.33
N HIS A 442 6.25 22.16 34.32
CA HIS A 442 6.30 23.07 35.46
C HIS A 442 7.56 22.86 36.29
N GLU A 443 8.03 21.62 36.38
CA GLU A 443 9.23 21.33 37.18
C GLU A 443 10.47 21.94 36.53
N ARG A 444 10.52 21.97 35.20
CA ARG A 444 11.67 22.54 34.51
C ARG A 444 11.69 24.06 34.60
N THR A 445 10.53 24.68 34.85
CA THR A 445 10.50 26.09 35.22
C THR A 445 11.36 26.36 36.46
N GLY A 446 11.58 25.35 37.29
CA GLY A 446 12.33 25.53 38.51
C GLY A 446 11.54 26.18 39.63
N SER A 447 10.24 26.34 39.46
CA SER A 447 9.39 26.96 40.46
C SER A 447 9.34 26.12 41.74
N ASP A 449 6.75 26.26 43.74
CA ASP A 449 5.34 25.98 44.03
C ASP A 449 4.99 24.53 43.78
N SER A 450 3.85 24.11 44.32
CA SER A 450 3.34 22.78 44.04
C SER A 450 2.97 22.68 42.56
N PRO A 451 3.03 21.49 41.97
CA PRO A 451 2.71 21.36 40.55
C PRO A 451 1.25 21.72 40.31
N PRO A 452 0.94 22.22 39.12
CA PRO A 452 -0.45 22.60 38.81
C PRO A 452 -1.36 21.39 38.74
N ARG A 453 -2.66 21.65 38.91
CA ARG A 453 -3.65 20.60 38.91
C ARG A 453 -4.02 20.19 37.49
N THR A 454 -4.34 18.91 37.33
CA THR A 454 -4.94 18.39 36.11
C THR A 454 -6.23 17.68 36.50
N ILE A 455 -7.36 18.19 36.03
CA ILE A 455 -8.66 17.62 36.33
C ILE A 455 -9.24 17.05 35.05
N ALA A 456 -9.54 15.76 35.07
CA ALA A 456 -10.18 15.08 33.95
C ALA A 456 -11.63 14.80 34.29
N LEU A 457 -12.51 15.06 33.33
CA LEU A 457 -13.94 14.80 33.46
C LEU A 457 -14.34 13.81 32.37
N ILE A 458 -14.70 12.59 32.77
CA ILE A 458 -14.95 11.50 31.84
C ILE A 458 -16.23 10.79 32.23
N GLY A 459 -17.03 10.43 31.23
CA GLY A 459 -18.20 9.62 31.48
C GLY A 459 -17.85 8.21 31.95
N ASP A 460 -18.83 7.57 32.60
CA ASP A 460 -18.59 6.25 33.16
C ASP A 460 -18.32 5.22 32.07
N LEU A 461 -19.07 5.28 30.97
CA LEU A 461 -18.86 4.33 29.89
C LEU A 461 -17.46 4.46 29.30
N THR A 462 -17.01 5.69 29.08
CA THR A 462 -15.66 5.90 28.58
C THR A 462 -14.61 5.48 29.61
N PHE A 463 -14.88 5.74 30.89
CA PHE A 463 -13.93 5.36 31.93
C PHE A 463 -13.77 3.85 32.01
N VAL A 464 -14.90 3.11 32.04
CA VAL A 464 -14.84 1.66 32.07
C VAL A 464 -14.11 1.13 30.83
N HIS A 465 -14.35 1.76 29.68
CA HIS A 465 -13.74 1.29 28.43
C HIS A 465 -12.23 1.36 28.50
N ASP A 466 -11.68 2.47 29.00
CA ASP A 466 -10.24 2.64 29.16
C ASP A 466 -9.84 2.59 30.64
N SER A 467 -10.47 1.70 31.39
CA SER A 467 -10.12 1.55 32.80
C SER A 467 -8.71 1.00 32.95
N SER A 468 -8.30 0.09 32.06
CA SER A 468 -6.94 -0.44 32.09
C SER A 468 -5.90 0.61 31.78
N GLY A 469 -6.30 1.80 31.30
CA GLY A 469 -5.37 2.91 31.19
C GLY A 469 -4.95 3.49 32.52
N LEU A 470 -5.70 3.19 33.58
CA LEU A 470 -5.28 3.57 34.92
C LEU A 470 -3.98 2.88 35.32
N LEU A 471 -3.72 1.72 34.74
CA LEU A 471 -2.67 0.83 35.22
C LEU A 471 -1.30 1.48 35.06
N ILE A 472 -0.63 1.74 36.17
CA ILE A 472 0.74 2.23 36.19
C ILE A 472 1.56 1.31 37.08
N GLY A 473 2.56 0.67 36.49
CA GLY A 473 3.43 -0.22 37.22
C GLY A 473 4.09 0.48 38.40
N PRO A 474 4.45 -0.30 39.43
CA PRO A 474 5.01 0.32 40.65
C PRO A 474 6.26 1.14 40.39
N THR A 475 7.10 0.74 39.44
CA THR A 475 8.35 1.42 39.16
C THR A 475 8.20 2.62 38.23
N GLU A 476 6.96 2.96 37.84
CA GLU A 476 6.72 3.90 36.75
C GLU A 476 6.20 5.24 37.28
N PRO A 477 6.45 6.32 36.53
CA PRO A 477 6.01 7.64 37.00
C PRO A 477 4.50 7.72 37.20
N ILE A 478 4.10 8.40 38.26
CA ILE A 478 2.70 8.60 38.60
C ILE A 478 2.43 10.10 38.57
N PRO A 479 1.30 10.54 38.02
CA PRO A 479 0.95 11.97 38.06
C PRO A 479 0.94 12.47 39.50
N ARG A 480 1.49 13.67 39.71
CA ARG A 480 1.55 14.23 41.04
C ARG A 480 0.24 14.89 41.45
N SER A 481 -0.53 15.39 40.50
CA SER A 481 -1.73 16.15 40.83
C SER A 481 -2.82 15.95 39.77
N LEU A 482 -3.18 14.70 39.50
CA LEU A 482 -4.25 14.39 38.55
C LEU A 482 -5.46 13.86 39.31
N THR A 483 -6.61 14.49 39.10
CA THR A 483 -7.88 14.01 39.62
C THR A 483 -8.79 13.69 38.44
N ILE A 484 -9.35 12.50 38.45
CA ILE A 484 -10.26 12.04 37.40
C ILE A 484 -11.67 12.05 37.96
N VAL A 485 -12.47 13.03 37.54
CA VAL A 485 -13.88 13.07 37.89
C VAL A 485 -14.63 12.17 36.93
N VAL A 486 -15.29 11.14 37.45
CA VAL A 486 -16.11 10.24 36.66
C VAL A 486 -17.58 10.61 36.91
N SER A 487 -18.25 11.08 35.86
CA SER A 487 -19.67 11.42 35.94
C SER A 487 -20.47 10.18 35.55
N ASN A 488 -20.84 9.41 36.58
CA ASN A 488 -21.44 8.09 36.39
C ASN A 488 -22.96 8.22 36.30
N ASP A 489 -23.51 8.09 35.08
CA ASP A 489 -24.94 7.94 34.89
C ASP A 489 -25.31 6.56 34.36
N ASN A 490 -24.42 5.58 34.55
CA ASN A 490 -24.72 4.17 34.27
C ASN A 490 -25.17 3.96 32.83
N GLY A 491 -24.39 4.45 31.89
CA GLY A 491 -24.70 4.28 30.48
C GLY A 491 -24.50 5.54 29.66
N GLY A 492 -24.78 5.45 28.36
CA GLY A 492 -24.62 6.60 27.47
C GLY A 492 -25.52 7.77 27.82
N ASP A 507 -30.93 0.91 15.53
CA ASP A 507 -29.87 -0.06 15.28
C ASP A 507 -29.85 -1.14 16.35
N VAL A 508 -29.58 -2.38 15.92
CA VAL A 508 -29.52 -3.51 16.82
C VAL A 508 -28.30 -3.43 17.74
N SER A 509 -27.24 -2.75 17.32
CA SER A 509 -26.02 -2.69 18.12
C SER A 509 -26.25 -1.92 19.42
N SER A 510 -27.21 -1.00 19.45
CA SER A 510 -27.47 -0.21 20.65
C SER A 510 -28.20 -0.99 21.73
N ARG A 511 -28.50 -2.27 21.51
CA ARG A 511 -29.25 -3.03 22.51
C ARG A 511 -28.46 -3.21 23.81
N ILE A 512 -27.15 -2.99 23.78
CA ILE A 512 -26.35 -3.02 25.01
C ILE A 512 -26.54 -1.78 25.87
N PHE A 513 -27.17 -0.74 25.33
CA PHE A 513 -27.47 0.46 26.09
C PHE A 513 -28.87 0.46 26.69
N GLY A 514 -29.66 -0.59 26.42
CA GLY A 514 -30.96 -0.72 27.06
C GLY A 514 -30.89 -1.08 28.53
N THR A 515 -29.76 -1.63 28.96
CA THR A 515 -29.53 -1.98 30.36
C THR A 515 -28.33 -1.22 30.90
N PRO A 516 -28.43 -0.66 32.10
CA PRO A 516 -27.22 -0.11 32.75
C PRO A 516 -26.18 -1.20 32.95
N HIS A 517 -24.94 -0.89 32.58
CA HIS A 517 -23.87 -1.89 32.67
C HIS A 517 -23.60 -2.31 34.10
N ASP A 518 -23.80 -1.39 35.06
CA ASP A 518 -23.64 -1.69 36.49
C ASP A 518 -22.22 -2.12 36.83
N VAL A 519 -21.24 -1.50 36.19
CA VAL A 519 -19.84 -1.84 36.41
C VAL A 519 -19.33 -1.04 37.61
N ASP A 520 -18.84 -1.75 38.62
CA ASP A 520 -18.32 -1.16 39.85
C ASP A 520 -17.10 -0.28 39.56
N VAL A 521 -17.28 1.05 39.62
CA VAL A 521 -16.17 1.95 39.37
C VAL A 521 -15.11 1.81 40.46
N GLY A 522 -15.54 1.65 41.71
CA GLY A 522 -14.60 1.48 42.80
C GLY A 522 -13.79 0.21 42.67
N ALA A 523 -14.43 -0.89 42.26
CA ALA A 523 -13.70 -2.13 42.05
C ALA A 523 -12.70 -2.01 40.90
N LEU A 524 -13.03 -1.22 39.88
CA LEU A 524 -12.10 -1.02 38.77
C LEU A 524 -10.84 -0.31 39.24
N CYS A 525 -11.00 0.80 39.98
CA CYS A 525 -9.84 1.52 40.49
C CYS A 525 -9.07 0.70 41.51
N ARG A 526 -9.76 -0.17 42.26
CA ARG A 526 -9.06 -1.08 43.16
C ARG A 526 -8.22 -2.08 42.39
N ALA A 527 -8.73 -2.53 41.22
CA ALA A 527 -7.96 -3.46 40.40
C ALA A 527 -6.67 -2.85 39.89
N TYR A 528 -6.67 -1.55 39.61
CA TYR A 528 -5.49 -0.85 39.09
C TYR A 528 -4.82 0.01 40.15
N HIS A 529 -5.03 -0.32 41.43
CA HIS A 529 -4.49 0.39 42.59
C HIS A 529 -4.45 1.90 42.39
N VAL A 530 -5.64 2.48 42.27
CA VAL A 530 -5.82 3.92 42.21
C VAL A 530 -6.84 4.32 43.26
N GLU A 531 -6.48 5.29 44.10
CA GLU A 531 -7.38 5.76 45.14
C GLU A 531 -8.65 6.33 44.53
N SER A 532 -9.80 5.86 45.01
CA SER A 532 -11.08 6.29 44.47
C SER A 532 -12.06 6.55 45.61
N ARG A 533 -12.90 7.57 45.44
CA ARG A 533 -13.95 7.89 46.39
C ARG A 533 -15.22 8.28 45.64
N GLN A 534 -16.35 7.93 46.22
CA GLN A 534 -17.67 8.30 45.72
C GLN A 534 -18.15 9.53 46.47
N ILE A 535 -18.57 10.56 45.74
CA ILE A 535 -18.94 11.84 46.36
C ILE A 535 -20.14 12.45 45.65
N GLU A 536 -20.70 13.50 46.28
CA GLU A 536 -21.81 14.27 45.73
C GLU A 536 -21.31 15.56 45.08
N VAL A 537 -22.13 16.13 44.19
CA VAL A 537 -21.65 17.19 43.30
C VAL A 537 -21.23 18.45 44.06
N ASP A 538 -21.92 18.76 45.19
CA ASP A 538 -21.57 19.95 45.96
C ASP A 538 -20.31 19.72 46.78
N GLU A 539 -19.96 18.46 47.06
CA GLU A 539 -18.65 18.13 47.63
C GLU A 539 -17.52 18.31 46.63
N LEU A 540 -17.83 18.40 45.34
CA LEU A 540 -16.81 18.30 44.30
C LEU A 540 -15.82 19.47 44.39
N GLY A 541 -16.33 20.70 44.46
CA GLY A 541 -15.50 21.87 44.57
C GLY A 541 -14.53 21.82 45.75
N PRO A 542 -15.04 21.49 46.94
CA PRO A 542 -14.13 21.38 48.09
C PRO A 542 -13.13 20.23 47.98
N THR A 543 -13.54 19.08 47.44
CA THR A 543 -12.59 17.97 47.28
C THR A 543 -11.44 18.36 46.36
N LEU A 544 -11.75 19.04 45.26
CA LEU A 544 -10.72 19.41 44.29
C LEU A 544 -9.74 20.44 44.85
N ASP A 545 -10.20 21.26 45.80
CA ASP A 545 -9.31 22.25 46.41
C ASP A 545 -8.22 21.59 47.25
N GLN A 546 -8.45 20.37 47.72
CA GLN A 546 -7.47 19.69 48.57
C GLN A 546 -6.19 19.43 47.79
N PRO A 547 -5.02 19.50 48.46
CA PRO A 547 -3.71 19.35 47.82
C PRO A 547 -3.42 17.94 47.33
N GLY A 550 -1.16 12.55 44.56
CA GLY A 550 -0.94 11.61 43.48
C GLY A 550 -2.07 11.57 42.48
N MET A 551 -2.58 10.36 42.23
CA MET A 551 -3.67 10.14 41.29
C MET A 551 -4.86 9.58 42.04
N ARG A 552 -6.02 10.20 41.85
CA ARG A 552 -7.24 9.75 42.51
C ARG A 552 -8.38 9.82 41.50
N VAL A 553 -9.44 9.04 41.78
CA VAL A 553 -10.67 9.07 41.00
C VAL A 553 -11.79 9.52 41.92
N LEU A 554 -12.59 10.47 41.46
CA LEU A 554 -13.77 10.94 42.18
C LEU A 554 -15.00 10.59 41.36
N GLU A 555 -15.82 9.68 41.86
CA GLU A 555 -17.02 9.23 41.18
C GLU A 555 -18.21 10.02 41.68
N VAL A 556 -18.99 10.57 40.75
CA VAL A 556 -20.19 11.34 41.07
C VAL A 556 -21.37 10.65 40.39
N LYS A 557 -22.21 10.00 41.19
CA LYS A 557 -23.43 9.40 40.67
C LYS A 557 -24.31 10.47 40.03
N ALA A 558 -24.90 10.15 38.90
CA ALA A 558 -25.72 11.10 38.17
C ALA A 558 -26.92 10.40 37.55
N ASP A 559 -27.96 11.19 37.29
CA ASP A 559 -29.17 10.74 36.62
C ASP A 559 -29.10 11.10 35.15
N ARG A 560 -29.60 10.21 34.30
CA ARG A 560 -29.75 10.51 32.88
C ARG A 560 -31.19 10.32 32.39
N SER A 561 -32.09 9.84 33.25
CA SER A 561 -33.49 9.73 32.86
C SER A 561 -34.11 11.10 32.64
N SER A 562 -33.78 12.06 33.51
CA SER A 562 -34.29 13.42 33.40
C SER A 562 -33.47 14.28 32.45
N LEU A 563 -32.47 13.71 31.78
CA LEU A 563 -31.58 14.51 30.94
C LEU A 563 -32.34 15.19 29.81
N ARG A 564 -33.22 14.44 29.13
CA ARG A 564 -33.99 15.01 28.04
C ARG A 564 -34.91 16.12 28.52
N GLN A 565 -35.52 15.93 29.69
CA GLN A 565 -36.39 16.96 30.24
C GLN A 565 -35.61 18.22 30.60
N LEU A 566 -34.36 18.05 31.07
CA LEU A 566 -33.54 19.20 31.43
C LEU A 566 -33.14 20.00 30.20
N HIS A 567 -32.73 19.32 29.12
CA HIS A 567 -32.35 20.03 27.90
C HIS A 567 -33.54 20.72 27.26
N ALA A 568 -34.72 20.11 27.34
CA ALA A 568 -35.92 20.75 26.80
C ALA A 568 -36.29 22.00 27.58
N ALA A 569 -36.05 22.00 28.90
CA ALA A 569 -36.30 23.20 29.70
C ALA A 569 -35.30 24.29 29.38
N ILE A 570 -34.10 23.93 28.91
CA ILE A 570 -33.13 24.93 28.48
C ILE A 570 -33.52 25.52 27.13
N LYS A 571 -33.97 24.67 26.20
CA LYS A 571 -34.46 25.16 24.91
C LYS A 571 -35.63 26.10 25.10
N ALA A 572 -36.51 25.79 26.05
CA ALA A 572 -37.70 26.61 26.26
C ALA A 572 -37.37 27.96 26.90
N ALA A 573 -36.36 27.99 27.78
CA ALA A 573 -35.98 29.23 28.44
C ALA A 573 -35.29 30.20 27.48
N LEU A 574 -34.98 29.78 26.26
CA LEU A 574 -34.36 30.66 25.28
C LEU A 574 -35.41 31.48 24.54
N ASN B 22 -37.51 -1.03 -0.27
CA ASN B 22 -36.39 -0.31 -0.86
C ASN B 22 -35.39 -1.34 -1.37
N PRO B 23 -34.60 -0.99 -2.36
CA PRO B 23 -33.62 -1.96 -2.88
C PRO B 23 -32.48 -2.23 -1.89
N SER B 24 -32.02 -1.20 -1.17
CA SER B 24 -30.94 -1.40 -0.20
C SER B 24 -31.34 -2.40 0.88
N THR B 25 -32.58 -2.33 1.34
CA THR B 25 -33.06 -3.28 2.34
C THR B 25 -33.38 -4.65 1.77
N THR B 26 -33.70 -4.74 0.47
CA THR B 26 -33.83 -6.04 -0.17
C THR B 26 -32.46 -6.67 -0.37
N GLN B 27 -31.46 -5.85 -0.72
CA GLN B 27 -30.10 -6.33 -0.90
C GLN B 27 -29.57 -6.94 0.39
N ALA B 28 -29.80 -6.27 1.52
CA ALA B 28 -29.26 -6.72 2.79
C ALA B 28 -29.79 -8.11 3.16
N ARG B 29 -31.09 -8.33 2.98
CA ARG B 29 -31.66 -9.62 3.34
C ARG B 29 -31.20 -10.72 2.40
N VAL B 30 -30.89 -10.39 1.15
CA VAL B 30 -30.32 -11.37 0.23
C VAL B 30 -28.95 -11.83 0.71
N VAL B 31 -28.09 -10.88 1.07
CA VAL B 31 -26.73 -11.22 1.49
C VAL B 31 -26.75 -12.04 2.76
N VAL B 32 -27.48 -11.57 3.77
CA VAL B 32 -27.54 -12.28 5.05
C VAL B 32 -28.05 -13.70 4.86
N ASP B 33 -29.06 -13.87 4.01
CA ASP B 33 -29.57 -15.21 3.73
C ASP B 33 -28.50 -16.10 3.11
N GLU B 34 -27.75 -15.55 2.15
CA GLU B 34 -26.67 -16.34 1.52
C GLU B 34 -25.54 -16.59 2.51
N LEU B 35 -25.26 -15.62 3.38
CA LEU B 35 -24.22 -15.81 4.40
C LEU B 35 -24.61 -16.95 5.35
N ILE B 36 -25.87 -16.99 5.76
CA ILE B 36 -26.35 -18.11 6.57
C ILE B 36 -26.22 -19.42 5.81
N ARG B 37 -26.64 -19.41 4.54
CA ARG B 37 -26.47 -20.59 3.70
C ARG B 37 -25.00 -20.96 3.55
N GLY B 38 -24.11 -19.98 3.60
CA GLY B 38 -22.69 -20.24 3.51
C GLY B 38 -22.03 -20.71 4.78
N GLY B 39 -22.79 -20.83 5.88
CA GLY B 39 -22.27 -21.37 7.11
C GLY B 39 -21.98 -20.36 8.21
N VAL B 40 -22.34 -19.10 8.01
CA VAL B 40 -22.09 -18.07 9.02
C VAL B 40 -23.11 -18.23 10.15
N ARG B 41 -22.66 -18.75 11.29
CA ARG B 41 -23.52 -18.93 12.44
C ARG B 41 -23.39 -17.81 13.45
N ASP B 42 -22.35 -16.98 13.36
CA ASP B 42 -22.10 -15.93 14.34
C ASP B 42 -21.60 -14.67 13.64
N VAL B 43 -22.11 -13.52 14.10
CA VAL B 43 -21.72 -12.21 13.58
C VAL B 43 -21.48 -11.29 14.76
N VAL B 44 -20.47 -10.42 14.66
CA VAL B 44 -20.08 -9.51 15.72
C VAL B 44 -20.27 -8.07 15.24
N LEU B 45 -20.88 -7.24 16.09
CA LEU B 45 -21.09 -5.84 15.79
C LEU B 45 -20.62 -4.98 16.96
N CYS B 46 -20.48 -3.68 16.70
CA CYS B 46 -20.13 -2.69 17.72
C CYS B 46 -20.85 -1.38 17.44
N PRO B 47 -21.32 -0.69 18.48
CA PRO B 47 -21.96 0.62 18.27
C PRO B 47 -20.99 1.59 17.61
N GLY B 48 -21.52 2.43 16.71
CA GLY B 48 -20.66 3.29 15.95
C GLY B 48 -21.32 4.58 15.51
N SER B 49 -20.57 5.34 14.72
CA SER B 49 -21.05 6.61 14.19
C SER B 49 -22.30 6.43 13.35
N ARG B 50 -22.40 5.32 12.62
CA ARG B 50 -23.50 5.07 11.70
C ARG B 50 -23.95 3.62 11.85
N ASN B 51 -25.05 3.30 11.17
CA ASN B 51 -25.62 1.96 11.25
C ASN B 51 -24.64 0.91 10.74
N ALA B 52 -24.76 -0.29 11.30
CA ALA B 52 -23.94 -1.40 10.84
C ALA B 52 -24.33 -1.76 9.41
N PRO B 53 -23.40 -2.32 8.64
CA PRO B 53 -23.78 -2.91 7.36
C PRO B 53 -24.72 -4.08 7.59
N LEU B 54 -25.84 -4.08 6.86
CA LEU B 54 -26.85 -5.14 6.93
C LEU B 54 -27.46 -5.29 8.31
N ALA B 55 -27.45 -4.22 9.11
CA ALA B 55 -27.86 -4.32 10.51
C ALA B 55 -29.28 -4.84 10.65
N PHE B 56 -30.20 -4.31 9.84
CA PHE B 56 -31.60 -4.70 9.96
C PHE B 56 -31.83 -6.12 9.48
N ALA B 57 -31.17 -6.52 8.39
CA ALA B 57 -31.24 -7.90 7.95
C ALA B 57 -30.61 -8.85 8.97
N LEU B 58 -29.56 -8.40 9.65
CA LEU B 58 -28.94 -9.21 10.69
C LEU B 58 -29.84 -9.30 11.92
N GLN B 59 -30.50 -8.20 12.28
CA GLN B 59 -31.38 -8.23 13.45
C GLN B 59 -32.58 -9.14 13.22
N ASP B 60 -33.14 -9.12 12.01
CA ASP B 60 -34.25 -10.03 11.69
C ASP B 60 -33.81 -11.48 11.83
N ALA B 61 -32.64 -11.81 11.29
CA ALA B 61 -32.15 -13.18 11.35
C ALA B 61 -31.79 -13.58 12.78
N ASP B 62 -31.41 -12.62 13.62
CA ASP B 62 -31.06 -12.93 15.00
C ASP B 62 -32.28 -13.31 15.81
N ARG B 63 -33.39 -12.58 15.64
CA ARG B 63 -34.62 -12.92 16.34
C ARG B 63 -35.18 -14.25 15.85
N SER B 64 -34.99 -14.57 14.58
CA SER B 64 -35.44 -15.84 14.03
C SER B 64 -34.57 -17.02 14.45
N GLY B 65 -33.43 -16.76 15.10
CA GLY B 65 -32.51 -17.81 15.45
C GLY B 65 -31.63 -18.30 14.31
N ARG B 66 -31.82 -17.77 13.10
CA ARG B 66 -31.00 -18.20 11.97
C ARG B 66 -29.53 -17.89 12.20
N ILE B 67 -29.22 -16.86 12.99
CA ILE B 67 -27.86 -16.43 13.24
C ILE B 67 -27.80 -15.79 14.61
N ARG B 68 -26.62 -15.81 15.21
CA ARG B 68 -26.41 -15.32 16.56
C ARG B 68 -25.52 -14.08 16.50
N LEU B 69 -26.03 -12.95 17.00
CA LEU B 69 -25.27 -11.71 17.04
C LEU B 69 -24.55 -11.57 18.36
N HIS B 70 -23.39 -10.90 18.33
CA HIS B 70 -22.62 -10.58 19.52
C HIS B 70 -22.22 -9.12 19.46
N VAL B 71 -22.54 -8.37 20.51
CA VAL B 71 -22.28 -6.94 20.57
C VAL B 71 -21.24 -6.67 21.65
N ARG B 72 -20.30 -5.77 21.33
CA ARG B 72 -19.29 -5.31 22.28
C ARG B 72 -19.03 -3.84 22.02
N ILE B 73 -18.57 -3.13 23.06
CA ILE B 73 -18.18 -1.74 22.86
C ILE B 73 -16.75 -1.68 22.30
N ASP B 74 -15.87 -2.53 22.80
CA ASP B 74 -14.47 -2.53 22.40
C ASP B 74 -14.35 -3.18 21.03
N GLU B 75 -13.95 -2.38 20.02
CA GLU B 75 -13.84 -2.91 18.67
C GLU B 75 -12.67 -3.89 18.56
N ARG B 76 -11.59 -3.66 19.31
CA ARG B 76 -10.46 -4.57 19.27
C ARG B 76 -10.84 -5.95 19.80
N THR B 77 -11.46 -6.00 20.98
CA THR B 77 -11.87 -7.28 21.54
C THR B 77 -12.96 -7.93 20.69
N ALA B 78 -13.74 -7.12 19.97
CA ALA B 78 -14.77 -7.68 19.10
C ALA B 78 -14.16 -8.45 17.95
N GLY B 79 -13.07 -7.92 17.37
CA GLY B 79 -12.40 -8.64 16.30
C GLY B 79 -11.84 -9.97 16.75
N TYR B 80 -11.20 -9.99 17.93
CA TYR B 80 -10.69 -11.25 18.46
C TYR B 80 -11.81 -12.16 18.92
N LEU B 81 -12.95 -11.60 19.35
CA LEU B 81 -14.11 -12.42 19.63
C LEU B 81 -14.53 -13.19 18.39
N ALA B 82 -14.45 -12.56 17.21
CA ALA B 82 -14.77 -13.25 15.98
C ALA B 82 -13.72 -14.32 15.65
N ILE B 83 -12.45 -14.05 15.98
CA ILE B 83 -11.42 -15.07 15.80
C ILE B 83 -11.79 -16.34 16.55
N GLY B 84 -12.13 -16.19 17.83
CA GLY B 84 -12.55 -17.35 18.61
C GLY B 84 -13.82 -17.99 18.06
N LEU B 85 -14.77 -17.15 17.64
CA LEU B 85 -16.00 -17.69 17.05
C LEU B 85 -15.74 -18.46 15.77
N ALA B 86 -14.61 -18.22 15.10
CA ALA B 86 -14.30 -18.90 13.86
C ALA B 86 -13.42 -20.13 14.06
N ILE B 87 -12.52 -20.10 15.04
CA ILE B 87 -11.65 -21.25 15.29
C ILE B 87 -12.29 -22.31 16.17
N GLY B 88 -13.34 -21.95 16.92
CA GLY B 88 -13.96 -22.91 17.81
C GLY B 88 -14.61 -24.08 17.12
N ALA B 89 -15.17 -23.85 15.92
CA ALA B 89 -15.77 -24.92 15.14
C ALA B 89 -15.46 -24.83 13.65
N GLY B 90 -14.67 -23.85 13.22
CA GLY B 90 -14.26 -23.77 11.83
C GLY B 90 -15.17 -22.96 10.93
N ALA B 91 -16.18 -22.28 11.49
CA ALA B 91 -17.14 -21.58 10.64
C ALA B 91 -16.64 -20.18 10.30
N PRO B 92 -17.00 -19.68 9.12
CA PRO B 92 -16.71 -18.28 8.80
C PRO B 92 -17.56 -17.36 9.67
N VAL B 93 -16.92 -16.29 10.15
CA VAL B 93 -17.57 -15.32 11.04
C VAL B 93 -17.43 -13.93 10.42
N CYS B 94 -18.46 -13.11 10.63
CA CYS B 94 -18.48 -11.75 10.13
C CYS B 94 -18.32 -10.74 11.27
N VAL B 95 -17.68 -9.62 10.95
CA VAL B 95 -17.59 -8.48 11.84
C VAL B 95 -18.08 -7.25 11.09
N ALA B 96 -18.90 -6.43 11.74
CA ALA B 96 -19.57 -5.31 11.10
C ALA B 96 -18.99 -4.00 11.62
N MET B 97 -18.21 -3.32 10.77
CA MET B 97 -17.64 -2.04 11.14
C MET B 97 -18.69 -0.94 11.11
N THR B 98 -18.63 -0.04 12.10
CA THR B 98 -19.58 1.05 12.19
C THR B 98 -18.95 2.43 12.37
N SER B 99 -17.63 2.52 12.51
CA SER B 99 -17.03 3.75 13.00
C SER B 99 -15.71 4.02 12.27
N GLY B 100 -15.09 5.15 12.63
CA GLY B 100 -13.81 5.52 12.06
C GLY B 100 -12.63 4.85 12.73
N THR B 101 -12.77 4.50 14.00
CA THR B 101 -11.74 3.72 14.69
C THR B 101 -11.81 2.24 14.37
N ALA B 102 -12.82 1.81 13.61
CA ALA B 102 -13.08 0.38 13.44
C ALA B 102 -11.95 -0.31 12.68
N VAL B 103 -11.46 0.31 11.61
CA VAL B 103 -10.37 -0.28 10.84
C VAL B 103 -9.13 -0.44 11.71
N ALA B 104 -8.81 0.58 12.51
CA ALA B 104 -7.62 0.53 13.35
C ALA B 104 -7.72 -0.55 14.41
N ASN B 105 -8.89 -0.66 15.05
CA ASN B 105 -9.04 -1.60 16.16
C ASN B 105 -9.14 -3.04 15.67
N LEU B 106 -9.65 -3.25 14.45
CA LEU B 106 -9.77 -4.60 13.92
C LEU B 106 -8.47 -5.10 13.30
N GLY B 107 -7.52 -4.20 13.06
CA GLY B 107 -6.24 -4.53 12.46
C GLY B 107 -5.55 -5.74 13.07
N PRO B 108 -5.34 -5.75 14.39
CA PRO B 108 -4.66 -6.90 15.00
C PRO B 108 -5.36 -8.22 14.73
N ALA B 109 -6.69 -8.25 14.79
CA ALA B 109 -7.41 -9.49 14.53
C ALA B 109 -7.33 -9.89 13.06
N VAL B 110 -7.35 -8.91 12.16
CA VAL B 110 -7.27 -9.22 10.73
C VAL B 110 -5.89 -9.79 10.39
N VAL B 111 -4.83 -9.22 10.96
CA VAL B 111 -3.48 -9.74 10.72
C VAL B 111 -3.38 -11.16 11.24
N GLU B 112 -3.89 -11.42 12.44
CA GLU B 112 -3.90 -12.78 12.97
C GLU B 112 -4.72 -13.70 12.07
N ALA B 113 -5.89 -13.23 11.62
CA ALA B 113 -6.72 -14.04 10.74
C ALA B 113 -5.97 -14.40 9.46
N ASN B 114 -5.15 -13.48 8.95
CA ASN B 114 -4.36 -13.78 7.76
C ASN B 114 -3.34 -14.87 8.01
N TYR B 115 -2.58 -14.74 9.10
CA TYR B 115 -1.48 -15.67 9.34
C TYR B 115 -1.96 -16.99 9.90
N ALA B 116 -3.00 -16.97 10.74
CA ALA B 116 -3.56 -18.22 11.28
C ALA B 116 -4.53 -18.88 10.33
N ARG B 117 -4.86 -18.25 9.20
CA ARG B 117 -5.76 -18.79 8.19
C ARG B 117 -7.16 -19.02 8.79
N VAL B 118 -7.76 -17.92 9.21
CA VAL B 118 -9.06 -17.91 9.89
C VAL B 118 -10.07 -17.20 8.99
N PRO B 119 -11.23 -17.81 8.70
CA PRO B 119 -12.19 -17.15 7.81
C PRO B 119 -12.93 -16.00 8.49
N LEU B 120 -12.41 -14.79 8.32
CA LEU B 120 -12.95 -13.59 8.98
C LEU B 120 -13.45 -12.62 7.91
N ILE B 121 -14.75 -12.40 7.87
CA ILE B 121 -15.35 -11.51 6.87
C ILE B 121 -15.65 -10.18 7.52
N VAL B 122 -15.02 -9.11 7.02
CA VAL B 122 -15.14 -7.78 7.58
C VAL B 122 -16.14 -7.00 6.74
N LEU B 123 -17.27 -6.63 7.34
CA LEU B 123 -18.33 -5.93 6.63
C LEU B 123 -18.15 -4.43 6.73
N SER B 124 -18.38 -3.74 5.61
CA SER B 124 -18.36 -2.30 5.56
C SER B 124 -19.56 -1.80 4.77
N ALA B 125 -19.84 -0.49 4.89
CA ALA B 125 -20.98 0.15 4.22
C ALA B 125 -20.55 1.56 3.80
N ASN B 126 -19.93 1.64 2.63
CA ASN B 126 -19.48 2.92 2.10
C ASN B 126 -20.67 3.71 1.54
N ARG B 127 -20.56 5.04 1.59
CA ARG B 127 -21.58 5.91 1.02
C ARG B 127 -21.04 6.59 -0.21
N PRO B 128 -21.46 6.19 -1.42
CA PRO B 128 -20.89 6.79 -2.64
C PRO B 128 -21.47 8.15 -3.00
N TYR B 129 -22.51 8.63 -2.31
CA TYR B 129 -23.02 9.97 -2.55
C TYR B 129 -22.35 11.02 -1.67
N GLU B 130 -21.40 10.62 -0.84
CA GLU B 130 -20.68 11.53 0.04
C GLU B 130 -19.26 11.75 -0.46
N LEU B 131 -18.62 12.77 0.09
CA LEU B 131 -17.28 13.17 -0.32
C LEU B 131 -16.23 12.28 0.31
N LEU B 132 -15.29 11.81 -0.49
CA LEU B 132 -14.15 11.03 -0.02
C LEU B 132 -12.87 11.85 -0.16
N GLY B 133 -12.02 11.79 0.86
CA GLY B 133 -10.72 12.42 0.81
C GLY B 133 -10.67 13.89 1.18
N THR B 134 -11.76 14.46 1.67
CA THR B 134 -11.81 15.88 1.96
C THR B 134 -11.83 16.20 3.46
N GLY B 135 -12.00 15.20 4.31
CA GLY B 135 -12.08 15.44 5.74
C GLY B 135 -12.12 14.18 6.56
N ALA B 136 -13.03 14.12 7.54
CA ALA B 136 -13.13 12.97 8.45
C ALA B 136 -14.01 11.91 7.79
N ASN B 137 -13.38 10.93 7.15
CA ASN B 137 -14.09 9.83 6.51
C ASN B 137 -14.50 8.83 7.60
N GLN B 138 -15.59 9.17 8.30
CA GLN B 138 -16.02 8.37 9.45
C GLN B 138 -16.54 6.99 9.05
N THR B 139 -16.92 6.78 7.79
CA THR B 139 -17.27 5.44 7.34
C THR B 139 -16.04 4.53 7.36
N MET B 140 -14.92 5.02 6.81
CA MET B 140 -13.69 4.25 6.80
C MET B 140 -12.49 5.18 6.87
N GLU B 141 -11.66 4.99 7.90
CA GLU B 141 -10.34 5.59 8.01
C GLU B 141 -9.34 4.49 7.69
N GLN B 142 -8.93 4.41 6.43
CA GLN B 142 -8.16 3.25 6.00
C GLN B 142 -6.71 3.37 6.38
N LEU B 143 -6.13 2.26 6.81
CA LEU B 143 -4.72 2.08 7.11
C LEU B 143 -4.12 1.36 5.90
N GLY B 144 -2.91 0.83 6.07
CA GLY B 144 -2.27 0.17 4.96
C GLY B 144 -2.38 -1.35 4.98
N TYR B 145 -2.94 -1.91 6.05
CA TYR B 145 -2.90 -3.36 6.22
C TYR B 145 -3.92 -4.10 5.35
N PHE B 146 -5.00 -3.45 4.94
CA PHE B 146 -5.99 -4.14 4.11
C PHE B 146 -5.38 -4.62 2.80
N GLY B 147 -4.49 -3.81 2.21
CA GLY B 147 -3.86 -4.18 0.95
C GLY B 147 -2.97 -5.41 1.04
N THR B 148 -2.52 -5.77 2.24
CA THR B 148 -1.57 -6.86 2.41
C THR B 148 -2.14 -8.08 3.12
N GLN B 149 -3.27 -7.97 3.80
CA GLN B 149 -3.74 -9.02 4.69
C GLN B 149 -4.90 -9.84 4.13
N VAL B 150 -5.82 -9.22 3.39
CA VAL B 150 -7.09 -9.87 3.07
C VAL B 150 -6.94 -10.76 1.84
N ARG B 151 -7.75 -11.82 1.80
CA ARG B 151 -7.80 -12.69 0.64
C ARG B 151 -8.44 -12.01 -0.55
N ALA B 152 -9.36 -11.08 -0.31
CA ALA B 152 -10.15 -10.48 -1.37
C ALA B 152 -10.84 -9.24 -0.83
N SER B 153 -11.05 -8.28 -1.72
CA SER B 153 -11.81 -7.06 -1.43
C SER B 153 -12.95 -7.00 -2.45
N ILE B 154 -14.17 -7.25 -1.98
CA ILE B 154 -15.34 -7.36 -2.84
C ILE B 154 -16.39 -6.35 -2.38
N SER B 155 -16.86 -5.53 -3.31
CA SER B 155 -17.88 -4.53 -3.04
C SER B 155 -19.10 -4.80 -3.91
N LEU B 156 -20.29 -4.75 -3.31
CA LEU B 156 -21.50 -5.24 -3.95
C LEU B 156 -22.08 -4.26 -4.97
N GLY B 157 -21.80 -2.96 -4.82
CA GLY B 157 -22.42 -1.98 -5.68
C GLY B 157 -23.79 -1.58 -5.20
N LEU B 158 -24.18 -0.33 -5.47
CA LEU B 158 -25.43 0.19 -4.95
C LEU B 158 -26.62 -0.58 -5.51
N ALA B 159 -27.67 -0.67 -4.70
CA ALA B 159 -28.85 -1.44 -5.05
C ALA B 159 -29.77 -0.62 -5.95
N GLU B 160 -29.94 -1.07 -7.19
CA GLU B 160 -30.78 -0.35 -8.14
C GLU B 160 -32.25 -0.46 -7.76
N ASP B 161 -32.98 0.65 -7.93
CA ASP B 161 -34.43 0.65 -7.80
C ASP B 161 -35.02 0.24 -9.14
N ALA B 162 -34.98 -1.06 -9.40
CA ALA B 162 -35.40 -1.61 -10.70
C ALA B 162 -36.04 -2.97 -10.46
N PRO B 163 -37.37 -3.01 -10.35
CA PRO B 163 -38.04 -4.29 -10.07
C PRO B 163 -37.99 -5.27 -11.23
N GLU B 164 -37.83 -4.79 -12.47
CA GLU B 164 -37.70 -5.71 -13.60
C GLU B 164 -36.44 -6.56 -13.49
N ARG B 165 -35.39 -6.02 -12.88
CA ARG B 165 -34.11 -6.70 -12.74
C ARG B 165 -34.04 -7.57 -11.49
N THR B 166 -35.16 -7.75 -10.78
CA THR B 166 -35.13 -8.44 -9.49
C THR B 166 -34.50 -9.82 -9.60
N SER B 167 -34.88 -10.58 -10.62
CA SER B 167 -34.31 -11.91 -10.83
C SER B 167 -32.79 -11.84 -10.95
N ALA B 168 -32.28 -10.87 -11.71
CA ALA B 168 -30.87 -10.81 -12.02
C ALA B 168 -30.05 -10.25 -10.85
N LEU B 169 -30.52 -9.16 -10.23
CA LEU B 169 -29.80 -8.59 -9.10
C LEU B 169 -29.67 -9.61 -7.97
N ASN B 170 -30.68 -10.44 -7.77
CA ASN B 170 -30.61 -11.50 -6.77
C ASN B 170 -29.49 -12.49 -7.11
N ALA B 171 -29.32 -12.82 -8.39
CA ALA B 171 -28.32 -13.79 -8.78
C ALA B 171 -26.90 -13.25 -8.55
N THR B 172 -26.67 -11.98 -8.90
CA THR B 172 -25.34 -11.40 -8.76
C THR B 172 -24.99 -11.10 -7.31
N TRP B 173 -25.97 -10.66 -6.50
CA TRP B 173 -25.72 -10.46 -5.08
C TRP B 173 -25.33 -11.76 -4.40
N ARG B 174 -26.07 -12.83 -4.70
CA ARG B 174 -25.80 -14.13 -4.07
C ARG B 174 -24.53 -14.75 -4.60
N SER B 175 -24.23 -14.54 -5.89
CA SER B 175 -22.97 -15.03 -6.44
C SER B 175 -21.79 -14.32 -5.80
N ALA B 176 -21.90 -13.00 -5.61
CA ALA B 176 -20.82 -12.25 -4.99
C ALA B 176 -20.67 -12.61 -3.51
N THR B 177 -21.78 -12.89 -2.82
CA THR B 177 -21.69 -13.24 -1.41
C THR B 177 -21.00 -14.58 -1.20
N CYS B 178 -21.28 -15.56 -2.07
CA CYS B 178 -20.58 -16.84 -2.00
C CYS B 178 -19.12 -16.68 -2.41
N ARG B 179 -18.82 -15.71 -3.27
CA ARG B 179 -17.43 -15.39 -3.56
C ARG B 179 -16.70 -14.96 -2.30
N VAL B 180 -17.30 -14.04 -1.56
CA VAL B 180 -16.72 -13.61 -0.28
C VAL B 180 -16.50 -14.81 0.62
N LEU B 181 -17.52 -15.67 0.75
CA LEU B 181 -17.40 -16.86 1.58
C LEU B 181 -16.29 -17.78 1.09
N ALA B 182 -16.25 -18.03 -0.22
CA ALA B 182 -15.24 -18.92 -0.78
C ALA B 182 -13.83 -18.41 -0.52
N ALA B 183 -13.61 -17.11 -0.69
CA ALA B 183 -12.30 -16.54 -0.40
C ALA B 183 -11.97 -16.65 1.09
N ALA B 184 -12.97 -16.47 1.95
CA ALA B 184 -12.72 -16.49 3.38
C ALA B 184 -12.39 -17.89 3.88
N THR B 185 -13.09 -18.91 3.38
CA THR B 185 -12.89 -20.28 3.85
C THR B 185 -11.82 -21.03 3.08
N GLY B 186 -11.29 -20.47 2.00
CA GLY B 186 -10.35 -21.20 1.18
C GLY B 186 -10.98 -22.31 0.37
N ALA B 187 -12.21 -22.11 -0.11
CA ALA B 187 -12.93 -23.17 -0.80
C ALA B 187 -12.20 -23.61 -2.07
N ARG B 188 -11.55 -22.67 -2.76
CA ARG B 188 -10.79 -22.99 -3.97
C ARG B 188 -9.30 -22.79 -3.82
N THR B 189 -8.85 -22.06 -2.79
CA THR B 189 -7.44 -21.76 -2.60
C THR B 189 -6.77 -22.61 -1.53
N ALA B 190 -7.56 -23.27 -0.67
CA ALA B 190 -7.04 -23.99 0.50
C ALA B 190 -6.22 -23.07 1.40
N ASN B 191 -6.61 -21.79 1.46
CA ASN B 191 -5.88 -20.80 2.24
C ASN B 191 -6.89 -19.79 2.78
N ALA B 192 -7.59 -20.20 3.83
CA ALA B 192 -8.57 -19.33 4.49
C ALA B 192 -7.90 -18.06 5.00
N GLY B 193 -8.72 -17.06 5.31
CA GLY B 193 -8.22 -15.80 5.79
C GLY B 193 -9.26 -14.70 5.75
N PRO B 194 -8.86 -13.49 6.12
CA PRO B 194 -9.81 -12.38 6.17
C PRO B 194 -10.17 -11.89 4.77
N VAL B 195 -11.41 -11.42 4.64
CA VAL B 195 -11.94 -10.88 3.40
C VAL B 195 -12.70 -9.60 3.73
N HIS B 196 -12.52 -8.57 2.91
CA HIS B 196 -13.26 -7.32 3.05
C HIS B 196 -14.47 -7.36 2.13
N PHE B 197 -15.66 -7.16 2.72
CA PHE B 197 -16.93 -7.20 2.02
C PHE B 197 -17.64 -5.87 2.25
N ASP B 198 -17.84 -5.11 1.18
CA ASP B 198 -18.49 -3.79 1.26
C ASP B 198 -19.85 -3.85 0.60
N ILE B 199 -20.86 -3.38 1.30
CA ILE B 199 -22.22 -3.27 0.79
C ILE B 199 -22.63 -1.80 0.84
N PRO B 200 -22.53 -1.08 -0.27
CA PRO B 200 -22.73 0.37 -0.23
C PRO B 200 -24.18 0.73 -0.01
N LEU B 201 -24.41 2.01 0.26
CA LEU B 201 -25.70 2.45 0.75
C LEU B 201 -25.87 3.95 0.51
N ARG B 202 -27.13 4.34 0.28
CA ARG B 202 -27.52 5.74 0.17
C ARG B 202 -28.43 6.07 1.35
N GLU B 203 -28.06 7.09 2.11
CA GLU B 203 -28.94 7.56 3.17
C GLU B 203 -30.06 8.42 2.59
N PRO B 204 -31.29 8.31 3.14
CA PRO B 204 -31.64 7.37 4.20
C PRO B 204 -32.52 6.22 3.73
N THR B 216 -38.64 -11.09 -0.15
CA THR B 216 -37.21 -11.32 -0.28
C THR B 216 -36.94 -12.40 -1.33
N PRO B 217 -36.26 -12.03 -2.40
CA PRO B 217 -36.01 -12.96 -3.51
C PRO B 217 -35.29 -14.20 -3.00
N PRO B 218 -35.74 -15.38 -3.41
CA PRO B 218 -35.25 -16.61 -2.80
C PRO B 218 -33.91 -17.04 -3.36
N GLY B 219 -33.20 -17.83 -2.55
CA GLY B 219 -32.00 -18.51 -2.99
C GLY B 219 -32.31 -19.86 -3.60
N ARG B 220 -31.27 -20.69 -3.70
CA ARG B 220 -31.44 -22.01 -4.26
C ARG B 220 -32.30 -22.89 -3.35
N PRO B 221 -33.02 -23.86 -3.90
CA PRO B 221 -33.87 -24.72 -3.07
C PRO B 221 -33.04 -25.59 -2.14
N ALA B 222 -33.71 -26.10 -1.10
CA ALA B 222 -33.10 -26.99 -0.10
C ALA B 222 -31.95 -26.31 0.65
N GLY B 223 -31.98 -24.98 0.71
CA GLY B 223 -30.98 -24.25 1.47
C GLY B 223 -29.57 -24.38 0.95
N LYS B 224 -29.40 -24.71 -0.33
CA LYS B 224 -28.07 -24.82 -0.91
C LYS B 224 -27.51 -23.44 -1.25
N PRO B 225 -26.19 -23.28 -1.27
CA PRO B 225 -25.62 -22.00 -1.66
C PRO B 225 -25.85 -21.70 -3.13
N TRP B 226 -25.83 -20.41 -3.46
CA TRP B 226 -26.09 -20.00 -4.85
C TRP B 226 -25.07 -20.61 -5.80
N THR B 227 -23.78 -20.36 -5.54
CA THR B 227 -22.70 -20.99 -6.28
C THR B 227 -22.04 -22.02 -5.37
N TYR B 228 -22.20 -23.30 -5.69
CA TYR B 228 -21.62 -24.37 -4.92
C TYR B 228 -20.15 -24.55 -5.28
N THR B 229 -19.30 -24.68 -4.28
CA THR B 229 -17.89 -24.97 -4.51
C THR B 229 -17.56 -26.30 -3.86
N PRO B 230 -17.36 -27.36 -4.64
CA PRO B 230 -17.11 -28.69 -4.05
C PRO B 230 -15.75 -28.75 -3.38
N PRO B 231 -15.47 -29.80 -2.60
CA PRO B 231 -14.20 -29.85 -1.86
C PRO B 231 -13.00 -29.82 -2.80
N VAL B 232 -12.04 -28.96 -2.47
CA VAL B 232 -10.83 -28.80 -3.27
C VAL B 232 -9.72 -29.59 -2.61
N THR B 233 -8.88 -30.21 -3.45
CA THR B 233 -7.76 -31.03 -2.98
C THR B 233 -6.50 -30.57 -3.70
N PHE B 234 -5.71 -29.71 -3.05
CA PHE B 234 -4.37 -29.43 -3.51
C PHE B 234 -3.45 -30.57 -3.09
N ASP B 235 -2.75 -31.17 -4.06
CA ASP B 235 -1.98 -32.37 -3.81
C ASP B 235 -0.55 -32.18 -4.31
N GLN B 236 0.41 -32.50 -3.45
CA GLN B 236 1.83 -32.30 -3.77
C GLN B 236 2.64 -33.40 -3.09
N PRO B 237 2.68 -34.59 -3.69
CA PRO B 237 3.42 -35.70 -3.06
C PRO B 237 4.92 -35.44 -3.03
N LEU B 238 5.55 -35.86 -1.94
CA LEU B 238 7.00 -35.82 -1.79
C LEU B 238 7.51 -37.22 -1.46
N ASP B 239 8.59 -37.62 -2.11
CA ASP B 239 9.26 -38.87 -1.79
C ASP B 239 10.16 -38.67 -0.58
N ILE B 240 9.95 -39.47 0.47
CA ILE B 240 10.78 -39.40 1.67
C ILE B 240 11.15 -40.81 2.10
N ASP B 241 12.43 -41.04 2.34
CA ASP B 241 12.93 -42.33 2.81
C ASP B 241 12.89 -42.33 4.34
N LEU B 242 11.95 -43.10 4.91
CA LEU B 242 11.79 -43.14 6.36
C LEU B 242 12.88 -43.94 7.05
N SER B 243 13.68 -44.71 6.32
CA SER B 243 14.79 -45.42 6.95
C SER B 243 15.84 -44.45 7.46
N VAL B 244 15.98 -43.29 6.82
CA VAL B 244 16.82 -42.23 7.36
C VAL B 244 16.23 -41.75 8.68
N ASP B 245 17.11 -41.55 9.67
CA ASP B 245 16.68 -41.14 11.00
C ASP B 245 15.89 -39.84 10.93
N THR B 246 14.56 -39.93 11.10
CA THR B 246 13.66 -38.82 10.88
C THR B 246 12.94 -38.45 12.18
N VAL B 247 12.86 -37.16 12.45
CA VAL B 247 12.01 -36.62 13.50
C VAL B 247 10.98 -35.71 12.84
N VAL B 248 9.76 -35.72 13.36
CA VAL B 248 8.68 -34.87 12.84
C VAL B 248 8.50 -33.68 13.77
N ILE B 249 8.34 -32.51 13.18
CA ILE B 249 8.02 -31.29 13.92
C ILE B 249 6.73 -30.74 13.33
N SER B 250 5.66 -30.76 14.12
CA SER B 250 4.37 -30.27 13.69
C SER B 250 4.04 -28.98 14.43
N GLY B 251 3.62 -27.96 13.69
CA GLY B 251 3.26 -26.68 14.27
C GLY B 251 1.87 -26.25 13.87
N HIS B 252 1.61 -24.94 13.89
CA HIS B 252 0.27 -24.44 13.60
C HIS B 252 -0.12 -24.73 12.16
N GLY B 253 -1.37 -25.16 11.97
CA GLY B 253 -1.86 -25.50 10.66
C GLY B 253 -1.36 -26.81 10.10
N ALA B 254 -0.77 -27.66 10.93
CA ALA B 254 -0.28 -28.95 10.46
C ALA B 254 -1.43 -29.87 10.11
N GLY B 255 -1.24 -30.69 9.07
CA GLY B 255 -2.21 -31.69 8.72
C GLY B 255 -1.99 -32.99 9.48
N VAL B 256 -2.82 -33.97 9.17
CA VAL B 256 -2.72 -35.31 9.74
C VAL B 256 -2.16 -36.23 8.67
N HIS B 257 -1.09 -36.94 9.01
CA HIS B 257 -0.39 -37.82 8.08
C HIS B 257 -0.32 -39.22 8.69
N PRO B 258 -1.32 -40.06 8.44
CA PRO B 258 -1.30 -41.42 9.02
C PRO B 258 -0.06 -42.21 8.68
N ASN B 259 0.60 -41.93 7.55
CA ASN B 259 1.82 -42.63 7.18
C ASN B 259 3.06 -42.06 7.87
N LEU B 260 2.88 -41.12 8.80
CA LEU B 260 3.98 -40.60 9.62
C LEU B 260 3.73 -40.84 11.11
N ALA B 261 2.71 -41.61 11.46
CA ALA B 261 2.30 -41.74 12.85
C ALA B 261 3.35 -42.44 13.71
N ALA B 262 4.17 -43.30 13.10
CA ALA B 262 5.16 -44.05 13.87
C ALA B 262 6.37 -43.22 14.24
N LEU B 263 6.65 -42.15 13.50
CA LEU B 263 7.87 -41.40 13.72
C LEU B 263 7.83 -40.68 15.07
N PRO B 264 9.00 -40.42 15.67
CA PRO B 264 9.03 -39.51 16.82
C PRO B 264 8.64 -38.10 16.38
N THR B 265 7.67 -37.51 17.08
CA THR B 265 7.08 -36.24 16.65
C THR B 265 7.06 -35.22 17.78
N VAL B 266 7.73 -34.09 17.55
CA VAL B 266 7.69 -32.95 18.47
C VAL B 266 6.53 -32.07 18.03
N ALA B 267 5.38 -32.22 18.71
CA ALA B 267 4.14 -31.59 18.29
C ALA B 267 3.81 -30.38 19.14
N GLU B 268 3.54 -29.25 18.49
CA GLU B 268 3.03 -28.08 19.20
C GLU B 268 1.61 -28.35 19.68
N PRO B 269 1.17 -27.67 20.74
CA PRO B 269 -0.18 -27.95 21.27
C PRO B 269 -1.29 -27.78 20.26
N THR B 270 -1.17 -26.84 19.32
CA THR B 270 -2.20 -26.65 18.30
C THR B 270 -2.04 -27.60 17.12
N ALA B 271 -0.99 -28.40 17.08
CA ALA B 271 -0.82 -29.34 15.98
C ALA B 271 -1.64 -30.60 16.24
N PRO B 272 -2.47 -31.03 15.28
CA PRO B 272 -3.15 -32.32 15.44
C PRO B 272 -2.12 -33.43 15.34
N ARG B 273 -2.16 -34.34 16.31
CA ARG B 273 -1.19 -35.43 16.33
C ARG B 273 -1.64 -36.56 15.41
N SER B 274 -0.71 -37.03 14.59
CA SER B 274 -1.02 -38.12 13.67
C SER B 274 -0.88 -39.48 14.32
N GLY B 275 -0.03 -39.60 15.35
CA GLY B 275 0.23 -40.89 15.95
C GLY B 275 0.43 -40.89 17.45
N ASP B 276 1.26 -41.82 17.93
CA ASP B 276 1.37 -42.13 19.35
C ASP B 276 2.81 -42.19 19.82
N ASN B 277 3.73 -41.53 19.12
CA ASN B 277 5.16 -41.57 19.43
C ASN B 277 5.65 -40.14 19.67
N PRO B 278 5.30 -39.53 20.80
CA PRO B 278 5.69 -38.14 21.03
C PRO B 278 7.15 -38.03 21.41
N LEU B 279 7.79 -36.95 20.94
CA LEU B 279 9.14 -36.60 21.34
C LEU B 279 9.07 -35.27 22.08
N HIS B 280 9.59 -35.25 23.30
CA HIS B 280 9.61 -34.02 24.07
C HIS B 280 10.48 -32.98 23.35
N PRO B 281 10.10 -31.70 23.42
CA PRO B 281 10.93 -30.66 22.79
C PRO B 281 12.32 -30.56 23.38
N LEU B 282 12.48 -30.84 24.68
CA LEU B 282 13.78 -30.72 25.32
C LEU B 282 14.68 -31.91 25.05
N ALA B 283 14.16 -33.01 24.51
CA ALA B 283 14.99 -34.14 24.12
C ALA B 283 15.66 -33.92 22.77
N LEU B 284 15.10 -33.04 21.94
CA LEU B 284 15.64 -32.82 20.59
C LEU B 284 17.13 -32.50 20.54
N PRO B 285 17.70 -31.67 21.45
CA PRO B 285 19.15 -31.46 21.40
C PRO B 285 19.96 -32.64 21.91
N LEU B 286 19.33 -33.64 22.50
CA LEU B 286 20.02 -34.85 22.91
C LEU B 286 19.96 -35.94 21.85
N LEU B 287 19.58 -35.60 20.63
CA LEU B 287 19.51 -36.53 19.52
C LEU B 287 20.19 -35.90 18.30
N ARG B 288 20.50 -36.74 17.32
CA ARG B 288 21.09 -36.31 16.06
C ARG B 288 20.27 -36.90 14.92
N PRO B 289 19.14 -36.27 14.58
CA PRO B 289 18.36 -36.74 13.44
C PRO B 289 18.99 -36.37 12.12
N GLN B 290 18.79 -37.23 11.13
CA GLN B 290 19.41 -37.04 9.82
C GLN B 290 18.49 -36.32 8.84
N GLN B 291 17.19 -36.25 9.11
CA GLN B 291 16.29 -35.44 8.31
C GLN B 291 15.08 -35.09 9.16
N VAL B 292 14.37 -34.05 8.72
CA VAL B 292 13.25 -33.49 9.46
C VAL B 292 12.05 -33.38 8.53
N ILE B 293 10.91 -33.88 8.97
CA ILE B 293 9.63 -33.65 8.30
C ILE B 293 8.89 -32.59 9.09
N MET B 294 8.67 -31.44 8.46
CA MET B 294 8.08 -30.28 9.13
C MET B 294 6.62 -30.14 8.70
N LEU B 295 5.71 -30.26 9.65
CA LEU B 295 4.28 -30.14 9.39
C LEU B 295 3.79 -28.77 9.86
N GLY B 296 3.13 -28.05 8.96
CA GLY B 296 2.56 -26.77 9.33
C GLY B 296 3.62 -25.71 9.55
N ARG B 297 3.29 -24.76 10.45
CA ARG B 297 4.12 -23.59 10.72
C ARG B 297 4.57 -23.60 12.17
N PRO B 298 5.73 -24.15 12.47
CA PRO B 298 6.23 -24.15 13.86
C PRO B 298 6.71 -22.77 14.28
N THR B 299 6.39 -22.41 15.52
CA THR B 299 6.81 -21.15 16.10
C THR B 299 7.48 -21.30 17.46
N LEU B 300 7.56 -22.50 18.03
CA LEU B 300 7.96 -22.69 19.42
C LEU B 300 9.28 -23.44 19.52
N HIS B 301 10.01 -23.14 20.61
CA HIS B 301 11.21 -23.85 21.04
C HIS B 301 12.43 -23.55 20.17
N ARG B 302 13.49 -23.05 20.82
CA ARG B 302 14.76 -22.83 20.13
C ARG B 302 15.40 -24.13 19.64
N PRO B 303 15.35 -25.26 20.35
CA PRO B 303 15.86 -26.51 19.76
C PRO B 303 15.21 -26.82 18.42
N VAL B 304 13.92 -26.51 18.27
CA VAL B 304 13.25 -26.70 16.99
C VAL B 304 13.82 -25.76 15.93
N SER B 305 14.04 -24.49 16.30
CA SER B 305 14.53 -23.51 15.33
C SER B 305 15.94 -23.84 14.87
N VAL B 306 16.78 -24.34 15.78
CA VAL B 306 18.16 -24.65 15.42
C VAL B 306 18.21 -25.85 14.47
N LEU B 307 17.44 -26.90 14.78
CA LEU B 307 17.47 -28.11 13.97
C LEU B 307 16.97 -27.85 12.55
N LEU B 308 15.89 -27.07 12.42
CA LEU B 308 15.35 -26.79 11.09
C LEU B 308 16.32 -25.97 10.26
N ALA B 309 17.19 -25.20 10.90
CA ALA B 309 18.16 -24.38 10.20
C ALA B 309 19.48 -25.11 9.93
N ASP B 310 19.61 -26.35 10.39
CA ASP B 310 20.84 -27.10 10.22
C ASP B 310 21.02 -27.47 8.74
N ALA B 311 22.04 -26.90 8.10
CA ALA B 311 22.25 -27.12 6.68
C ALA B 311 22.54 -28.58 6.35
N GLU B 312 23.02 -29.37 7.31
CA GLU B 312 23.30 -30.78 7.09
C GLU B 312 22.08 -31.67 7.32
N VAL B 313 20.92 -31.08 7.61
CA VAL B 313 19.71 -31.85 7.88
C VAL B 313 18.65 -31.48 6.85
N PRO B 314 18.31 -32.38 5.91
CA PRO B 314 17.24 -32.08 4.96
C PRO B 314 15.90 -31.92 5.68
N VAL B 315 15.19 -30.85 5.34
CA VAL B 315 13.91 -30.52 5.95
C VAL B 315 12.85 -30.51 4.85
N PHE B 316 11.86 -31.40 4.97
CA PHE B 316 10.75 -31.47 4.05
C PHE B 316 9.53 -30.84 4.69
N ALA B 317 8.99 -29.81 4.05
CA ALA B 317 7.88 -29.03 4.60
C ALA B 317 6.57 -29.51 3.98
N LEU B 318 5.69 -30.07 4.80
CA LEU B 318 4.36 -30.49 4.36
C LEU B 318 3.34 -29.53 4.95
N THR B 319 2.55 -28.90 4.09
CA THR B 319 1.60 -27.88 4.48
C THR B 319 0.22 -28.22 3.92
N THR B 320 -0.80 -27.63 4.54
CA THR B 320 -2.17 -27.75 4.01
C THR B 320 -2.53 -26.60 3.08
N GLY B 321 -1.72 -25.55 3.02
CA GLY B 321 -1.97 -24.41 2.18
C GLY B 321 -0.81 -24.11 1.26
N PRO B 322 -0.96 -23.07 0.43
CA PRO B 322 0.10 -22.73 -0.53
C PRO B 322 1.41 -22.26 0.11
N ARG B 323 1.37 -21.76 1.34
CA ARG B 323 2.58 -21.26 1.97
C ARG B 323 3.35 -22.38 2.65
N TRP B 324 4.67 -22.20 2.73
CA TRP B 324 5.55 -23.09 3.47
C TRP B 324 6.58 -22.24 4.20
N PRO B 325 7.02 -22.67 5.37
CA PRO B 325 7.99 -21.88 6.13
C PRO B 325 9.42 -22.36 5.94
N ASP B 326 10.39 -21.52 6.33
CA ASP B 326 11.79 -21.92 6.35
C ASP B 326 12.50 -21.23 7.50
N VAL B 327 13.56 -21.87 7.98
CA VAL B 327 14.50 -21.28 8.92
C VAL B 327 15.84 -21.21 8.23
N SER B 328 16.33 -19.99 8.00
CA SER B 328 17.62 -19.75 7.34
C SER B 328 17.66 -20.35 5.93
N GLY B 329 16.51 -20.48 5.31
CA GLY B 329 16.43 -21.00 3.95
C GLY B 329 16.85 -22.45 3.82
N ASN B 330 16.51 -23.29 4.80
CA ASN B 330 16.94 -24.68 4.83
C ASN B 330 15.80 -25.65 4.55
N SER B 331 14.72 -25.19 3.94
CA SER B 331 13.65 -26.10 3.51
C SER B 331 14.04 -26.69 2.16
N GLN B 332 14.30 -27.99 2.14
CA GLN B 332 14.78 -28.65 0.93
C GLN B 332 13.65 -28.91 -0.07
N ALA B 333 12.46 -29.25 0.42
CA ALA B 333 11.34 -29.54 -0.45
C ALA B 333 10.04 -29.26 0.28
N THR B 334 8.98 -29.02 -0.50
CA THR B 334 7.66 -28.74 0.04
C THR B 334 6.63 -29.61 -0.64
N GLY B 335 5.61 -30.00 0.11
CA GLY B 335 4.52 -30.77 -0.43
C GLY B 335 3.31 -30.69 0.47
N THR B 336 2.31 -31.52 0.16
CA THR B 336 1.14 -31.67 1.00
C THR B 336 1.10 -33.01 1.72
N ARG B 337 1.70 -34.04 1.14
CA ARG B 337 1.76 -35.35 1.79
C ARG B 337 3.08 -36.00 1.41
N ALA B 338 3.39 -37.10 2.10
CA ALA B 338 4.59 -37.87 1.85
C ALA B 338 4.24 -39.20 1.21
N VAL B 339 5.03 -39.61 0.22
CA VAL B 339 5.03 -40.98 -0.27
C VAL B 339 6.26 -41.63 0.34
N THR B 340 6.06 -42.44 1.37
CA THR B 340 7.15 -42.90 2.21
C THR B 340 7.70 -44.23 1.71
N THR B 341 9.04 -44.33 1.73
CA THR B 341 9.76 -45.56 1.46
C THR B 341 10.45 -45.99 2.76
N GLY B 342 10.58 -47.31 2.93
CA GLY B 342 11.26 -47.83 4.09
C GLY B 342 10.52 -47.60 5.40
N ALA B 343 11.27 -47.72 6.50
CA ALA B 343 10.71 -47.60 7.84
C ALA B 343 11.83 -47.23 8.81
N PRO B 344 11.51 -46.55 9.91
CA PRO B 344 12.56 -46.10 10.83
C PRO B 344 13.29 -47.26 11.49
N ARG B 345 14.56 -47.02 11.80
CA ARG B 345 15.35 -48.01 12.52
C ARG B 345 14.79 -48.20 13.92
N PRO B 346 14.64 -49.44 14.40
CA PRO B 346 14.20 -49.63 15.79
C PRO B 346 15.15 -49.01 16.80
N ALA B 347 16.46 -49.09 16.54
CA ALA B 347 17.42 -48.46 17.44
C ALA B 347 17.22 -46.96 17.52
N TRP B 348 16.81 -46.33 16.41
CA TRP B 348 16.52 -44.90 16.44
C TRP B 348 15.22 -44.60 17.16
N LEU B 349 14.20 -45.46 16.97
CA LEU B 349 12.94 -45.30 17.69
C LEU B 349 13.15 -45.44 19.19
N ASP B 350 13.90 -46.47 19.61
CA ASP B 350 14.08 -46.74 21.03
C ASP B 350 14.86 -45.62 21.72
N ARG B 351 15.85 -45.05 21.04
CA ARG B 351 16.63 -43.99 21.66
C ARG B 351 15.87 -42.67 21.68
N CYS B 352 15.04 -42.41 20.67
CA CYS B 352 14.14 -41.27 20.74
C CYS B 352 13.14 -41.43 21.89
N ALA B 353 12.61 -42.65 22.05
CA ALA B 353 11.65 -42.90 23.13
C ALA B 353 12.30 -42.74 24.49
N ALA B 354 13.57 -43.15 24.62
CA ALA B 354 14.25 -43.04 25.91
C ALA B 354 14.53 -41.60 26.27
N MET B 355 14.92 -40.77 25.29
CA MET B 355 15.15 -39.36 25.57
C MET B 355 13.85 -38.64 25.90
N ASN B 356 12.78 -39.01 25.20
CA ASN B 356 11.45 -38.50 25.53
C ASN B 356 11.13 -38.77 26.99
N ARG B 357 11.45 -39.98 27.46
CA ARG B 357 11.24 -40.33 28.86
C ARG B 357 12.14 -39.50 29.78
N HIS B 358 13.39 -39.28 29.37
CA HIS B 358 14.31 -38.52 30.20
C HIS B 358 13.85 -37.08 30.34
N ALA B 359 13.35 -36.49 29.27
CA ALA B 359 12.87 -35.11 29.33
C ALA B 359 11.60 -35.01 30.15
N ILE B 360 10.68 -35.96 29.99
CA ILE B 360 9.46 -35.98 30.81
C ILE B 360 9.81 -36.07 32.28
N ALA B 361 10.80 -36.92 32.62
CA ALA B 361 11.17 -37.13 34.02
C ALA B 361 11.90 -35.92 34.60
N ALA B 362 12.77 -35.27 33.80
CA ALA B 362 13.46 -34.08 34.28
C ALA B 362 12.48 -32.98 34.63
N VAL B 363 11.39 -32.87 33.86
CA VAL B 363 10.41 -31.82 34.12
C VAL B 363 9.64 -32.12 35.41
N ARG B 364 9.04 -33.31 35.49
CA ARG B 364 8.21 -33.63 36.65
C ARG B 364 9.02 -33.65 37.93
N GLU B 365 10.27 -34.13 37.87
CA GLU B 365 11.07 -34.24 39.08
C GLU B 365 11.58 -32.87 39.54
N GLN B 366 12.06 -32.05 38.61
CA GLN B 366 12.52 -30.72 38.99
C GLN B 366 11.37 -29.82 39.41
N LEU B 367 10.20 -29.98 38.79
CA LEU B 367 9.02 -29.26 39.24
C LEU B 367 8.68 -29.63 40.67
N ALA B 368 8.64 -30.93 40.97
CA ALA B 368 8.35 -31.38 42.33
C ALA B 368 9.39 -30.85 43.31
N ALA B 369 10.67 -30.88 42.93
CA ALA B 369 11.72 -30.40 43.82
C ALA B 369 11.73 -28.88 43.95
N HIS B 370 11.08 -28.17 43.03
CA HIS B 370 11.05 -26.71 43.11
C HIS B 370 10.12 -26.29 44.23
N PRO B 371 10.54 -25.36 45.10
CA PRO B 371 9.68 -24.92 46.20
C PRO B 371 8.49 -24.09 45.73
N LEU B 372 8.77 -23.04 44.95
CA LEU B 372 7.76 -22.07 44.58
C LEU B 372 6.93 -22.58 43.39
N THR B 373 5.73 -22.00 43.27
CA THR B 373 4.86 -22.28 42.13
C THR B 373 5.21 -21.34 40.99
N THR B 374 5.44 -21.91 39.81
CA THR B 374 5.67 -21.15 38.59
C THR B 374 4.58 -21.49 37.58
N GLY B 375 4.54 -20.73 36.49
CA GLY B 375 3.58 -21.00 35.44
C GLY B 375 3.71 -22.39 34.87
N LEU B 376 4.93 -22.94 34.86
CA LEU B 376 5.12 -24.32 34.41
C LEU B 376 4.39 -25.30 35.31
N HIS B 377 4.38 -25.05 36.62
CA HIS B 377 3.56 -25.83 37.53
C HIS B 377 2.09 -25.72 37.18
N VAL B 378 1.61 -24.49 36.99
CA VAL B 378 0.21 -24.26 36.66
C VAL B 378 -0.17 -24.98 35.38
N ALA B 379 0.71 -24.91 34.36
CA ALA B 379 0.43 -25.58 33.10
C ALA B 379 0.32 -27.09 33.29
N ALA B 380 1.18 -27.68 34.12
CA ALA B 380 1.12 -29.11 34.38
C ALA B 380 -0.19 -29.49 35.05
N ALA B 381 -0.66 -28.67 35.99
CA ALA B 381 -1.93 -28.94 36.66
C ALA B 381 -3.09 -28.87 35.68
N VAL B 382 -3.14 -27.79 34.89
CA VAL B 382 -4.17 -27.66 33.86
C VAL B 382 -4.15 -28.84 32.91
N SER B 383 -2.96 -29.39 32.64
CA SER B 383 -2.83 -30.45 31.65
CA SER B 383 -2.84 -30.45 31.65
C SER B 383 -3.32 -31.79 32.18
N HIS B 384 -3.05 -32.11 33.45
N HIS B 384 -3.05 -32.10 33.45
CA HIS B 384 -3.56 -33.35 34.02
CA HIS B 384 -3.54 -33.33 34.05
C HIS B 384 -5.08 -33.32 34.12
C HIS B 384 -5.06 -33.32 34.22
N ALA B 385 -5.67 -32.14 34.27
CA ALA B 385 -7.10 -32.01 34.50
C ALA B 385 -7.93 -32.09 33.23
N LEU B 386 -7.32 -32.02 32.05
CA LEU B 386 -8.08 -32.03 30.80
C LEU B 386 -8.63 -33.42 30.51
N ARG B 387 -9.84 -33.46 29.96
CA ARG B 387 -10.51 -34.69 29.58
C ARG B 387 -10.87 -34.66 28.10
N PRO B 388 -10.93 -35.82 27.44
CA PRO B 388 -11.31 -35.85 26.02
C PRO B 388 -12.63 -35.13 25.79
N GLY B 389 -12.71 -34.43 24.66
CA GLY B 389 -13.83 -33.57 24.36
C GLY B 389 -13.65 -32.12 24.79
N ASP B 390 -12.63 -31.83 25.61
CA ASP B 390 -12.40 -30.48 26.08
C ASP B 390 -11.85 -29.60 24.95
N GLN B 391 -12.06 -28.30 25.10
CA GLN B 391 -11.40 -27.30 24.29
C GLN B 391 -10.42 -26.52 25.16
N LEU B 392 -9.16 -26.48 24.75
CA LEU B 392 -8.10 -25.80 25.49
C LEU B 392 -7.64 -24.60 24.69
N VAL B 393 -7.74 -23.41 25.28
CA VAL B 393 -7.29 -22.17 24.67
C VAL B 393 -6.03 -21.72 25.39
N LEU B 394 -4.93 -21.63 24.67
CA LEU B 394 -3.63 -21.31 25.26
C LEU B 394 -3.25 -19.89 24.88
N GLY B 395 -2.94 -19.08 25.88
CA GLY B 395 -2.36 -17.79 25.62
C GLY B 395 -0.94 -17.92 25.09
N ALA B 396 -0.43 -16.82 24.55
CA ALA B 396 0.92 -16.79 24.03
C ALA B 396 1.90 -16.79 25.20
N SER B 397 3.17 -16.45 24.92
CA SER B 397 4.21 -16.34 25.94
C SER B 397 4.52 -17.70 26.53
N ASN B 398 4.68 -17.78 27.84
CA ASN B 398 5.08 -19.02 28.48
C ASN B 398 3.97 -20.09 28.49
N PRO B 399 2.69 -19.73 28.69
CA PRO B 399 1.67 -20.79 28.76
C PRO B 399 1.65 -21.79 27.60
N VAL B 400 1.67 -21.32 26.35
CA VAL B 400 1.62 -22.26 25.24
C VAL B 400 2.88 -23.11 25.18
N ARG B 401 4.01 -22.57 25.65
CA ARG B 401 5.24 -23.35 25.70
C ARG B 401 5.24 -24.30 26.90
N ASP B 402 4.83 -23.79 28.07
CA ASP B 402 4.84 -24.61 29.28
C ASP B 402 3.96 -25.86 29.11
N VAL B 403 2.84 -25.70 28.41
CA VAL B 403 1.95 -26.84 28.17
C VAL B 403 2.65 -27.90 27.35
N ALA B 404 3.52 -27.49 26.41
CA ALA B 404 4.33 -28.46 25.67
C ALA B 404 5.43 -29.04 26.56
N LEU B 405 6.00 -28.23 27.44
CA LEU B 405 7.03 -28.72 28.35
C LEU B 405 6.49 -29.74 29.33
N ALA B 406 5.23 -29.60 29.73
CA ALA B 406 4.59 -30.55 30.63
C ALA B 406 4.14 -31.82 29.93
N GLY B 407 4.37 -31.94 28.62
CA GLY B 407 4.05 -33.17 27.91
C GLY B 407 2.57 -33.45 27.74
N LEU B 408 1.75 -32.40 27.61
CA LEU B 408 0.32 -32.58 27.42
C LEU B 408 0.05 -33.49 26.22
N ASP B 409 -0.85 -34.46 26.42
CA ASP B 409 -1.31 -35.33 25.33
C ASP B 409 -2.59 -34.73 24.76
N THR B 410 -2.47 -34.10 23.59
CA THR B 410 -3.57 -33.35 23.00
C THR B 410 -4.60 -34.23 22.29
N ARG B 411 -4.36 -35.54 22.21
CA ARG B 411 -5.27 -36.40 21.45
C ARG B 411 -6.64 -36.45 22.12
N GLY B 412 -7.70 -36.33 21.32
CA GLY B 412 -9.04 -36.20 21.82
C GLY B 412 -9.42 -34.81 22.27
N ILE B 413 -8.53 -33.82 22.09
CA ILE B 413 -8.72 -32.47 22.59
C ILE B 413 -8.57 -31.50 21.42
N ARG B 414 -9.33 -30.42 21.46
CA ARG B 414 -9.18 -29.32 20.51
CA ARG B 414 -9.19 -29.32 20.51
C ARG B 414 -8.43 -28.20 21.20
N VAL B 415 -7.27 -27.84 20.66
CA VAL B 415 -6.39 -26.85 21.26
C VAL B 415 -6.30 -25.65 20.33
N ARG B 416 -6.64 -24.48 20.84
CA ARG B 416 -6.56 -23.23 20.08
C ARG B 416 -5.52 -22.30 20.70
N SER B 417 -4.92 -21.48 19.85
CA SER B 417 -4.07 -20.37 20.27
C SER B 417 -3.75 -19.53 19.04
N ASN B 418 -3.65 -18.21 19.24
CA ASN B 418 -3.41 -17.29 18.14
C ASN B 418 -1.92 -17.30 17.78
N ARG B 419 -1.51 -18.41 17.16
CA ARG B 419 -0.14 -18.56 16.70
C ARG B 419 0.15 -17.78 15.42
N GLY B 420 -0.87 -17.17 14.81
CA GLY B 420 -0.65 -16.45 13.57
C GLY B 420 0.45 -15.42 13.68
N VAL B 421 0.39 -14.58 14.72
CA VAL B 421 1.39 -13.53 14.92
C VAL B 421 1.67 -13.43 16.42
N ALA B 422 1.12 -14.38 17.19
CA ALA B 422 1.56 -14.65 18.57
C ALA B 422 1.40 -13.44 19.48
N GLY B 423 0.30 -12.72 19.34
CA GLY B 423 0.07 -11.60 20.22
C GLY B 423 -0.49 -12.00 21.56
N ILE B 424 -0.24 -11.14 22.55
CA ILE B 424 -0.87 -11.27 23.86
C ILE B 424 -2.15 -10.43 23.93
N ASP B 425 -2.57 -9.85 22.82
CA ASP B 425 -3.81 -9.10 22.77
C ASP B 425 -4.98 -10.02 22.40
N GLY B 426 -6.16 -9.69 22.95
CA GLY B 426 -7.39 -10.33 22.53
C GLY B 426 -7.59 -11.79 22.92
N THR B 427 -6.81 -12.31 23.86
CA THR B 427 -6.91 -13.73 24.17
C THR B 427 -8.16 -14.05 24.98
N VAL B 428 -8.63 -13.12 25.81
CA VAL B 428 -9.83 -13.37 26.60
C VAL B 428 -11.03 -13.56 25.69
N SER B 429 -11.19 -12.66 24.70
CA SER B 429 -12.33 -12.76 23.79
C SER B 429 -12.16 -13.90 22.81
N THR B 430 -10.92 -14.26 22.46
CA THR B 430 -10.69 -15.45 21.67
C THR B 430 -11.19 -16.70 22.42
N ALA B 431 -10.89 -16.78 23.71
CA ALA B 431 -11.40 -17.88 24.52
C ALA B 431 -12.92 -17.85 24.60
N ILE B 432 -13.49 -16.65 24.82
CA ILE B 432 -14.94 -16.52 24.92
C ILE B 432 -15.60 -16.88 23.59
N GLY B 433 -15.02 -16.42 22.48
CA GLY B 433 -15.56 -16.78 21.18
C GLY B 433 -15.44 -18.26 20.88
N ALA B 434 -14.29 -18.85 21.21
CA ALA B 434 -14.10 -20.28 20.99
C ALA B 434 -15.08 -21.10 21.81
N ALA B 435 -15.28 -20.71 23.08
CA ALA B 435 -16.24 -21.41 23.93
C ALA B 435 -17.65 -21.33 23.35
N LEU B 436 -18.05 -20.14 22.90
CA LEU B 436 -19.41 -19.97 22.39
C LEU B 436 -19.64 -20.79 21.13
N ALA B 437 -18.63 -20.85 20.24
CA ALA B 437 -18.79 -21.60 19.00
C ALA B 437 -18.73 -23.11 19.22
N TYR B 438 -17.78 -23.55 20.06
CA TYR B 438 -17.67 -24.98 20.38
C TYR B 438 -18.96 -25.49 21.02
N GLU B 439 -19.48 -24.74 21.99
CA GLU B 439 -20.72 -25.13 22.66
C GLU B 439 -21.89 -25.14 21.68
N GLY B 440 -21.97 -24.12 20.83
CA GLY B 440 -23.05 -24.09 19.85
C GLY B 440 -23.05 -25.30 18.93
N ALA B 441 -21.85 -25.74 18.53
CA ALA B 441 -21.76 -26.96 17.73
C ALA B 441 -22.29 -28.16 18.50
N HIS B 442 -21.97 -28.24 19.80
CA HIS B 442 -22.44 -29.35 20.61
C HIS B 442 -23.96 -29.32 20.76
N GLU B 443 -24.52 -28.15 21.07
CA GLU B 443 -25.97 -28.02 21.16
C GLU B 443 -26.63 -28.36 19.84
N ARG B 444 -25.95 -28.11 18.72
CA ARG B 444 -26.52 -28.43 17.42
C ARG B 444 -26.62 -29.93 17.20
N THR B 445 -25.67 -30.70 17.72
CA THR B 445 -25.75 -32.15 17.62
C THR B 445 -26.97 -32.70 18.36
N GLY B 446 -27.55 -31.91 19.25
CA GLY B 446 -28.73 -32.34 19.99
C GLY B 446 -28.44 -33.32 21.11
N SER B 447 -27.18 -33.54 21.44
CA SER B 447 -26.84 -34.48 22.50
C SER B 447 -27.36 -33.97 23.84
N PRO B 448 -27.80 -34.87 24.72
CA PRO B 448 -28.34 -34.44 26.02
C PRO B 448 -27.27 -34.03 27.02
N ASP B 449 -26.01 -34.31 26.75
CA ASP B 449 -24.96 -34.12 27.74
C ASP B 449 -24.67 -32.64 27.97
N SER B 450 -23.96 -32.36 29.06
CA SER B 450 -23.52 -31.02 29.35
C SER B 450 -22.67 -30.48 28.20
N PRO B 451 -22.72 -29.18 27.94
CA PRO B 451 -21.83 -28.61 26.93
C PRO B 451 -20.38 -28.79 27.33
N PRO B 452 -19.51 -29.15 26.38
CA PRO B 452 -18.13 -29.48 26.74
C PRO B 452 -17.42 -28.27 27.34
N ARG B 453 -16.39 -28.56 28.14
CA ARG B 453 -15.65 -27.51 28.83
C ARG B 453 -14.70 -26.82 27.86
N THR B 454 -14.61 -25.50 27.99
CA THR B 454 -13.53 -24.72 27.41
C THR B 454 -12.67 -24.21 28.56
N ILE B 455 -11.42 -24.63 28.59
CA ILE B 455 -10.46 -24.22 29.62
C ILE B 455 -9.37 -23.41 28.94
N ALA B 456 -9.10 -22.22 29.47
CA ALA B 456 -8.09 -21.32 28.93
C ALA B 456 -6.97 -21.15 29.94
N LEU B 457 -5.73 -21.25 29.47
CA LEU B 457 -4.56 -20.93 30.27
C LEU B 457 -3.85 -19.75 29.63
N ILE B 458 -3.78 -18.63 30.36
CA ILE B 458 -3.20 -17.40 29.84
C ILE B 458 -2.34 -16.78 30.94
N GLY B 459 -1.30 -16.06 30.52
CA GLY B 459 -0.49 -15.33 31.46
C GLY B 459 -1.23 -14.13 32.04
N ASP B 460 -0.58 -13.47 33.01
CA ASP B 460 -1.23 -12.34 33.65
C ASP B 460 -1.22 -11.09 32.77
N LEU B 461 -0.10 -10.80 32.12
CA LEU B 461 -0.07 -9.71 31.15
C LEU B 461 -1.14 -9.91 30.08
N THR B 462 -1.25 -11.15 29.58
CA THR B 462 -2.26 -11.47 28.58
C THR B 462 -3.66 -11.19 29.09
N PHE B 463 -3.92 -11.49 30.37
CA PHE B 463 -5.23 -11.23 30.94
C PHE B 463 -5.51 -9.73 31.05
N VAL B 464 -4.55 -8.98 31.59
CA VAL B 464 -4.70 -7.53 31.71
C VAL B 464 -4.90 -6.90 30.34
N HIS B 465 -4.18 -7.40 29.34
CA HIS B 465 -4.27 -6.84 27.99
C HIS B 465 -5.70 -6.82 27.47
N ASP B 466 -6.45 -7.90 27.72
CA ASP B 466 -7.79 -8.06 27.18
C ASP B 466 -8.84 -8.14 28.28
N SER B 467 -8.62 -7.43 29.40
CA SER B 467 -9.61 -7.44 30.48
C SER B 467 -10.95 -6.93 29.99
N SER B 468 -10.95 -5.97 29.06
CA SER B 468 -12.18 -5.45 28.48
C SER B 468 -13.05 -6.57 27.90
N GLY B 469 -12.44 -7.67 27.47
CA GLY B 469 -13.19 -8.79 26.94
C GLY B 469 -14.17 -9.40 27.92
N LEU B 470 -13.95 -9.21 29.22
CA LEU B 470 -14.83 -9.80 30.22
C LEU B 470 -16.17 -9.09 30.31
N LEU B 471 -16.28 -7.87 29.80
CA LEU B 471 -17.50 -7.07 29.92
C LEU B 471 -18.45 -7.47 28.81
N ILE B 472 -19.49 -8.22 29.16
CA ILE B 472 -20.49 -8.70 28.22
C ILE B 472 -21.86 -8.33 28.75
N GLY B 473 -22.60 -7.52 28.00
CA GLY B 473 -23.92 -7.10 28.41
C GLY B 473 -24.89 -8.25 28.55
N PRO B 474 -25.99 -8.03 29.29
CA PRO B 474 -26.96 -9.11 29.49
C PRO B 474 -27.62 -9.56 28.20
N THR B 475 -27.75 -8.66 27.23
CA THR B 475 -28.38 -8.98 25.95
C THR B 475 -27.53 -9.89 25.07
N GLU B 476 -26.31 -10.22 25.48
CA GLU B 476 -25.38 -10.87 24.58
C GLU B 476 -25.09 -12.30 25.02
N PRO B 477 -24.69 -13.17 24.09
CA PRO B 477 -24.40 -14.56 24.44
C PRO B 477 -23.21 -14.67 25.39
N ILE B 478 -23.31 -15.59 26.34
CA ILE B 478 -22.28 -15.81 27.35
C ILE B 478 -21.96 -17.30 27.38
N PRO B 479 -20.70 -17.70 27.47
CA PRO B 479 -20.36 -19.13 27.47
C PRO B 479 -20.97 -19.84 28.67
N ARG B 480 -21.35 -21.11 28.46
CA ARG B 480 -21.99 -21.90 29.50
C ARG B 480 -21.00 -22.67 30.35
N SER B 481 -19.82 -23.01 29.81
CA SER B 481 -18.82 -23.76 30.57
C SER B 481 -17.44 -23.33 30.09
N LEU B 482 -17.07 -22.10 30.41
CA LEU B 482 -15.75 -21.57 30.13
C LEU B 482 -15.04 -21.27 31.43
N THR B 483 -13.79 -21.74 31.56
CA THR B 483 -12.94 -21.39 32.69
C THR B 483 -11.64 -20.84 32.15
N ILE B 484 -11.31 -19.62 32.55
CA ILE B 484 -10.05 -18.97 32.19
C ILE B 484 -9.12 -19.09 33.39
N VAL B 485 -8.04 -19.86 33.24
CA VAL B 485 -7.05 -20.01 34.29
C VAL B 485 -5.94 -19.00 34.05
N VAL B 486 -5.74 -18.09 34.99
CA VAL B 486 -4.74 -17.03 34.90
C VAL B 486 -3.59 -17.40 35.81
N SER B 487 -2.50 -17.89 35.23
CA SER B 487 -1.24 -18.07 35.96
C SER B 487 -0.58 -16.70 36.07
N ASN B 488 -0.57 -16.14 37.28
CA ASN B 488 -0.21 -14.74 37.50
C ASN B 488 1.11 -14.69 38.26
N ASP B 489 2.20 -14.43 37.55
CA ASP B 489 3.50 -14.18 38.17
C ASP B 489 3.91 -12.71 38.05
N ASN B 490 2.93 -11.81 38.02
CA ASN B 490 3.11 -10.37 38.07
C ASN B 490 4.20 -9.89 37.09
N GLY B 491 4.00 -10.22 35.84
CA GLY B 491 4.88 -9.77 34.78
C GLY B 491 5.09 -10.85 33.75
N GLY B 492 5.99 -10.57 32.82
CA GLY B 492 6.30 -11.49 31.75
C GLY B 492 7.40 -12.47 32.11
N GLY B 493 7.01 -13.65 32.60
CA GLY B 493 7.99 -14.64 33.02
C GLY B 493 8.86 -15.17 31.90
N ILE B 494 8.40 -15.06 30.65
CA ILE B 494 9.14 -15.64 29.53
C ILE B 494 10.48 -14.94 29.34
N PHE B 495 10.60 -13.68 29.77
CA PHE B 495 11.84 -12.94 29.58
C PHE B 495 12.92 -13.37 30.57
N GLU B 496 12.56 -14.04 31.66
CA GLU B 496 13.56 -14.66 32.52
C GLU B 496 14.31 -15.77 31.78
N LEU B 497 13.73 -16.31 30.71
CA LEU B 497 14.32 -17.43 29.98
C LEU B 497 15.04 -16.99 28.71
N LEU B 498 15.26 -15.69 28.52
CA LEU B 498 15.97 -15.17 27.36
C LEU B 498 17.25 -14.47 27.81
N GLU B 499 17.98 -13.94 26.82
CA GLU B 499 19.29 -13.33 27.10
C GLU B 499 19.17 -12.16 28.07
N GLN B 500 18.05 -11.44 28.04
CA GLN B 500 17.85 -10.35 28.99
C GLN B 500 17.56 -10.86 30.39
N GLY B 501 17.27 -12.14 30.56
CA GLY B 501 17.06 -12.76 31.85
C GLY B 501 18.32 -13.23 32.54
N ASP B 502 19.47 -13.14 31.87
CA ASP B 502 20.73 -13.47 32.49
C ASP B 502 20.96 -12.56 33.71
N PRO B 503 21.59 -13.08 34.78
CA PRO B 503 21.76 -12.27 36.00
C PRO B 503 22.54 -10.99 35.78
N ARG B 504 23.35 -10.88 34.73
CA ARG B 504 24.10 -9.65 34.50
C ARG B 504 23.21 -8.47 34.14
N PHE B 505 21.91 -8.69 34.00
CA PHE B 505 20.95 -7.61 33.75
C PHE B 505 19.94 -7.43 34.87
N SER B 506 20.07 -8.17 35.98
CA SER B 506 19.14 -8.05 37.09
C SER B 506 19.00 -6.61 37.57
N ASP B 507 20.09 -5.84 37.48
CA ASP B 507 20.06 -4.40 37.67
C ASP B 507 18.90 -3.74 36.91
N VAL B 508 18.76 -4.08 35.63
CA VAL B 508 17.99 -3.28 34.70
C VAL B 508 16.76 -3.99 34.15
N SER B 509 16.75 -5.33 34.10
CA SER B 509 15.73 -6.04 33.33
C SER B 509 14.37 -6.01 34.01
N SER B 510 14.31 -5.83 35.33
CA SER B 510 13.05 -5.87 36.05
C SER B 510 12.03 -4.93 35.43
N ARG B 511 12.44 -3.68 35.16
CA ARG B 511 11.52 -2.64 34.73
C ARG B 511 11.11 -2.80 33.27
N ILE B 512 12.07 -3.12 32.39
CA ILE B 512 11.84 -3.06 30.95
C ILE B 512 11.45 -4.40 30.34
N PHE B 513 11.59 -5.50 31.07
CA PHE B 513 11.11 -6.78 30.57
C PHE B 513 10.18 -7.48 31.54
N GLY B 514 10.42 -7.36 32.85
CA GLY B 514 9.52 -7.95 33.82
C GLY B 514 8.16 -7.29 33.81
N THR B 515 8.12 -5.96 33.77
CA THR B 515 6.92 -5.16 33.77
C THR B 515 5.90 -5.63 34.82
N PRO B 516 6.25 -5.53 36.11
CA PRO B 516 5.26 -5.85 37.15
C PRO B 516 4.20 -4.77 37.22
N HIS B 517 3.01 -5.16 37.66
CA HIS B 517 1.85 -4.28 37.62
C HIS B 517 1.01 -4.25 38.89
N ASP B 518 1.07 -5.28 39.74
CA ASP B 518 0.36 -5.31 41.02
C ASP B 518 -1.15 -5.22 40.85
N VAL B 519 -1.68 -5.74 39.74
CA VAL B 519 -3.11 -5.69 39.51
C VAL B 519 -3.84 -6.66 40.44
N ASP B 520 -4.93 -6.19 41.06
CA ASP B 520 -5.81 -7.04 41.84
C ASP B 520 -6.74 -7.75 40.87
N VAL B 521 -6.40 -8.99 40.51
CA VAL B 521 -7.16 -9.72 39.51
C VAL B 521 -8.59 -9.97 39.99
N GLY B 522 -8.75 -10.28 41.28
CA GLY B 522 -10.09 -10.52 41.81
C GLY B 522 -10.99 -9.31 41.70
N ALA B 523 -10.47 -8.14 42.07
CA ALA B 523 -11.27 -6.91 42.00
C ALA B 523 -11.66 -6.59 40.56
N LEU B 524 -10.75 -6.82 39.61
CA LEU B 524 -11.08 -6.60 38.21
C LEU B 524 -12.23 -7.50 37.77
N CYS B 525 -12.21 -8.76 38.20
CA CYS B 525 -13.29 -9.68 37.87
C CYS B 525 -14.59 -9.26 38.53
N ARG B 526 -14.52 -8.76 39.77
CA ARG B 526 -15.72 -8.30 40.47
C ARG B 526 -16.37 -7.14 39.72
N ALA B 527 -15.55 -6.25 39.13
CA ALA B 527 -16.11 -5.09 38.45
C ALA B 527 -16.94 -5.50 37.24
N TYR B 528 -16.54 -6.57 36.56
CA TYR B 528 -17.26 -7.05 35.39
C TYR B 528 -18.27 -8.16 35.72
N HIS B 529 -18.52 -8.40 37.01
CA HIS B 529 -19.49 -9.40 37.45
C HIS B 529 -19.13 -10.79 36.93
N VAL B 530 -17.85 -11.13 36.98
CA VAL B 530 -17.34 -12.43 36.53
C VAL B 530 -16.94 -13.23 37.75
N GLU B 531 -17.44 -14.45 37.85
CA GLU B 531 -17.09 -15.33 38.96
C GLU B 531 -15.57 -15.55 38.98
N SER B 532 -14.98 -15.38 40.16
CA SER B 532 -13.52 -15.40 40.29
C SER B 532 -13.13 -16.08 41.58
N ARG B 533 -12.07 -16.87 41.54
CA ARG B 533 -11.53 -17.53 42.71
C ARG B 533 -10.01 -17.59 42.59
N GLN B 534 -9.32 -17.30 43.69
CA GLN B 534 -7.87 -17.43 43.76
C GLN B 534 -7.53 -18.69 44.52
N ILE B 535 -6.76 -19.57 43.88
CA ILE B 535 -6.43 -20.88 44.45
C ILE B 535 -4.95 -21.16 44.25
N GLU B 536 -4.44 -22.08 45.06
CA GLU B 536 -3.08 -22.57 44.88
C GLU B 536 -3.10 -23.79 43.96
N VAL B 537 -1.91 -24.14 43.47
CA VAL B 537 -1.82 -25.02 42.29
C VAL B 537 -2.42 -26.39 42.57
N ASP B 538 -2.29 -26.89 43.81
CA ASP B 538 -2.85 -28.18 44.15
C ASP B 538 -4.38 -28.20 44.06
N GLU B 539 -5.02 -27.03 44.18
CA GLU B 539 -6.47 -26.94 44.16
C GLU B 539 -7.04 -26.74 42.76
N LEU B 540 -6.18 -26.54 41.76
CA LEU B 540 -6.66 -26.22 40.41
C LEU B 540 -7.43 -27.38 39.79
N GLY B 541 -6.83 -28.57 39.79
CA GLY B 541 -7.48 -29.76 39.32
C GLY B 541 -8.86 -29.99 39.92
N PRO B 542 -8.94 -30.01 41.26
CA PRO B 542 -10.27 -30.15 41.90
C PRO B 542 -11.25 -29.05 41.49
N THR B 543 -10.79 -27.80 41.48
CA THR B 543 -11.67 -26.69 41.12
C THR B 543 -12.21 -26.86 39.70
N LEU B 544 -11.32 -27.20 38.75
CA LEU B 544 -11.76 -27.43 37.37
C LEU B 544 -12.64 -28.67 37.27
N ASP B 545 -12.44 -29.65 38.16
CA ASP B 545 -13.28 -30.84 38.15
C ASP B 545 -14.74 -30.50 38.45
N GLN B 546 -14.97 -29.51 39.30
CA GLN B 546 -16.32 -29.14 39.73
C GLN B 546 -16.80 -27.95 38.92
N PRO B 547 -17.88 -28.07 38.16
CA PRO B 547 -18.35 -26.95 37.35
C PRO B 547 -18.78 -25.77 38.20
N GLY B 548 -18.87 -24.60 37.56
CA GLY B 548 -19.30 -23.40 38.23
C GLY B 548 -20.17 -22.52 37.36
N ALA B 549 -20.03 -21.20 37.49
CA ALA B 549 -20.73 -20.29 36.61
C ALA B 549 -20.33 -20.53 35.16
N GLY B 550 -21.17 -20.04 34.24
CA GLY B 550 -20.86 -20.19 32.83
C GLY B 550 -19.48 -19.68 32.47
N MET B 551 -19.11 -18.53 33.03
CA MET B 551 -17.80 -17.93 32.84
C MET B 551 -17.16 -17.72 34.21
N ARG B 552 -15.88 -18.06 34.32
CA ARG B 552 -15.20 -17.89 35.60
C ARG B 552 -13.69 -17.81 35.38
N VAL B 553 -13.02 -17.12 36.29
CA VAL B 553 -11.58 -16.88 36.22
C VAL B 553 -10.94 -17.54 37.44
N LEU B 554 -10.01 -18.45 37.19
CA LEU B 554 -9.23 -19.07 38.26
C LEU B 554 -7.83 -18.48 38.24
N GLU B 555 -7.44 -17.87 39.36
CA GLU B 555 -6.15 -17.20 39.48
C GLU B 555 -5.25 -17.99 40.42
N VAL B 556 -4.11 -18.43 39.90
CA VAL B 556 -3.09 -19.11 40.69
C VAL B 556 -1.85 -18.23 40.68
N LYS B 557 -1.57 -17.60 41.82
CA LYS B 557 -0.36 -16.80 41.96
C LYS B 557 0.87 -17.65 41.68
N ALA B 558 1.84 -17.06 40.99
CA ALA B 558 3.05 -17.78 40.60
C ALA B 558 4.25 -16.87 40.79
N ASP B 559 5.43 -17.49 40.82
CA ASP B 559 6.69 -16.78 40.93
C ASP B 559 7.46 -16.91 39.62
N ARG B 560 8.15 -15.84 39.23
CA ARG B 560 9.03 -15.88 38.08
C ARG B 560 10.47 -15.54 38.40
N SER B 561 10.77 -15.14 39.63
CA SER B 561 12.15 -14.87 40.01
C SER B 561 12.97 -16.15 40.10
N SER B 562 12.33 -17.30 40.23
CA SER B 562 13.00 -18.60 40.24
C SER B 562 12.90 -19.31 38.91
N LEU B 563 12.26 -18.70 37.91
CA LEU B 563 11.95 -19.39 36.66
C LEU B 563 13.22 -19.80 35.93
N ARG B 564 14.20 -18.88 35.82
CA ARG B 564 15.41 -19.21 35.09
C ARG B 564 16.19 -20.33 35.76
N GLN B 565 16.23 -20.34 37.09
CA GLN B 565 16.92 -21.41 37.80
C GLN B 565 16.19 -22.74 37.63
N LEU B 566 14.85 -22.71 37.63
CA LEU B 566 14.08 -23.94 37.46
C LEU B 566 14.34 -24.57 36.10
N HIS B 567 14.32 -23.75 35.04
CA HIS B 567 14.63 -24.28 33.71
C HIS B 567 16.06 -24.75 33.63
N ALA B 568 16.98 -24.05 34.30
CA ALA B 568 18.37 -24.52 34.37
C ALA B 568 18.44 -25.88 35.07
N ALA B 569 17.62 -26.08 36.11
CA ALA B 569 17.61 -27.36 36.81
C ALA B 569 17.08 -28.47 35.92
N ILE B 570 16.08 -28.16 35.08
CA ILE B 570 15.55 -29.16 34.17
C ILE B 570 16.59 -29.53 33.12
N LYS B 571 17.29 -28.54 32.59
CA LYS B 571 18.38 -28.82 31.65
C LYS B 571 19.44 -29.70 32.28
N ALA B 572 19.75 -29.46 33.55
CA ALA B 572 20.76 -30.24 34.26
C ALA B 572 20.27 -31.62 34.67
N ALA B 573 18.96 -31.84 34.68
CA ALA B 573 18.40 -33.15 34.96
C ALA B 573 18.08 -33.94 33.69
N LEU B 574 18.41 -33.39 32.53
CA LEU B 574 18.10 -34.03 31.26
C LEU B 574 19.03 -35.20 31.00
N MET C 21 35.40 -11.99 -4.34
CA MET C 21 34.45 -11.34 -5.24
C MET C 21 33.45 -10.51 -4.44
N ASN C 22 33.17 -9.29 -4.93
CA ASN C 22 32.37 -8.34 -4.19
C ASN C 22 30.92 -8.83 -4.03
N PRO C 23 30.18 -8.28 -3.07
CA PRO C 23 28.85 -8.85 -2.77
C PRO C 23 27.84 -8.68 -3.90
N SER C 24 27.85 -7.56 -4.61
CA SER C 24 26.85 -7.35 -5.67
C SER C 24 26.98 -8.40 -6.76
N THR C 25 28.21 -8.75 -7.14
CA THR C 25 28.40 -9.79 -8.15
C THR C 25 28.08 -11.16 -7.60
N THR C 26 28.47 -11.43 -6.35
CA THR C 26 28.15 -12.71 -5.72
C THR C 26 26.65 -12.93 -5.66
N GLN C 27 25.90 -11.90 -5.24
CA GLN C 27 24.46 -12.01 -5.15
C GLN C 27 23.83 -12.25 -6.51
N ALA C 28 24.20 -11.43 -7.50
CA ALA C 28 23.61 -11.54 -8.83
C ALA C 28 23.84 -12.91 -9.44
N ARG C 29 25.07 -13.45 -9.30
CA ARG C 29 25.36 -14.75 -9.88
C ARG C 29 24.54 -15.85 -9.21
N VAL C 30 24.42 -15.80 -7.88
CA VAL C 30 23.62 -16.80 -7.17
C VAL C 30 22.17 -16.74 -7.62
N VAL C 31 21.62 -15.53 -7.73
CA VAL C 31 20.23 -15.37 -8.14
C VAL C 31 20.02 -15.90 -9.55
N VAL C 32 20.88 -15.49 -10.48
CA VAL C 32 20.76 -15.94 -11.86
C VAL C 32 20.82 -17.46 -11.92
N ASP C 33 21.73 -18.07 -11.16
CA ASP C 33 21.88 -19.52 -11.20
C ASP C 33 20.62 -20.22 -10.70
N GLU C 34 20.06 -19.76 -9.59
CA GLU C 34 18.84 -20.37 -9.06
C GLU C 34 17.67 -20.17 -10.01
N LEU C 35 17.60 -19.01 -10.67
CA LEU C 35 16.57 -18.79 -11.67
C LEU C 35 16.69 -19.80 -12.81
N ILE C 36 17.91 -20.09 -13.24
CA ILE C 36 18.12 -21.07 -14.30
C ILE C 36 17.74 -22.46 -13.83
N ARG C 37 18.10 -22.80 -12.58
CA ARG C 37 17.68 -24.08 -12.02
C ARG C 37 16.16 -24.17 -11.92
N GLY C 38 15.48 -23.04 -11.81
CA GLY C 38 14.03 -23.01 -11.78
C GLY C 38 13.36 -23.11 -13.13
N GLY C 39 14.13 -23.27 -14.21
CA GLY C 39 13.56 -23.45 -15.52
C GLY C 39 13.49 -22.21 -16.38
N VAL C 40 14.06 -21.10 -15.94
CA VAL C 40 14.09 -19.90 -16.77
C VAL C 40 15.04 -20.14 -17.94
N ARG C 41 14.54 -19.92 -19.16
CA ARG C 41 15.33 -20.12 -20.37
C ARG C 41 15.59 -18.84 -21.14
N ASP C 42 14.70 -17.87 -21.06
CA ASP C 42 14.86 -16.59 -21.73
C ASP C 42 14.74 -15.47 -20.71
N VAL C 43 15.58 -14.45 -20.86
CA VAL C 43 15.58 -13.29 -19.98
C VAL C 43 15.66 -12.03 -20.84
N VAL C 44 14.79 -11.07 -20.56
CA VAL C 44 14.87 -9.75 -21.18
C VAL C 44 15.65 -8.83 -20.26
N LEU C 45 16.52 -8.01 -20.85
CA LEU C 45 17.33 -7.06 -20.10
C LEU C 45 17.22 -5.69 -20.75
N CYS C 46 17.13 -4.66 -19.92
CA CYS C 46 17.10 -3.29 -20.40
C CYS C 46 18.27 -2.50 -19.80
N PRO C 47 18.84 -1.56 -20.56
CA PRO C 47 20.10 -0.93 -20.13
C PRO C 47 19.95 -0.10 -18.87
N GLY C 48 20.99 -0.16 -18.05
CA GLY C 48 21.08 0.67 -16.86
C GLY C 48 22.39 0.38 -16.18
N SER C 49 22.71 1.22 -15.19
CA SER C 49 23.92 1.04 -14.42
C SER C 49 23.68 0.35 -13.08
N ARG C 50 22.58 0.68 -12.41
CA ARG C 50 22.28 0.06 -11.12
C ARG C 50 22.02 -1.44 -11.25
N ASN C 51 21.57 -1.90 -12.42
CA ASN C 51 21.38 -3.32 -12.66
C ASN C 51 22.59 -3.98 -13.30
N ALA C 52 23.73 -3.29 -13.34
CA ALA C 52 24.96 -3.88 -13.87
C ALA C 52 25.29 -5.23 -13.23
N PRO C 53 25.16 -5.45 -11.91
CA PRO C 53 25.37 -6.81 -11.40
C PRO C 53 24.50 -7.84 -12.08
N LEU C 54 23.25 -7.49 -12.39
CA LEU C 54 22.36 -8.44 -13.04
C LEU C 54 22.72 -8.62 -14.52
N ALA C 55 23.09 -7.53 -15.19
CA ALA C 55 23.43 -7.62 -16.61
C ALA C 55 24.64 -8.51 -16.83
N PHE C 56 25.69 -8.31 -16.04
CA PHE C 56 26.90 -9.12 -16.18
C PHE C 56 26.59 -10.60 -15.96
N ALA C 57 25.91 -10.92 -14.86
CA ALA C 57 25.62 -12.32 -14.54
C ALA C 57 24.74 -12.96 -15.61
N LEU C 58 23.76 -12.21 -16.12
CA LEU C 58 22.87 -12.75 -17.14
C LEU C 58 23.62 -13.05 -18.43
N GLN C 59 24.52 -12.15 -18.83
CA GLN C 59 25.25 -12.34 -20.07
C GLN C 59 26.25 -13.48 -19.97
N ASP C 60 26.81 -13.72 -18.79
CA ASP C 60 27.63 -14.90 -18.57
C ASP C 60 26.83 -16.17 -18.87
N ALA C 61 25.61 -16.25 -18.34
CA ALA C 61 24.77 -17.42 -18.57
C ALA C 61 24.39 -17.55 -20.04
N ASP C 62 24.18 -16.42 -20.73
CA ASP C 62 23.96 -16.46 -22.16
C ASP C 62 25.19 -16.98 -22.89
N ARG C 63 26.38 -16.55 -22.45
CA ARG C 63 27.63 -17.00 -23.07
C ARG C 63 27.80 -18.51 -22.94
N SER C 64 27.36 -19.08 -21.82
CA SER C 64 27.44 -20.51 -21.58
C SER C 64 26.25 -21.28 -22.14
N GLY C 65 25.30 -20.60 -22.77
CA GLY C 65 24.15 -21.28 -23.33
C GLY C 65 23.12 -21.75 -22.33
N ARG C 66 23.30 -21.43 -21.05
CA ARG C 66 22.31 -21.82 -20.05
C ARG C 66 20.98 -21.11 -20.28
N ILE C 67 21.03 -19.82 -20.64
CA ILE C 67 19.85 -19.04 -21.00
C ILE C 67 20.16 -18.28 -22.27
N ARG C 68 19.13 -17.66 -22.84
CA ARG C 68 19.27 -16.80 -24.00
C ARG C 68 18.84 -15.39 -23.61
N LEU C 69 19.78 -14.45 -23.73
CA LEU C 69 19.55 -13.07 -23.32
C LEU C 69 18.93 -12.27 -24.46
N HIS C 70 18.00 -11.38 -24.11
CA HIS C 70 17.32 -10.51 -25.06
C HIS C 70 17.38 -9.08 -24.52
N VAL C 71 18.11 -8.21 -25.21
CA VAL C 71 18.32 -6.83 -24.76
C VAL C 71 17.40 -5.91 -25.57
N ARG C 72 16.65 -5.06 -24.88
CA ARG C 72 15.77 -4.10 -25.51
C ARG C 72 15.91 -2.75 -24.82
N ILE C 73 15.55 -1.69 -25.54
CA ILE C 73 15.70 -0.33 -25.04
C ILE C 73 14.48 0.14 -24.24
N ASP C 74 13.28 -0.25 -24.67
CA ASP C 74 12.03 0.23 -24.10
C ASP C 74 11.49 -0.80 -23.12
N GLU C 75 11.48 -0.45 -21.83
CA GLU C 75 11.08 -1.39 -20.80
C GLU C 75 9.64 -1.84 -20.96
N ARG C 76 8.76 -0.93 -21.38
CA ARG C 76 7.33 -1.28 -21.45
C ARG C 76 7.09 -2.38 -22.47
N THR C 77 7.56 -2.19 -23.70
CA THR C 77 7.42 -3.23 -24.70
C THR C 77 8.33 -4.42 -24.41
N ALA C 78 9.41 -4.22 -23.63
CA ALA C 78 10.24 -5.34 -23.22
C ALA C 78 9.47 -6.32 -22.35
N GLY C 79 8.55 -5.82 -21.53
CA GLY C 79 7.75 -6.73 -20.72
C GLY C 79 6.81 -7.57 -21.55
N TYR C 80 6.21 -6.97 -22.58
CA TYR C 80 5.37 -7.75 -23.48
C TYR C 80 6.19 -8.74 -24.30
N LEU C 81 7.44 -8.41 -24.61
CA LEU C 81 8.35 -9.39 -25.19
C LEU C 81 8.56 -10.56 -24.23
N ALA C 82 8.63 -10.28 -22.93
CA ALA C 82 8.78 -11.34 -21.96
C ALA C 82 7.52 -12.18 -21.83
N ILE C 83 6.35 -11.57 -22.00
CA ILE C 83 5.09 -12.33 -21.97
C ILE C 83 5.04 -13.29 -23.15
N GLY C 84 5.39 -12.82 -24.34
CA GLY C 84 5.46 -13.70 -25.49
C GLY C 84 6.44 -14.83 -25.30
N LEU C 85 7.61 -14.53 -24.74
CA LEU C 85 8.58 -15.58 -24.43
C LEU C 85 8.05 -16.56 -23.39
N ALA C 86 7.11 -16.14 -22.56
CA ALA C 86 6.50 -17.05 -21.58
C ALA C 86 5.35 -17.86 -22.17
N ILE C 87 4.51 -17.24 -23.00
CA ILE C 87 3.35 -17.96 -23.55
C ILE C 87 3.69 -18.77 -24.78
N GLY C 88 4.86 -18.54 -25.39
CA GLY C 88 5.25 -19.35 -26.54
C GLY C 88 5.55 -20.78 -26.17
N ALA C 89 6.14 -21.00 -25.00
CA ALA C 89 6.53 -22.33 -24.55
C ALA C 89 6.02 -22.71 -23.16
N GLY C 90 5.62 -21.75 -22.33
CA GLY C 90 5.11 -22.06 -21.02
C GLY C 90 6.10 -21.93 -19.87
N ALA C 91 7.28 -21.40 -20.13
CA ALA C 91 8.31 -21.27 -19.10
C ALA C 91 8.20 -19.93 -18.39
N PRO C 92 8.71 -19.84 -17.15
CA PRO C 92 8.84 -18.52 -16.53
C PRO C 92 9.91 -17.70 -17.21
N VAL C 93 9.66 -16.40 -17.32
CA VAL C 93 10.56 -15.46 -17.95
C VAL C 93 10.76 -14.28 -17.01
N CYS C 94 12.00 -13.78 -16.95
CA CYS C 94 12.35 -12.59 -16.17
C CYS C 94 12.72 -11.45 -17.10
N VAL C 95 12.31 -10.24 -16.72
CA VAL C 95 12.72 -9.02 -17.39
C VAL C 95 13.46 -8.17 -16.36
N ALA C 96 14.70 -7.80 -16.68
CA ALA C 96 15.57 -7.11 -15.75
C ALA C 96 15.79 -5.67 -16.21
N MET C 97 15.67 -4.73 -15.29
CA MET C 97 15.83 -3.31 -15.62
C MET C 97 16.41 -2.59 -14.41
N THR C 98 16.80 -1.34 -14.63
CA THR C 98 17.35 -0.51 -13.57
C THR C 98 16.21 0.08 -12.72
N SER C 99 16.58 0.90 -11.75
CA SER C 99 15.61 1.47 -10.83
C SER C 99 14.87 2.63 -11.50
N GLY C 100 13.88 3.17 -10.80
CA GLY C 100 13.17 4.34 -11.26
C GLY C 100 11.96 4.04 -12.13
N THR C 101 11.75 4.86 -13.17
CA THR C 101 10.60 4.67 -14.06
C THR C 101 10.73 3.43 -14.92
N ALA C 102 11.95 2.89 -15.08
CA ALA C 102 12.10 1.63 -15.79
C ALA C 102 11.25 0.53 -15.16
N VAL C 103 11.19 0.50 -13.83
CA VAL C 103 10.32 -0.44 -13.15
C VAL C 103 8.85 -0.08 -13.36
N ALA C 104 8.53 1.22 -13.30
CA ALA C 104 7.16 1.65 -13.52
C ALA C 104 6.66 1.29 -14.92
N ASN C 105 7.56 1.30 -15.91
CA ASN C 105 7.18 0.98 -17.28
C ASN C 105 6.77 -0.46 -17.47
N LEU C 106 6.95 -1.32 -16.46
CA LEU C 106 6.52 -2.71 -16.56
C LEU C 106 5.07 -2.90 -16.14
N GLY C 107 4.44 -1.88 -15.58
CA GLY C 107 3.06 -1.93 -15.15
C GLY C 107 2.10 -2.56 -16.14
N PRO C 108 2.07 -2.08 -17.38
CA PRO C 108 1.14 -2.66 -18.37
C PRO C 108 1.33 -4.16 -18.58
N ALA C 109 2.58 -4.60 -18.77
CA ALA C 109 2.82 -6.03 -18.93
C ALA C 109 2.44 -6.81 -17.68
N VAL C 110 2.68 -6.21 -16.50
CA VAL C 110 2.31 -6.85 -15.25
C VAL C 110 0.80 -7.08 -15.19
N VAL C 111 0.02 -6.06 -15.52
CA VAL C 111 -1.44 -6.18 -15.48
C VAL C 111 -1.90 -7.29 -16.42
N GLU C 112 -1.40 -7.26 -17.66
CA GLU C 112 -1.74 -8.31 -18.62
C GLU C 112 -1.33 -9.69 -18.10
N ALA C 113 -0.13 -9.78 -17.53
CA ALA C 113 0.35 -11.06 -17.00
C ALA C 113 -0.50 -11.57 -15.85
N ASN C 114 -1.10 -10.65 -15.08
CA ASN C 114 -1.92 -11.05 -13.94
C ASN C 114 -3.20 -11.74 -14.41
N TYR C 115 -3.90 -11.12 -15.37
CA TYR C 115 -5.16 -11.70 -15.83
C TYR C 115 -4.95 -12.87 -16.76
N ALA C 116 -3.90 -12.83 -17.59
CA ALA C 116 -3.59 -13.94 -18.47
C ALA C 116 -2.87 -15.08 -17.75
N ARG C 117 -2.53 -14.89 -16.46
CA ARG C 117 -1.83 -15.90 -15.67
C ARG C 117 -0.51 -16.31 -16.32
N VAL C 118 0.36 -15.32 -16.49
CA VAL C 118 1.64 -15.47 -17.17
C VAL C 118 2.75 -15.37 -16.14
N PRO C 119 3.64 -16.36 -16.05
CA PRO C 119 4.73 -16.28 -15.06
C PRO C 119 5.77 -15.25 -15.43
N LEU C 120 5.47 -13.98 -15.18
CA LEU C 120 6.35 -12.87 -15.55
C LEU C 120 7.06 -12.35 -14.29
N ILE C 121 8.37 -12.53 -14.24
CA ILE C 121 9.15 -12.09 -13.08
C ILE C 121 9.79 -10.76 -13.43
N VAL C 122 9.36 -9.71 -12.75
CA VAL C 122 9.95 -8.38 -12.90
C VAL C 122 11.15 -8.30 -11.97
N LEU C 123 12.34 -8.37 -12.55
CA LEU C 123 13.59 -8.47 -11.79
C LEU C 123 14.24 -7.09 -11.76
N SER C 124 13.87 -6.30 -10.75
CA SER C 124 14.24 -4.89 -10.69
C SER C 124 15.46 -4.69 -9.81
N ALA C 125 16.43 -3.94 -10.31
CA ALA C 125 17.51 -3.43 -9.47
C ALA C 125 17.06 -2.17 -8.78
N ASN C 126 17.67 -1.89 -7.62
CA ASN C 126 17.26 -0.75 -6.82
C ASN C 126 18.46 -0.19 -6.08
N ARG C 127 18.40 1.11 -5.82
CA ARG C 127 19.25 1.69 -4.80
C ARG C 127 18.98 0.99 -3.47
N PRO C 128 19.93 1.00 -2.54
CA PRO C 128 19.64 0.50 -1.20
C PRO C 128 18.45 1.24 -0.61
N TYR C 129 17.60 0.51 0.09
CA TYR C 129 16.40 1.12 0.66
C TYR C 129 16.73 2.25 1.63
N GLU C 130 17.95 2.26 2.18
CA GLU C 130 18.36 3.32 3.09
C GLU C 130 18.43 4.67 2.40
N LEU C 131 18.47 4.70 1.07
CA LEU C 131 18.53 5.94 0.32
C LEU C 131 17.15 6.53 0.02
N LEU C 132 16.08 5.75 0.17
CA LEU C 132 14.75 6.26 -0.11
C LEU C 132 14.38 7.35 0.89
N GLY C 133 13.98 8.51 0.37
CA GLY C 133 13.68 9.67 1.18
C GLY C 133 14.78 10.71 1.22
N THR C 134 16.00 10.35 0.85
CA THR C 134 17.12 11.27 0.85
C THR C 134 17.23 12.10 -0.42
N GLY C 135 16.39 11.87 -1.41
CA GLY C 135 16.50 12.56 -2.67
C GLY C 135 17.51 11.98 -3.62
N ALA C 136 17.93 10.73 -3.39
CA ALA C 136 18.89 10.09 -4.28
C ALA C 136 18.32 10.01 -5.69
N ASN C 137 19.19 10.26 -6.67
CA ASN C 137 18.80 10.24 -8.07
C ASN C 137 18.30 8.85 -8.47
N GLN C 138 17.17 8.82 -9.20
CA GLN C 138 16.62 7.58 -9.75
C GLN C 138 16.19 6.61 -8.66
N THR C 139 15.56 7.13 -7.61
CA THR C 139 15.15 6.34 -6.46
C THR C 139 13.72 6.69 -6.08
N MET C 140 12.86 5.68 -5.99
CA MET C 140 11.44 5.90 -5.74
C MET C 140 10.89 4.78 -4.86
N GLU C 141 9.61 4.91 -4.51
CA GLU C 141 8.87 3.85 -3.83
C GLU C 141 8.65 2.68 -4.78
N GLN C 142 9.63 1.78 -4.84
CA GLN C 142 9.69 0.73 -5.85
C GLN C 142 9.09 -0.59 -5.38
N LEU C 143 9.46 -1.06 -4.20
CA LEU C 143 8.88 -2.29 -3.66
C LEU C 143 7.41 -2.07 -3.33
N GLY C 144 6.55 -2.93 -3.87
CA GLY C 144 5.12 -2.77 -3.71
C GLY C 144 4.47 -1.86 -4.74
N TYR C 145 5.25 -1.38 -5.72
CA TYR C 145 4.70 -0.49 -6.75
C TYR C 145 3.52 -1.11 -7.48
N PHE C 146 3.52 -2.43 -7.64
CA PHE C 146 2.53 -3.11 -8.46
C PHE C 146 1.29 -3.51 -7.67
N GLY C 147 1.22 -3.20 -6.39
CA GLY C 147 0.01 -3.45 -5.62
C GLY C 147 -0.40 -4.90 -5.63
N THR C 148 -1.70 -5.14 -5.74
CA THR C 148 -2.26 -6.48 -5.75
C THR C 148 -2.20 -7.14 -7.12
N GLN C 149 -1.55 -6.50 -8.11
CA GLN C 149 -1.48 -7.09 -9.44
C GLN C 149 -0.54 -8.29 -9.48
N VAL C 150 0.50 -8.28 -8.67
CA VAL C 150 1.50 -9.34 -8.70
C VAL C 150 1.15 -10.41 -7.68
N ARG C 151 1.53 -11.65 -8.00
CA ARG C 151 1.35 -12.74 -7.05
C ARG C 151 2.13 -12.48 -5.77
N ALA C 152 3.30 -11.85 -5.88
CA ALA C 152 4.14 -11.60 -4.72
C ALA C 152 5.06 -10.42 -5.02
N SER C 153 5.37 -9.67 -3.96
CA SER C 153 6.42 -8.66 -3.98
C SER C 153 7.49 -9.11 -3.00
N ILE C 154 8.67 -9.45 -3.52
CA ILE C 154 9.71 -10.07 -2.71
C ILE C 154 10.99 -9.27 -2.86
N SER C 155 11.55 -8.83 -1.73
CA SER C 155 12.83 -8.13 -1.69
C SER C 155 13.91 -9.14 -1.34
N LEU C 156 15.02 -9.10 -2.09
CA LEU C 156 16.14 -9.98 -1.75
C LEU C 156 16.95 -9.43 -0.59
N GLY C 157 16.93 -8.12 -0.39
CA GLY C 157 17.72 -7.50 0.66
C GLY C 157 19.15 -7.23 0.21
N LEU C 158 19.73 -6.16 0.73
CA LEU C 158 21.07 -5.76 0.34
C LEU C 158 22.09 -6.80 0.79
N ALA C 159 23.08 -7.06 -0.07
CA ALA C 159 24.09 -8.06 0.21
C ALA C 159 25.13 -7.50 1.18
N GLU C 160 25.38 -8.24 2.27
CA GLU C 160 26.34 -7.80 3.26
C GLU C 160 27.77 -8.16 2.84
N ASP C 161 28.71 -7.32 3.27
CA ASP C 161 30.13 -7.65 3.18
C ASP C 161 30.48 -8.44 4.44
N ALA C 162 30.20 -9.73 4.39
CA ALA C 162 30.41 -10.63 5.52
C ALA C 162 30.82 -12.00 5.00
N PRO C 163 32.11 -12.18 4.69
CA PRO C 163 32.55 -13.44 4.08
C PRO C 163 32.25 -14.67 4.91
N GLU C 164 32.27 -14.56 6.24
CA GLU C 164 31.88 -15.69 7.08
C GLU C 164 30.40 -16.00 6.96
N ARG C 165 29.58 -15.02 6.54
CA ARG C 165 28.15 -15.20 6.37
C ARG C 165 27.77 -15.66 4.98
N THR C 166 28.76 -15.98 4.14
CA THR C 166 28.47 -16.30 2.74
C THR C 166 27.55 -17.53 2.62
N SER C 167 27.89 -18.60 3.35
CA SER C 167 27.13 -19.84 3.23
C SER C 167 25.67 -19.65 3.64
N ALA C 168 25.41 -18.80 4.64
CA ALA C 168 24.05 -18.56 5.07
C ALA C 168 23.28 -17.73 4.05
N LEU C 169 23.91 -16.69 3.52
CA LEU C 169 23.25 -15.84 2.54
C LEU C 169 22.92 -16.62 1.27
N ASN C 170 23.82 -17.53 0.86
CA ASN C 170 23.55 -18.38 -0.30
C ASN C 170 22.24 -19.15 -0.13
N ALA C 171 22.02 -19.68 1.07
CA ALA C 171 20.79 -20.41 1.33
C ALA C 171 19.57 -19.48 1.29
N THR C 172 19.67 -18.31 1.93
CA THR C 172 18.54 -17.39 1.96
C THR C 172 18.23 -16.82 0.58
N TRP C 173 19.27 -16.41 -0.16
CA TRP C 173 19.05 -15.87 -1.49
C TRP C 173 18.41 -16.91 -2.40
N ARG C 174 18.92 -18.14 -2.39
CA ARG C 174 18.36 -19.18 -3.23
C ARG C 174 16.96 -19.57 -2.77
N SER C 175 16.72 -19.59 -1.46
CA SER C 175 15.38 -19.85 -0.95
C SER C 175 14.42 -18.76 -1.40
N ALA C 176 14.85 -17.50 -1.37
CA ALA C 176 13.99 -16.41 -1.80
C ALA C 176 13.69 -16.51 -3.29
N THR C 177 14.70 -16.82 -4.10
CA THR C 177 14.48 -16.95 -5.54
C THR C 177 13.51 -18.08 -5.86
N CYS C 178 13.51 -19.14 -5.05
CA CYS C 178 12.56 -20.23 -5.29
C CYS C 178 11.13 -19.81 -4.96
N ARG C 179 10.96 -19.00 -3.90
CA ARG C 179 9.65 -18.45 -3.60
C ARG C 179 9.15 -17.59 -4.76
N VAL C 180 10.04 -16.81 -5.37
CA VAL C 180 9.66 -15.99 -6.52
C VAL C 180 9.22 -16.87 -7.67
N LEU C 181 10.01 -17.92 -7.96
CA LEU C 181 9.66 -18.84 -9.04
C LEU C 181 8.35 -19.55 -8.75
N ALA C 182 8.18 -20.04 -7.51
CA ALA C 182 6.97 -20.78 -7.16
C ALA C 182 5.73 -19.89 -7.26
N ALA C 183 5.83 -18.65 -6.79
CA ALA C 183 4.70 -17.73 -6.91
C ALA C 183 4.42 -17.39 -8.37
N ALA C 184 5.47 -17.32 -9.19
CA ALA C 184 5.31 -16.90 -10.59
C ALA C 184 4.69 -18.01 -11.43
N THR C 185 5.17 -19.24 -11.29
CA THR C 185 4.62 -20.36 -12.06
C THR C 185 3.35 -20.92 -11.45
N GLY C 186 3.00 -20.51 -10.23
CA GLY C 186 1.86 -21.08 -9.53
C GLY C 186 2.10 -22.52 -9.14
N ALA C 187 3.32 -22.87 -8.74
CA ALA C 187 3.66 -24.26 -8.47
C ALA C 187 2.80 -24.86 -7.35
N ARG C 188 2.44 -24.05 -6.34
CA ARG C 188 1.58 -24.52 -5.27
C ARG C 188 0.19 -23.93 -5.30
N THR C 189 -0.03 -22.84 -6.04
CA THR C 189 -1.33 -22.20 -6.11
C THR C 189 -2.10 -22.55 -7.38
N ALA C 190 -1.42 -23.05 -8.41
CA ALA C 190 -1.99 -23.27 -9.74
C ALA C 190 -2.56 -21.97 -10.32
N ASN C 191 -1.94 -20.83 -9.96
CA ASN C 191 -2.36 -19.52 -10.46
C ASN C 191 -1.09 -18.73 -10.80
N ALA C 192 -0.52 -19.05 -11.96
CA ALA C 192 0.65 -18.34 -12.45
C ALA C 192 0.34 -16.85 -12.59
N GLY C 193 1.40 -16.04 -12.56
CA GLY C 193 1.24 -14.61 -12.66
C GLY C 193 2.54 -13.86 -12.42
N PRO C 194 2.46 -12.53 -12.47
CA PRO C 194 3.66 -11.71 -12.31
C PRO C 194 4.11 -11.65 -10.86
N VAL C 195 5.43 -11.52 -10.70
CA VAL C 195 6.06 -11.39 -9.39
C VAL C 195 7.10 -10.29 -9.47
N HIS C 196 7.11 -9.41 -8.46
CA HIS C 196 8.11 -8.35 -8.38
C HIS C 196 9.26 -8.83 -7.50
N PHE C 197 10.44 -8.95 -8.10
CA PHE C 197 11.65 -9.39 -7.41
C PHE C 197 12.60 -8.19 -7.40
N ASP C 198 12.64 -7.48 -6.27
CA ASP C 198 13.45 -6.28 -6.14
C ASP C 198 14.81 -6.63 -5.54
N ILE C 199 15.87 -6.10 -6.14
CA ILE C 199 17.22 -6.37 -5.67
C ILE C 199 17.95 -5.06 -5.38
N PRO C 200 18.02 -4.62 -4.13
CA PRO C 200 18.82 -3.44 -3.81
C PRO C 200 20.31 -3.76 -3.96
N LEU C 201 21.01 -2.96 -4.74
CA LEU C 201 22.42 -3.16 -5.00
C LEU C 201 23.17 -1.86 -4.74
N ARG C 202 24.42 -1.99 -4.34
CA ARG C 202 25.28 -0.83 -4.09
C ARG C 202 26.67 -1.12 -4.60
N GLU C 203 27.48 -0.07 -4.70
CA GLU C 203 28.82 -0.20 -5.24
C GLU C 203 29.68 -1.09 -4.35
N PRO C 204 30.61 -1.86 -4.93
CA PRO C 204 30.84 -1.92 -6.38
C PRO C 204 29.81 -2.74 -7.15
N LEU C 205 29.37 -2.21 -8.29
CA LEU C 205 28.35 -2.86 -9.11
C LEU C 205 28.94 -3.72 -10.23
N VAL C 206 30.20 -3.49 -10.59
CA VAL C 206 30.86 -4.25 -11.65
C VAL C 206 31.67 -5.37 -11.02
N PRO C 207 31.96 -6.45 -11.74
CA PRO C 207 32.73 -7.55 -11.13
C PRO C 207 34.19 -7.19 -10.96
N ASP C 208 34.79 -7.77 -9.92
CA ASP C 208 36.23 -7.65 -9.71
C ASP C 208 36.97 -8.55 -10.70
N PRO C 209 38.24 -8.30 -10.94
CA PRO C 209 39.03 -9.23 -11.75
C PRO C 209 39.08 -10.62 -11.13
N GLU C 210 39.01 -11.65 -11.98
CA GLU C 210 38.81 -13.04 -11.55
C GLU C 210 39.89 -13.95 -12.12
N PRO C 211 41.14 -13.84 -11.65
CA PRO C 211 42.07 -14.87 -12.14
C PRO C 211 41.86 -16.22 -11.47
N THR C 216 31.88 -18.77 -6.79
CA THR C 216 30.43 -18.56 -6.71
C THR C 216 29.79 -19.61 -5.83
N PRO C 217 29.10 -19.18 -4.78
CA PRO C 217 28.48 -20.12 -3.83
C PRO C 217 27.56 -21.10 -4.54
N PRO C 218 27.79 -22.39 -4.36
CA PRO C 218 27.11 -23.39 -5.19
C PRO C 218 25.67 -23.63 -4.76
N GLY C 219 24.87 -24.06 -5.74
CA GLY C 219 23.52 -24.50 -5.49
C GLY C 219 23.49 -25.94 -5.05
N ARG C 220 22.35 -26.58 -5.29
CA ARG C 220 22.21 -27.99 -4.95
C ARG C 220 22.94 -28.86 -5.97
N PRO C 221 23.38 -30.06 -5.57
CA PRO C 221 24.00 -30.97 -6.54
C PRO C 221 23.01 -31.40 -7.61
N ALA C 222 23.55 -31.80 -8.75
CA ALA C 222 22.79 -32.27 -9.90
C ALA C 222 21.84 -31.21 -10.46
N GLY C 223 22.15 -29.93 -10.23
CA GLY C 223 21.35 -28.86 -10.80
C GLY C 223 19.93 -28.79 -10.30
N LYS C 224 19.63 -29.37 -9.15
CA LYS C 224 18.29 -29.31 -8.60
C LYS C 224 18.02 -27.94 -8.01
N PRO C 225 16.75 -27.54 -7.93
CA PRO C 225 16.41 -26.27 -7.27
C PRO C 225 16.72 -26.33 -5.79
N TRP C 226 16.98 -25.17 -5.21
CA TRP C 226 17.31 -25.12 -3.78
C TRP C 226 16.16 -25.65 -2.93
N THR C 227 14.96 -25.12 -3.15
CA THR C 227 13.75 -25.61 -2.50
C THR C 227 12.88 -26.24 -3.57
N TYR C 228 12.71 -27.55 -3.50
CA TYR C 228 11.99 -28.30 -4.52
C TYR C 228 10.49 -28.30 -4.23
N THR C 229 9.70 -27.93 -5.22
CA THR C 229 8.23 -27.96 -5.13
C THR C 229 7.70 -28.68 -6.37
N PRO C 230 7.36 -29.96 -6.25
CA PRO C 230 6.76 -30.66 -7.39
C PRO C 230 5.46 -29.98 -7.81
N PRO C 231 5.23 -29.82 -9.10
CA PRO C 231 4.00 -29.16 -9.56
C PRO C 231 2.76 -29.77 -8.94
N VAL C 232 1.82 -28.92 -8.57
CA VAL C 232 0.67 -29.32 -7.76
C VAL C 232 -0.44 -29.84 -8.67
N THR C 233 -1.31 -30.68 -8.09
CA THR C 233 -2.57 -31.06 -8.71
C THR C 233 -3.68 -30.45 -7.87
N PHE C 234 -4.42 -29.54 -8.46
CA PHE C 234 -5.51 -28.82 -7.82
C PHE C 234 -6.81 -29.34 -8.44
N ASP C 235 -7.60 -30.05 -7.64
CA ASP C 235 -8.70 -30.88 -8.14
C ASP C 235 -10.01 -30.47 -7.49
N GLN C 236 -11.08 -30.48 -8.29
CA GLN C 236 -12.41 -30.11 -7.82
C GLN C 236 -13.46 -30.69 -8.76
N PRO C 237 -13.92 -31.92 -8.52
CA PRO C 237 -14.86 -32.55 -9.45
C PRO C 237 -16.27 -31.98 -9.32
N LEU C 238 -17.02 -32.07 -10.41
CA LEU C 238 -18.36 -31.50 -10.49
C LEU C 238 -19.28 -32.46 -11.24
N ASP C 239 -20.40 -32.80 -10.61
CA ASP C 239 -21.38 -33.68 -11.23
C ASP C 239 -22.20 -32.89 -12.26
N ILE C 240 -22.14 -33.31 -13.52
CA ILE C 240 -22.88 -32.67 -14.60
C ILE C 240 -23.60 -33.73 -15.41
N ASP C 241 -24.89 -33.52 -15.64
CA ASP C 241 -25.70 -34.40 -16.48
C ASP C 241 -25.63 -33.88 -17.91
N LEU C 242 -25.00 -34.66 -18.79
CA LEU C 242 -24.81 -34.24 -20.18
C LEU C 242 -26.05 -34.45 -21.04
N SER C 243 -27.04 -35.20 -20.57
CA SER C 243 -28.25 -35.40 -21.36
C SER C 243 -29.06 -34.12 -21.48
N VAL C 244 -29.03 -33.28 -20.45
CA VAL C 244 -29.55 -31.93 -20.58
C VAL C 244 -28.87 -31.25 -21.76
N ASP C 245 -29.66 -30.50 -22.53
CA ASP C 245 -29.12 -29.80 -23.69
C ASP C 245 -28.02 -28.84 -23.25
N THR C 246 -26.78 -29.23 -23.49
CA THR C 246 -25.61 -28.51 -22.99
C THR C 246 -24.82 -27.94 -24.16
N VAL C 247 -24.45 -26.67 -24.05
CA VAL C 247 -23.44 -26.06 -24.90
C VAL C 247 -22.22 -25.79 -24.03
N VAL C 248 -21.04 -25.99 -24.62
CA VAL C 248 -19.78 -25.73 -23.95
C VAL C 248 -19.22 -24.42 -24.49
N ILE C 249 -18.85 -23.51 -23.58
CA ILE C 249 -18.23 -22.25 -23.95
C ILE C 249 -16.86 -22.21 -23.28
N SER C 250 -15.81 -22.25 -24.07
CA SER C 250 -14.44 -22.26 -23.58
C SER C 250 -13.76 -20.94 -23.95
N GLY C 251 -13.15 -20.30 -22.96
CA GLY C 251 -12.47 -19.04 -23.17
C GLY C 251 -10.99 -19.13 -22.90
N HIS C 252 -10.37 -17.98 -22.61
CA HIS C 252 -8.93 -17.95 -22.36
C HIS C 252 -8.58 -18.74 -21.12
N GLY C 253 -7.51 -19.53 -21.22
CA GLY C 253 -7.05 -20.34 -20.10
C GLY C 253 -7.88 -21.57 -19.83
N ALA C 254 -8.74 -21.98 -20.76
CA ALA C 254 -9.54 -23.18 -20.56
C ALA C 254 -8.67 -24.42 -20.57
N GLY C 255 -9.13 -25.46 -19.88
CA GLY C 255 -8.46 -26.73 -19.87
C GLY C 255 -9.08 -27.70 -20.87
N VAL C 256 -8.40 -28.82 -21.06
CA VAL C 256 -8.84 -29.86 -21.99
C VAL C 256 -9.64 -30.89 -21.21
N HIS C 257 -10.86 -31.17 -21.68
CA HIS C 257 -11.78 -32.10 -21.01
C HIS C 257 -12.22 -33.16 -22.01
N PRO C 258 -11.58 -34.34 -22.01
CA PRO C 258 -12.01 -35.40 -22.93
C PRO C 258 -13.46 -35.80 -22.77
N ASN C 259 -14.00 -35.80 -21.55
CA ASN C 259 -15.39 -36.20 -21.35
C ASN C 259 -16.38 -35.16 -21.83
N LEU C 260 -15.92 -34.04 -22.42
CA LEU C 260 -16.79 -33.05 -23.04
C LEU C 260 -16.55 -32.95 -24.53
N ALA C 261 -15.77 -33.86 -25.12
CA ALA C 261 -15.34 -33.70 -26.50
C ALA C 261 -16.50 -33.75 -27.48
N ALA C 262 -17.59 -34.42 -27.12
CA ALA C 262 -18.71 -34.62 -28.03
C ALA C 262 -19.71 -33.47 -28.04
N LEU C 263 -19.64 -32.56 -27.09
CA LEU C 263 -20.65 -31.53 -26.95
C LEU C 263 -20.44 -30.39 -27.94
N PRO C 264 -21.51 -29.67 -28.30
CA PRO C 264 -21.35 -28.45 -29.08
C PRO C 264 -20.55 -27.42 -28.29
N THR C 265 -19.58 -26.79 -28.96
CA THR C 265 -18.56 -26.00 -28.26
C THR C 265 -18.33 -24.68 -28.98
N VAL C 266 -18.56 -23.58 -28.27
CA VAL C 266 -18.19 -22.24 -28.74
C VAL C 266 -16.82 -21.95 -28.13
N ALA C 267 -15.77 -22.15 -28.92
CA ALA C 267 -14.39 -22.06 -28.44
C ALA C 267 -13.73 -20.82 -29.02
N GLU C 268 -13.23 -19.94 -28.13
CA GLU C 268 -12.43 -18.81 -28.55
C GLU C 268 -11.14 -19.32 -29.21
N PRO C 269 -10.51 -18.49 -30.05
CA PRO C 269 -9.29 -18.95 -30.74
C PRO C 269 -8.19 -19.39 -29.81
N THR C 270 -8.03 -18.71 -28.66
CA THR C 270 -6.98 -19.07 -27.72
C THR C 270 -7.33 -20.27 -26.85
N ALA C 271 -8.58 -20.69 -26.85
CA ALA C 271 -8.98 -21.83 -26.03
C ALA C 271 -8.58 -23.13 -26.72
N PRO C 272 -7.94 -24.07 -26.02
CA PRO C 272 -7.67 -25.36 -26.62
C PRO C 272 -8.97 -26.11 -26.91
N ARG C 273 -8.96 -26.88 -27.98
CA ARG C 273 -10.12 -27.68 -28.36
C ARG C 273 -10.08 -29.00 -27.62
N SER C 274 -11.21 -29.39 -27.04
CA SER C 274 -11.34 -30.69 -26.40
C SER C 274 -11.90 -31.75 -27.35
N GLY C 275 -12.63 -31.33 -28.38
CA GLY C 275 -13.21 -32.26 -29.33
C GLY C 275 -13.39 -31.66 -30.71
N ASP C 276 -14.24 -32.29 -31.52
CA ASP C 276 -14.49 -31.86 -32.90
C ASP C 276 -15.99 -31.71 -33.14
N ASN C 277 -16.65 -30.92 -32.30
CA ASN C 277 -18.05 -30.55 -32.49
C ASN C 277 -18.17 -29.03 -32.35
N PRO C 278 -17.65 -28.29 -33.32
CA PRO C 278 -17.60 -26.83 -33.17
C PRO C 278 -18.96 -26.19 -33.36
N LEU C 279 -19.17 -25.10 -32.63
CA LEU C 279 -20.37 -24.26 -32.78
C LEU C 279 -19.91 -22.83 -33.01
N HIS C 280 -20.23 -22.30 -34.19
CA HIS C 280 -19.84 -20.93 -34.53
C HIS C 280 -20.55 -19.95 -33.61
N PRO C 281 -19.87 -18.86 -33.19
CA PRO C 281 -20.52 -17.92 -32.26
C PRO C 281 -21.81 -17.33 -32.77
N LEU C 282 -21.91 -17.07 -34.08
CA LEU C 282 -23.13 -16.50 -34.65
C LEU C 282 -24.30 -17.46 -34.59
N ALA C 283 -24.05 -18.76 -34.40
CA ALA C 283 -25.11 -19.75 -34.28
C ALA C 283 -25.69 -19.81 -32.87
N LEU C 284 -24.91 -19.40 -31.86
CA LEU C 284 -25.36 -19.44 -30.47
C LEU C 284 -26.68 -18.73 -30.22
N PRO C 285 -26.92 -17.51 -30.73
CA PRO C 285 -28.20 -16.84 -30.40
C PRO C 285 -29.42 -17.53 -30.98
N LEU C 286 -29.26 -18.43 -31.95
CA LEU C 286 -30.38 -19.12 -32.55
C LEU C 286 -30.69 -20.44 -31.86
N LEU C 287 -30.01 -20.75 -30.76
CA LEU C 287 -30.28 -21.94 -29.97
C LEU C 287 -30.73 -21.53 -28.58
N ARG C 288 -31.32 -22.49 -27.87
CA ARG C 288 -31.75 -22.30 -26.48
CA ARG C 288 -31.75 -22.30 -26.48
C ARG C 288 -31.16 -23.46 -25.67
N PRO C 289 -29.89 -23.36 -25.28
CA PRO C 289 -29.32 -24.40 -24.43
C PRO C 289 -29.91 -24.36 -23.03
N GLN C 290 -30.12 -25.53 -22.44
CA GLN C 290 -30.71 -25.61 -21.12
C GLN C 290 -29.68 -25.65 -20.00
N GLN C 291 -28.40 -25.77 -20.33
CA GLN C 291 -27.32 -25.55 -19.37
C GLN C 291 -26.03 -25.30 -20.15
N VAL C 292 -25.08 -24.65 -19.48
CA VAL C 292 -23.84 -24.20 -20.11
C VAL C 292 -22.66 -24.62 -19.23
N ILE C 293 -21.73 -25.36 -19.81
CA ILE C 293 -20.46 -25.68 -19.17
C ILE C 293 -19.44 -24.65 -19.65
N MET C 294 -18.98 -23.79 -18.74
CA MET C 294 -18.12 -22.67 -19.09
C MET C 294 -16.68 -23.00 -18.69
N LEU C 295 -15.82 -23.16 -19.68
CA LEU C 295 -14.41 -23.47 -19.46
C LEU C 295 -13.58 -22.20 -19.49
N GLY C 296 -12.69 -22.06 -18.52
CA GLY C 296 -11.79 -20.93 -18.50
C GLY C 296 -12.53 -19.62 -18.33
N ARG C 297 -12.00 -18.58 -18.96
CA ARG C 297 -12.50 -17.21 -18.82
C ARG C 297 -12.94 -16.68 -20.19
N PRO C 298 -14.21 -16.85 -20.54
CA PRO C 298 -14.69 -16.34 -21.84
C PRO C 298 -14.99 -14.86 -21.77
N THR C 299 -14.41 -14.09 -22.69
CA THR C 299 -14.59 -12.65 -22.71
C THR C 299 -14.88 -12.08 -24.09
N LEU C 300 -14.83 -12.90 -25.16
CA LEU C 300 -14.73 -12.38 -26.51
C LEU C 300 -16.08 -12.04 -27.15
N HIS C 301 -17.08 -12.91 -27.03
CA HIS C 301 -18.24 -12.86 -27.91
C HIS C 301 -19.46 -12.27 -27.20
N ARG C 302 -19.99 -11.19 -27.78
CA ARG C 302 -21.27 -10.64 -27.31
C ARG C 302 -22.41 -11.66 -27.31
N PRO C 303 -22.53 -12.58 -28.27
CA PRO C 303 -23.52 -13.66 -28.11
C PRO C 303 -23.28 -14.48 -26.86
N VAL C 304 -22.03 -14.70 -26.48
CA VAL C 304 -21.72 -15.47 -25.28
C VAL C 304 -22.11 -14.68 -24.03
N SER C 305 -21.77 -13.39 -24.00
CA SER C 305 -22.18 -12.54 -22.88
C SER C 305 -23.69 -12.55 -22.69
N VAL C 306 -24.43 -12.57 -23.81
CA VAL C 306 -25.89 -12.60 -23.74
C VAL C 306 -26.37 -13.89 -23.09
N LEU C 307 -25.76 -15.02 -23.46
CA LEU C 307 -26.17 -16.31 -22.91
C LEU C 307 -25.99 -16.33 -21.40
N LEU C 308 -24.80 -15.97 -20.92
CA LEU C 308 -24.52 -15.99 -19.49
C LEU C 308 -25.28 -14.90 -18.75
N ALA C 309 -25.66 -13.81 -19.43
CA ALA C 309 -26.47 -12.79 -18.77
C ALA C 309 -27.87 -13.29 -18.45
N ASP C 310 -28.44 -14.15 -19.30
CA ASP C 310 -29.69 -14.80 -18.96
C ASP C 310 -29.47 -15.69 -17.74
N ALA C 311 -30.02 -15.29 -16.59
CA ALA C 311 -29.80 -15.98 -15.33
C ALA C 311 -30.77 -17.13 -15.11
N GLU C 312 -31.59 -17.46 -16.09
CA GLU C 312 -32.44 -18.65 -16.03
C GLU C 312 -31.74 -19.88 -16.55
N VAL C 313 -30.53 -19.74 -17.07
CA VAL C 313 -29.76 -20.83 -17.66
C VAL C 313 -28.68 -21.26 -16.67
N PRO C 314 -28.67 -22.51 -16.22
CA PRO C 314 -27.63 -22.95 -15.28
C PRO C 314 -26.26 -23.00 -15.95
N VAL C 315 -25.27 -22.41 -15.28
CA VAL C 315 -23.90 -22.36 -15.77
C VAL C 315 -23.00 -23.11 -14.79
N PHE C 316 -22.15 -23.97 -15.33
CA PHE C 316 -21.14 -24.69 -14.55
C PHE C 316 -19.77 -24.18 -14.97
N ALA C 317 -19.00 -23.69 -14.00
CA ALA C 317 -17.69 -23.10 -14.27
C ALA C 317 -16.62 -24.15 -14.00
N LEU C 318 -15.80 -24.42 -15.01
CA LEU C 318 -14.65 -25.30 -14.88
C LEU C 318 -13.39 -24.53 -15.25
N THR C 319 -12.45 -24.45 -14.32
CA THR C 319 -11.23 -23.68 -14.49
C THR C 319 -10.01 -24.55 -14.19
N THR C 320 -8.86 -24.13 -14.71
CA THR C 320 -7.61 -24.77 -14.38
C THR C 320 -7.00 -24.23 -13.09
N GLY C 321 -7.47 -23.08 -12.61
CA GLY C 321 -6.95 -22.47 -11.42
C GLY C 321 -8.05 -22.02 -10.48
N PRO C 322 -7.65 -21.36 -9.38
CA PRO C 322 -8.65 -20.96 -8.37
C PRO C 322 -9.63 -19.91 -8.86
N ARG C 323 -9.20 -18.99 -9.72
CA ARG C 323 -10.11 -17.96 -10.21
C ARG C 323 -11.17 -18.56 -11.11
N TRP C 324 -12.38 -18.00 -11.04
CA TRP C 324 -13.46 -18.36 -11.95
C TRP C 324 -14.22 -17.09 -12.31
N PRO C 325 -14.82 -17.05 -13.50
CA PRO C 325 -15.43 -15.80 -13.98
C PRO C 325 -16.82 -15.58 -13.40
N ASP C 326 -17.15 -14.29 -13.23
CA ASP C 326 -18.46 -13.87 -12.73
C ASP C 326 -19.36 -13.37 -13.85
N VAL C 327 -19.09 -13.77 -15.10
CA VAL C 327 -19.82 -13.23 -16.24
C VAL C 327 -21.30 -13.57 -16.16
N SER C 328 -21.65 -14.69 -15.53
CA SER C 328 -23.03 -15.08 -15.31
C SER C 328 -23.32 -15.09 -13.82
N GLY C 329 -24.44 -14.49 -13.42
CA GLY C 329 -24.88 -14.56 -12.05
C GLY C 329 -25.50 -15.88 -11.64
N ASN C 330 -25.79 -16.76 -12.60
CA ASN C 330 -26.37 -18.07 -12.32
C ASN C 330 -25.33 -19.18 -12.44
N SER C 331 -24.09 -18.91 -12.05
CA SER C 331 -23.07 -19.96 -11.93
C SER C 331 -23.43 -20.84 -10.75
N GLN C 332 -24.00 -22.03 -11.02
CA GLN C 332 -24.46 -22.88 -9.93
C GLN C 332 -23.29 -23.60 -9.25
N ALA C 333 -22.17 -23.80 -9.94
CA ALA C 333 -21.05 -24.51 -9.33
C ALA C 333 -19.76 -24.18 -10.06
N THR C 334 -18.65 -24.43 -9.36
CA THR C 334 -17.31 -24.26 -9.90
C THR C 334 -16.53 -25.55 -9.70
N GLY C 335 -15.52 -25.76 -10.54
CA GLY C 335 -14.71 -26.95 -10.41
C GLY C 335 -13.54 -26.93 -11.36
N THR C 336 -12.80 -28.04 -11.37
CA THR C 336 -11.71 -28.26 -12.31
C THR C 336 -12.04 -29.25 -13.41
N ARG C 337 -12.92 -30.20 -13.14
CA ARG C 337 -13.32 -31.19 -14.12
C ARG C 337 -14.74 -31.64 -13.83
N ALA C 338 -15.36 -32.27 -14.81
CA ALA C 338 -16.70 -32.80 -14.68
C ALA C 338 -16.65 -34.31 -14.54
N VAL C 339 -17.48 -34.84 -13.66
CA VAL C 339 -17.80 -36.26 -13.62
C VAL C 339 -19.18 -36.40 -14.26
N THR C 340 -19.21 -36.88 -15.48
CA THR C 340 -20.38 -36.77 -16.34
C THR C 340 -21.25 -38.02 -16.28
N THR C 341 -22.56 -37.82 -16.27
CA THR C 341 -23.54 -38.86 -16.55
C THR C 341 -24.36 -38.44 -17.75
N GLY C 342 -24.83 -39.43 -18.51
CA GLY C 342 -25.64 -39.16 -19.67
C GLY C 342 -24.82 -38.76 -20.88
N ALA C 343 -25.53 -38.34 -21.92
CA ALA C 343 -24.94 -37.96 -23.19
C ALA C 343 -25.93 -37.08 -23.94
N PRO C 344 -25.45 -36.21 -24.84
CA PRO C 344 -26.35 -35.27 -25.50
C PRO C 344 -27.38 -35.94 -26.39
N ARG C 345 -28.57 -35.34 -26.43
CA ARG C 345 -29.63 -35.80 -27.32
C ARG C 345 -29.14 -35.78 -28.77
N PRO C 346 -29.42 -36.82 -29.55
CA PRO C 346 -29.08 -36.74 -30.99
C PRO C 346 -29.83 -35.64 -31.70
N ALA C 347 -31.07 -35.36 -31.29
CA ALA C 347 -31.79 -34.21 -31.83
C ALA C 347 -31.09 -32.91 -31.46
N TRP C 348 -30.49 -32.84 -30.28
CA TRP C 348 -29.78 -31.64 -29.87
C TRP C 348 -28.51 -31.43 -30.69
N LEU C 349 -27.76 -32.50 -30.92
CA LEU C 349 -26.56 -32.40 -31.74
C LEU C 349 -26.90 -32.03 -33.17
N ASP C 350 -27.98 -32.58 -33.70
CA ASP C 350 -28.42 -32.26 -35.06
C ASP C 350 -28.71 -30.77 -35.20
N ARG C 351 -29.42 -30.19 -34.23
CA ARG C 351 -29.81 -28.79 -34.34
C ARG C 351 -28.60 -27.87 -34.26
N CYS C 352 -27.68 -28.14 -33.33
CA CYS C 352 -26.50 -27.29 -33.21
C CYS C 352 -25.59 -27.42 -34.43
N ALA C 353 -25.35 -28.65 -34.88
CA ALA C 353 -24.54 -28.85 -36.08
C ALA C 353 -25.16 -28.17 -37.29
N ALA C 354 -26.49 -28.19 -37.38
CA ALA C 354 -27.17 -27.51 -38.49
C ALA C 354 -26.98 -26.00 -38.41
N MET C 355 -27.11 -25.44 -37.22
CA MET C 355 -26.95 -24.00 -37.05
C MET C 355 -25.50 -23.58 -37.18
N ASN C 356 -24.56 -24.48 -36.87
CA ASN C 356 -23.17 -24.20 -37.14
C ASN C 356 -22.91 -24.09 -38.64
N ARG C 357 -23.46 -25.02 -39.42
CA ARG C 357 -23.30 -24.97 -40.86
C ARG C 357 -24.00 -23.74 -41.46
N HIS C 358 -25.12 -23.33 -40.86
CA HIS C 358 -25.73 -22.04 -41.17
C HIS C 358 -24.70 -20.93 -41.12
N ALA C 359 -24.08 -20.75 -39.95
CA ALA C 359 -23.26 -19.58 -39.69
C ALA C 359 -21.99 -19.59 -40.55
N ILE C 360 -21.30 -20.73 -40.58
CA ILE C 360 -20.09 -20.86 -41.40
C ILE C 360 -20.42 -20.55 -42.85
N ALA C 361 -21.50 -21.13 -43.38
CA ALA C 361 -21.87 -20.87 -44.77
C ALA C 361 -22.23 -19.41 -45.00
N ALA C 362 -22.89 -18.78 -44.02
CA ALA C 362 -23.22 -17.37 -44.16
C ALA C 362 -21.96 -16.51 -44.24
N VAL C 363 -20.96 -16.83 -43.43
CA VAL C 363 -19.74 -16.03 -43.42
C VAL C 363 -18.92 -16.26 -44.69
N ARG C 364 -18.73 -17.53 -45.06
CA ARG C 364 -17.88 -17.84 -46.21
C ARG C 364 -18.51 -17.37 -47.52
N GLU C 365 -19.83 -17.51 -47.66
CA GLU C 365 -20.48 -17.10 -48.91
C GLU C 365 -20.48 -15.59 -49.08
N GLN C 366 -20.85 -14.85 -48.03
CA GLN C 366 -20.89 -13.39 -48.13
C GLN C 366 -19.51 -12.80 -48.32
N LEU C 367 -18.47 -13.46 -47.80
CA LEU C 367 -17.10 -12.98 -48.01
C LEU C 367 -16.70 -13.10 -49.48
N ALA C 368 -16.92 -14.29 -50.07
CA ALA C 368 -16.61 -14.48 -51.48
C ALA C 368 -17.38 -13.49 -52.36
N ALA C 369 -18.63 -13.20 -51.99
CA ALA C 369 -19.43 -12.27 -52.77
C ALA C 369 -18.95 -10.84 -52.61
N HIS C 370 -18.36 -10.50 -51.45
CA HIS C 370 -18.01 -9.11 -51.18
C HIS C 370 -16.87 -8.66 -52.09
N PRO C 371 -16.99 -7.52 -52.77
CA PRO C 371 -16.05 -7.18 -53.84
C PRO C 371 -14.73 -6.58 -53.34
N LEU C 372 -14.75 -5.89 -52.21
CA LEU C 372 -13.55 -5.28 -51.66
C LEU C 372 -12.94 -6.17 -50.59
N THR C 373 -11.65 -5.92 -50.32
CA THR C 373 -10.92 -6.67 -49.30
C THR C 373 -11.03 -5.95 -47.96
N THR C 374 -11.45 -6.70 -46.93
CA THR C 374 -11.59 -6.18 -45.59
C THR C 374 -10.69 -6.96 -44.64
N GLY C 375 -10.62 -6.48 -43.39
CA GLY C 375 -9.89 -7.22 -42.38
C GLY C 375 -10.42 -8.62 -42.16
N LEU C 376 -11.72 -8.81 -42.40
CA LEU C 376 -12.32 -10.14 -42.28
C LEU C 376 -11.81 -11.06 -43.39
N HIS C 377 -11.58 -10.52 -44.59
CA HIS C 377 -10.98 -11.33 -45.64
C HIS C 377 -9.55 -11.72 -45.30
N VAL C 378 -8.77 -10.78 -44.78
CA VAL C 378 -7.39 -11.06 -44.40
C VAL C 378 -7.34 -12.16 -43.34
N ALA C 379 -8.23 -12.08 -42.35
CA ALA C 379 -8.27 -13.10 -41.31
C ALA C 379 -8.62 -14.46 -41.89
N ALA C 380 -9.54 -14.50 -42.87
CA ALA C 380 -9.86 -15.76 -43.52
C ALA C 380 -8.66 -16.30 -44.28
N ALA C 381 -7.92 -15.43 -44.97
CA ALA C 381 -6.76 -15.88 -45.74
C ALA C 381 -5.67 -16.41 -44.83
N VAL C 382 -5.45 -15.77 -43.68
CA VAL C 382 -4.42 -16.24 -42.76
C VAL C 382 -4.83 -17.58 -42.15
N SER C 383 -6.10 -17.71 -41.77
CA SER C 383 -6.60 -18.96 -41.20
C SER C 383 -6.54 -20.09 -42.22
N HIS C 384 -6.85 -19.79 -43.49
CA HIS C 384 -6.77 -20.81 -44.53
C HIS C 384 -5.33 -21.23 -44.79
N ALA C 385 -4.36 -20.34 -44.52
CA ALA C 385 -2.96 -20.64 -44.79
C ALA C 385 -2.29 -21.42 -43.68
N LEU C 386 -2.94 -21.61 -42.55
CA LEU C 386 -2.29 -22.21 -41.40
C LEU C 386 -2.19 -23.73 -41.54
N ARG C 387 -1.04 -24.27 -41.13
CA ARG C 387 -0.78 -25.68 -41.03
C ARG C 387 -0.81 -26.12 -39.57
N PRO C 388 -1.03 -27.40 -39.29
CA PRO C 388 -0.82 -27.89 -37.93
C PRO C 388 0.64 -27.76 -37.54
N GLY C 389 0.87 -27.47 -36.26
CA GLY C 389 2.19 -27.15 -35.77
C GLY C 389 2.57 -25.68 -35.90
N ASP C 390 1.76 -24.90 -36.60
CA ASP C 390 1.97 -23.46 -36.65
C ASP C 390 1.59 -22.82 -35.32
N GLN C 391 2.10 -21.61 -35.11
CA GLN C 391 1.71 -20.78 -33.98
C GLN C 391 1.13 -19.48 -34.49
N LEU C 392 -0.04 -19.11 -33.97
CA LEU C 392 -0.76 -17.92 -34.40
C LEU C 392 -0.80 -16.91 -33.26
N VAL C 393 -0.27 -15.72 -33.49
CA VAL C 393 -0.37 -14.61 -32.56
C VAL C 393 -1.37 -13.61 -33.11
N LEU C 394 -2.37 -13.27 -32.31
CA LEU C 394 -3.43 -12.36 -32.73
C LEU C 394 -3.44 -11.12 -31.85
N GLY C 395 -3.49 -9.95 -32.48
CA GLY C 395 -3.78 -8.75 -31.73
C GLY C 395 -5.17 -8.90 -31.14
N ALA C 396 -5.33 -8.53 -29.87
CA ALA C 396 -6.55 -8.85 -29.12
C ALA C 396 -7.73 -7.94 -29.45
N SER C 397 -7.61 -7.07 -30.46
CA SER C 397 -8.73 -6.23 -30.85
C SER C 397 -9.56 -6.93 -31.90
N ASN C 398 -9.53 -6.41 -33.13
CA ASN C 398 -10.28 -7.01 -34.22
C ASN C 398 -9.76 -8.38 -34.66
N PRO C 399 -8.44 -8.67 -34.65
CA PRO C 399 -7.99 -9.97 -35.17
C PRO C 399 -8.54 -11.19 -34.45
N VAL C 400 -8.70 -11.13 -33.12
CA VAL C 400 -9.29 -12.27 -32.42
C VAL C 400 -10.74 -12.44 -32.84
N ARG C 401 -11.48 -11.34 -32.98
CA ARG C 401 -12.87 -11.43 -33.40
C ARG C 401 -12.99 -11.87 -34.86
N ASP C 402 -12.13 -11.34 -35.73
CA ASP C 402 -12.23 -11.64 -37.15
C ASP C 402 -11.87 -13.09 -37.43
N VAL C 403 -10.78 -13.58 -36.83
CA VAL C 403 -10.39 -14.97 -37.01
C VAL C 403 -11.48 -15.89 -36.47
N ALA C 404 -12.12 -15.50 -35.36
CA ALA C 404 -13.21 -16.30 -34.82
C ALA C 404 -14.42 -16.29 -35.75
N LEU C 405 -14.71 -15.15 -36.37
CA LEU C 405 -15.83 -15.07 -37.30
C LEU C 405 -15.61 -15.95 -38.52
N ALA C 406 -14.36 -16.00 -39.02
CA ALA C 406 -14.00 -16.87 -40.13
C ALA C 406 -13.93 -18.35 -39.74
N GLY C 407 -14.33 -18.68 -38.51
CA GLY C 407 -14.43 -20.07 -38.09
C GLY C 407 -13.15 -20.86 -38.23
N LEU C 408 -12.01 -20.29 -37.84
CA LEU C 408 -10.75 -21.00 -37.92
C LEU C 408 -10.77 -22.25 -37.05
N ASP C 409 -10.18 -23.32 -37.54
CA ASP C 409 -10.02 -24.56 -36.79
C ASP C 409 -8.68 -24.52 -36.06
N THR C 410 -8.71 -24.16 -34.78
CA THR C 410 -7.49 -24.02 -33.98
C THR C 410 -6.84 -25.35 -33.64
N ARG C 411 -7.44 -26.48 -34.03
CA ARG C 411 -6.92 -27.79 -33.68
C ARG C 411 -5.53 -28.01 -34.28
N GLY C 412 -4.60 -28.45 -33.43
CA GLY C 412 -3.22 -28.63 -33.87
C GLY C 412 -2.45 -27.34 -34.03
N ILE C 413 -3.03 -26.22 -33.62
CA ILE C 413 -2.44 -24.90 -33.79
C ILE C 413 -2.28 -24.28 -32.40
N ARG C 414 -1.18 -23.57 -32.20
CA ARG C 414 -0.95 -22.82 -30.96
C ARG C 414 -1.34 -21.36 -31.21
N VAL C 415 -2.34 -20.87 -30.49
CA VAL C 415 -2.87 -19.53 -30.68
C VAL C 415 -2.57 -18.70 -29.43
N ARG C 416 -1.87 -17.59 -29.61
CA ARG C 416 -1.58 -16.65 -28.54
C ARG C 416 -2.30 -15.33 -28.78
N SER C 417 -2.68 -14.68 -27.70
CA SER C 417 -3.22 -13.32 -27.72
C SER C 417 -3.32 -12.81 -26.29
N ASN C 418 -3.05 -11.52 -26.13
CA ASN C 418 -3.06 -10.90 -24.80
C ASN C 418 -4.50 -10.61 -24.38
N ARG C 419 -5.21 -11.69 -24.05
CA ARG C 419 -6.61 -11.59 -23.65
C ARG C 419 -6.79 -11.28 -22.18
N GLY C 420 -5.70 -11.19 -21.40
CA GLY C 420 -5.84 -10.84 -20.01
C GLY C 420 -6.48 -9.48 -19.81
N VAL C 421 -6.09 -8.50 -20.62
CA VAL C 421 -6.59 -7.13 -20.47
C VAL C 421 -6.95 -6.60 -21.85
N ALA C 422 -6.46 -7.29 -22.89
CA ALA C 422 -6.77 -6.96 -24.28
C ALA C 422 -6.33 -5.54 -24.61
N GLY C 423 -5.15 -5.16 -24.12
CA GLY C 423 -4.57 -3.88 -24.49
C GLY C 423 -3.89 -3.94 -25.83
N ILE C 424 -3.59 -2.76 -26.38
CA ILE C 424 -2.86 -2.67 -27.64
C ILE C 424 -1.36 -2.53 -27.43
N ASP C 425 -0.92 -2.30 -26.19
CA ASP C 425 0.51 -2.23 -25.92
C ASP C 425 1.18 -3.57 -26.19
N GLY C 426 2.36 -3.51 -26.79
CA GLY C 426 3.23 -4.66 -26.86
C GLY C 426 2.75 -5.83 -27.69
N THR C 427 1.88 -5.60 -28.68
CA THR C 427 1.41 -6.71 -29.49
C THR C 427 2.51 -7.24 -30.42
N VAL C 428 3.35 -6.34 -30.95
CA VAL C 428 4.42 -6.77 -31.83
C VAL C 428 5.49 -7.53 -31.04
N SER C 429 5.87 -6.99 -29.87
CA SER C 429 6.87 -7.66 -29.05
C SER C 429 6.37 -8.99 -28.50
N THR C 430 5.06 -9.11 -28.24
CA THR C 430 4.51 -10.39 -27.81
C THR C 430 4.65 -11.44 -28.91
N ALA C 431 4.41 -11.05 -30.16
CA ALA C 431 4.58 -11.99 -31.27
C ALA C 431 6.03 -12.42 -31.40
N ILE C 432 6.96 -11.46 -31.30
CA ILE C 432 8.39 -11.77 -31.45
C ILE C 432 8.84 -12.72 -30.36
N GLY C 433 8.47 -12.42 -29.11
CA GLY C 433 8.85 -13.29 -28.01
C GLY C 433 8.24 -14.67 -28.11
N ALA C 434 6.98 -14.74 -28.58
CA ALA C 434 6.33 -16.04 -28.75
C ALA C 434 7.03 -16.86 -29.83
N ALA C 435 7.41 -16.22 -30.94
CA ALA C 435 8.15 -16.91 -31.99
C ALA C 435 9.47 -17.45 -31.45
N LEU C 436 10.21 -16.61 -30.70
CA LEU C 436 11.51 -17.02 -30.21
C LEU C 436 11.41 -18.20 -29.25
N ALA C 437 10.43 -18.16 -28.33
CA ALA C 437 10.27 -19.26 -27.38
C ALA C 437 9.76 -20.51 -28.07
N TYR C 438 8.82 -20.35 -29.02
CA TYR C 438 8.32 -21.50 -29.77
C TYR C 438 9.43 -22.15 -30.58
N GLU C 439 10.25 -21.35 -31.24
CA GLU C 439 11.39 -21.89 -31.97
C GLU C 439 12.39 -22.54 -31.02
N GLY C 440 12.66 -21.88 -29.90
CA GLY C 440 13.62 -22.43 -28.93
C GLY C 440 13.20 -23.79 -28.40
N ALA C 441 11.91 -23.98 -28.17
CA ALA C 441 11.41 -25.29 -27.73
C ALA C 441 11.62 -26.34 -28.82
N HIS C 442 11.41 -25.96 -30.08
CA HIS C 442 11.68 -26.88 -31.18
C HIS C 442 13.16 -27.17 -31.32
N GLU C 443 14.02 -26.20 -31.00
CA GLU C 443 15.45 -26.44 -30.96
C GLU C 443 15.82 -27.44 -29.88
N ARG C 444 15.12 -27.37 -28.73
CA ARG C 444 15.35 -28.34 -27.66
C ARG C 444 15.11 -29.76 -28.13
N THR C 445 14.12 -29.95 -29.01
CA THR C 445 13.78 -31.28 -29.50
C THR C 445 14.96 -31.94 -30.22
N GLY C 446 15.83 -31.14 -30.81
CA GLY C 446 16.94 -31.67 -31.57
C GLY C 446 16.59 -32.05 -32.99
N SER C 447 15.39 -31.71 -33.44
CA SER C 447 14.93 -32.10 -34.76
C SER C 447 15.77 -31.42 -35.83
N PRO C 448 16.00 -32.10 -36.97
CA PRO C 448 16.68 -31.45 -38.09
C PRO C 448 15.75 -30.55 -38.90
N ASP C 449 14.45 -30.60 -38.64
CA ASP C 449 13.47 -29.93 -39.48
C ASP C 449 13.57 -28.41 -39.31
N SER C 450 12.96 -27.71 -40.28
CA SER C 450 12.88 -26.27 -40.20
C SER C 450 12.04 -25.86 -38.99
N PRO C 451 12.37 -24.73 -38.36
CA PRO C 451 11.62 -24.31 -37.19
C PRO C 451 10.17 -24.03 -37.55
N PRO C 452 9.25 -24.30 -36.64
CA PRO C 452 7.83 -24.09 -36.96
C PRO C 452 7.52 -22.61 -37.18
N ARG C 453 6.61 -22.36 -38.12
CA ARG C 453 6.27 -20.99 -38.47
C ARG C 453 5.48 -20.33 -37.34
N THR C 454 5.77 -19.05 -37.11
CA THR C 454 4.96 -18.18 -36.27
C THR C 454 4.36 -17.10 -37.17
N ILE C 455 3.04 -17.07 -37.26
CA ILE C 455 2.32 -16.09 -38.07
C ILE C 455 1.55 -15.19 -37.12
N ALA C 456 1.62 -13.88 -37.34
CA ALA C 456 0.98 -12.89 -36.49
C ALA C 456 0.08 -12.00 -37.35
N LEU C 457 -1.14 -11.76 -36.87
CA LEU C 457 -2.11 -10.92 -37.54
C LEU C 457 -2.52 -9.81 -36.58
N ILE C 458 -2.16 -8.57 -36.90
CA ILE C 458 -2.48 -7.43 -36.06
C ILE C 458 -2.99 -6.29 -36.94
N GLY C 459 -3.93 -5.51 -36.41
CA GLY C 459 -4.44 -4.37 -37.13
C GLY C 459 -3.39 -3.28 -37.29
N ASP C 460 -3.66 -2.37 -38.23
CA ASP C 460 -2.69 -1.33 -38.55
C ASP C 460 -2.43 -0.41 -37.37
N LEU C 461 -3.49 -0.03 -36.64
CA LEU C 461 -3.33 0.87 -35.51
C LEU C 461 -2.54 0.20 -34.39
N THR C 462 -2.78 -1.09 -34.17
CA THR C 462 -1.98 -1.83 -33.20
C THR C 462 -0.51 -1.89 -33.62
N PHE C 463 -0.26 -2.06 -34.92
CA PHE C 463 1.11 -2.19 -35.41
C PHE C 463 1.87 -0.87 -35.26
N VAL C 464 1.27 0.24 -35.70
CA VAL C 464 1.91 1.54 -35.56
C VAL C 464 2.16 1.86 -34.10
N HIS C 465 1.22 1.46 -33.23
CA HIS C 465 1.33 1.74 -31.81
C HIS C 465 2.58 1.09 -31.23
N ASP C 466 2.77 -0.20 -31.48
CA ASP C 466 3.91 -0.96 -30.96
C ASP C 466 4.99 -1.18 -32.00
N SER C 467 5.14 -0.25 -32.95
CA SER C 467 6.12 -0.43 -34.02
C SER C 467 7.53 -0.51 -33.47
N SER C 468 7.82 0.23 -32.41
CA SER C 468 9.13 0.15 -31.77
C SER C 468 9.34 -1.18 -31.06
N GLY C 469 8.31 -2.02 -30.95
CA GLY C 469 8.51 -3.40 -30.56
C GLY C 469 9.22 -4.22 -31.61
N LEU C 470 9.33 -3.70 -32.84
CA LEU C 470 10.11 -4.38 -33.87
C LEU C 470 11.61 -4.28 -33.60
N LEU C 471 12.04 -3.23 -32.92
CA LEU C 471 13.46 -2.93 -32.76
C LEU C 471 14.20 -4.05 -32.05
N ILE C 472 15.06 -4.76 -32.78
CA ILE C 472 15.94 -5.78 -32.23
C ILE C 472 17.37 -5.38 -32.57
N GLY C 473 18.19 -5.19 -31.54
CA GLY C 473 19.57 -4.79 -31.73
C GLY C 473 20.34 -5.77 -32.59
N PRO C 474 21.36 -5.28 -33.28
CA PRO C 474 22.12 -6.14 -34.20
C PRO C 474 22.65 -7.43 -33.57
N THR C 475 23.02 -7.39 -32.30
CA THR C 475 23.57 -8.55 -31.60
C THR C 475 22.50 -9.35 -30.86
N GLU C 476 21.20 -9.02 -31.04
CA GLU C 476 20.18 -9.69 -30.26
C GLU C 476 19.43 -10.72 -31.09
N PRO C 477 18.85 -11.73 -30.44
CA PRO C 477 18.18 -12.81 -31.18
C PRO C 477 17.02 -12.30 -32.03
N ILE C 478 16.94 -12.82 -33.25
CA ILE C 478 15.86 -12.52 -34.19
C ILE C 478 15.07 -13.80 -34.41
N PRO C 479 13.74 -13.76 -34.45
CA PRO C 479 12.97 -14.98 -34.69
C PRO C 479 13.31 -15.58 -36.05
N ARG C 480 13.40 -16.92 -36.08
CA ARG C 480 13.80 -17.61 -37.30
C ARG C 480 12.67 -17.69 -38.32
N SER C 481 11.42 -17.77 -37.86
CA SER C 481 10.28 -17.98 -38.76
C SER C 481 9.04 -17.22 -38.27
N LEU C 482 9.14 -15.90 -38.23
CA LEU C 482 8.03 -15.04 -37.82
C LEU C 482 7.59 -14.17 -38.99
N THR C 483 6.31 -14.27 -39.35
CA THR C 483 5.69 -13.40 -40.33
C THR C 483 4.58 -12.61 -39.66
N ILE C 484 4.72 -11.29 -39.64
CA ILE C 484 3.71 -10.40 -39.07
C ILE C 484 2.85 -9.89 -40.22
N VAL C 485 1.59 -10.31 -40.26
CA VAL C 485 0.65 -9.84 -41.27
C VAL C 485 -0.12 -8.67 -40.70
N VAL C 486 -0.07 -7.54 -41.38
CA VAL C 486 -0.69 -6.29 -40.92
C VAL C 486 -1.86 -6.01 -41.85
N SER C 487 -3.08 -6.27 -41.38
CA SER C 487 -4.27 -5.91 -42.13
C SER C 487 -4.57 -4.45 -41.86
N ASN C 488 -4.33 -3.61 -42.86
CA ASN C 488 -4.29 -2.15 -42.70
C ASN C 488 -5.52 -1.54 -43.37
N ASP C 489 -6.48 -1.11 -42.56
CA ASP C 489 -7.64 -0.38 -43.07
C ASP C 489 -7.62 1.10 -42.68
N ASN C 490 -6.50 1.60 -42.16
CA ASN C 490 -6.34 3.00 -41.77
C ASN C 490 -7.41 3.41 -40.77
N GLY C 491 -7.38 2.77 -39.61
CA GLY C 491 -8.33 3.05 -38.55
C GLY C 491 -8.16 2.15 -37.34
N VAL C 508 -15.54 12.71 -27.61
CA VAL C 508 -14.55 13.61 -28.18
C VAL C 508 -13.25 12.83 -28.29
N SER C 509 -13.18 11.71 -27.56
CA SER C 509 -12.07 10.78 -27.72
C SER C 509 -11.95 10.32 -29.17
N SER C 510 -13.07 10.26 -29.89
CA SER C 510 -13.10 9.61 -31.20
C SER C 510 -12.55 10.47 -32.32
N ARG C 511 -12.44 11.79 -32.12
CA ARG C 511 -12.06 12.70 -33.21
C ARG C 511 -10.71 12.34 -33.82
N ILE C 512 -9.86 11.62 -33.09
CA ILE C 512 -8.56 11.21 -33.64
C ILE C 512 -8.73 10.16 -34.73
N PHE C 513 -9.86 9.45 -34.75
CA PHE C 513 -10.13 8.45 -35.77
C PHE C 513 -10.98 8.97 -36.92
N GLY C 514 -11.33 10.27 -36.91
CA GLY C 514 -12.11 10.81 -38.01
C GLY C 514 -11.34 10.86 -39.32
N THR C 515 -10.02 11.04 -39.24
CA THR C 515 -9.02 11.10 -40.28
C THR C 515 -8.18 9.83 -40.26
N PRO C 516 -7.81 9.26 -41.41
CA PRO C 516 -6.84 8.16 -41.40
C PRO C 516 -5.50 8.63 -40.85
N HIS C 517 -4.88 7.78 -40.03
CA HIS C 517 -3.58 8.12 -39.48
C HIS C 517 -2.53 8.21 -40.58
N ASP C 518 -2.64 7.35 -41.60
CA ASP C 518 -1.78 7.37 -42.78
C ASP C 518 -0.30 7.27 -42.43
N VAL C 519 0.01 6.66 -41.29
CA VAL C 519 1.40 6.32 -40.98
C VAL C 519 1.88 5.29 -41.99
N ASP C 520 2.99 5.59 -42.65
CA ASP C 520 3.56 4.70 -43.66
C ASP C 520 4.08 3.44 -42.96
N VAL C 521 3.35 2.33 -43.12
CA VAL C 521 3.78 1.07 -42.51
C VAL C 521 5.17 0.68 -43.00
N GLY C 522 5.38 0.77 -44.31
CA GLY C 522 6.69 0.42 -44.86
C GLY C 522 7.81 1.30 -44.34
N ALA C 523 7.51 2.59 -44.12
CA ALA C 523 8.52 3.48 -43.56
C ALA C 523 8.86 3.11 -42.13
N LEU C 524 7.87 2.63 -41.36
CA LEU C 524 8.15 2.17 -40.00
C LEU C 524 9.11 0.99 -40.01
N CYS C 525 8.86 0.01 -40.89
CA CYS C 525 9.68 -1.19 -40.90
C CYS C 525 11.11 -0.89 -41.32
N ARG C 526 11.29 -0.02 -42.32
CA ARG C 526 12.64 0.41 -42.69
C ARG C 526 13.35 1.03 -41.50
N ALA C 527 12.63 1.85 -40.72
CA ALA C 527 13.24 2.50 -39.57
C ALA C 527 13.80 1.49 -38.58
N TYR C 528 13.08 0.39 -38.35
CA TYR C 528 13.52 -0.65 -37.44
C TYR C 528 14.19 -1.81 -38.17
N HIS C 529 14.69 -1.56 -39.39
CA HIS C 529 15.33 -2.53 -40.27
C HIS C 529 14.66 -3.90 -40.22
N VAL C 530 13.43 -3.98 -40.70
CA VAL C 530 12.67 -5.23 -40.79
C VAL C 530 12.13 -5.35 -42.21
N GLU C 531 12.30 -6.53 -42.80
CA GLU C 531 11.82 -6.79 -44.15
C GLU C 531 10.31 -6.56 -44.23
N SER C 532 9.89 -5.73 -45.18
CA SER C 532 8.48 -5.35 -45.30
C SER C 532 8.05 -5.38 -46.76
N ARG C 533 6.90 -6.00 -47.02
CA ARG C 533 6.32 -6.07 -48.35
C ARG C 533 4.83 -5.78 -48.27
N GLN C 534 4.30 -5.20 -49.34
CA GLN C 534 2.87 -4.93 -49.47
C GLN C 534 2.30 -5.86 -50.54
N ILE C 535 1.30 -6.67 -50.16
CA ILE C 535 0.75 -7.69 -51.02
C ILE C 535 -0.77 -7.66 -50.96
N GLU C 536 -1.39 -8.32 -51.94
CA GLU C 536 -2.83 -8.51 -51.96
C GLU C 536 -3.19 -9.84 -51.31
N VAL C 537 -4.44 -9.94 -50.85
CA VAL C 537 -4.86 -11.05 -50.02
C VAL C 537 -4.71 -12.38 -50.75
N ASP C 538 -4.87 -12.38 -52.08
CA ASP C 538 -4.63 -13.59 -52.86
C ASP C 538 -3.19 -14.07 -52.71
N GLU C 539 -2.25 -13.16 -52.52
CA GLU C 539 -0.84 -13.51 -52.42
C GLU C 539 -0.43 -13.97 -51.04
N LEU C 540 -1.28 -13.78 -50.02
CA LEU C 540 -0.87 -14.06 -48.65
C LEU C 540 -0.55 -15.54 -48.45
N GLY C 541 -1.49 -16.42 -48.81
CA GLY C 541 -1.28 -17.85 -48.75
C GLY C 541 0.02 -18.28 -49.41
N PRO C 542 0.19 -17.94 -50.70
CA PRO C 542 1.46 -18.28 -51.37
C PRO C 542 2.68 -17.65 -50.74
N THR C 543 2.59 -16.38 -50.33
CA THR C 543 3.73 -15.73 -49.69
C THR C 543 4.09 -16.41 -48.38
N LEU C 544 3.09 -16.84 -47.61
CA LEU C 544 3.35 -17.42 -46.30
C LEU C 544 4.08 -18.76 -46.39
N ASP C 545 3.88 -19.51 -47.48
CA ASP C 545 4.51 -20.83 -47.55
C ASP C 545 5.95 -20.75 -48.00
N GLN C 546 6.41 -19.58 -48.45
CA GLN C 546 7.83 -19.38 -48.68
C GLN C 546 8.62 -19.64 -47.39
N PRO C 547 9.75 -20.36 -47.46
CA PRO C 547 10.57 -20.69 -46.30
C PRO C 547 11.13 -19.46 -45.59
N GLY C 550 13.57 -14.63 -42.41
CA GLY C 550 13.79 -14.54 -40.98
C GLY C 550 12.58 -14.01 -40.23
N MET C 551 12.55 -12.69 -40.04
CA MET C 551 11.38 -12.00 -39.53
C MET C 551 10.99 -10.93 -40.54
N ARG C 552 9.72 -10.91 -40.92
CA ARG C 552 9.25 -10.01 -41.97
C ARG C 552 7.82 -9.61 -41.70
N VAL C 553 7.37 -8.56 -42.39
CA VAL C 553 6.02 -8.03 -42.25
C VAL C 553 5.37 -7.98 -43.63
N LEU C 554 4.13 -8.48 -43.71
CA LEU C 554 3.35 -8.45 -44.95
C LEU C 554 2.13 -7.56 -44.70
N GLU C 555 2.09 -6.43 -45.39
CA GLU C 555 1.01 -5.46 -45.24
C GLU C 555 -0.05 -5.71 -46.31
N VAL C 556 -1.29 -5.89 -45.88
CA VAL C 556 -2.43 -6.06 -46.78
C VAL C 556 -3.40 -4.92 -46.49
N LYS C 557 -3.46 -3.95 -47.40
CA LYS C 557 -4.40 -2.85 -47.25
C LYS C 557 -5.83 -3.35 -47.44
N ALA C 558 -6.75 -2.76 -46.68
CA ALA C 558 -8.11 -3.28 -46.61
C ALA C 558 -9.09 -2.12 -46.49
N ASP C 559 -10.31 -2.35 -46.97
CA ASP C 559 -11.37 -1.36 -46.88
C ASP C 559 -12.16 -1.55 -45.60
N ARG C 560 -12.54 -0.43 -44.98
CA ARG C 560 -13.47 -0.47 -43.85
C ARG C 560 -14.79 0.23 -44.14
N SER C 561 -14.89 0.96 -45.25
CA SER C 561 -16.12 1.67 -45.58
C SER C 561 -17.27 0.71 -45.85
N SER C 562 -16.98 -0.49 -46.34
CA SER C 562 -18.01 -1.46 -46.70
C SER C 562 -18.22 -2.53 -45.63
N LEU C 563 -17.62 -2.37 -44.44
CA LEU C 563 -17.70 -3.42 -43.44
C LEU C 563 -19.10 -3.53 -42.86
N ARG C 564 -19.78 -2.40 -42.65
CA ARG C 564 -21.16 -2.44 -42.17
C ARG C 564 -22.04 -3.20 -43.16
N GLN C 565 -21.79 -3.04 -44.46
CA GLN C 565 -22.53 -3.80 -45.47
C GLN C 565 -22.17 -5.27 -45.41
N LEU C 566 -20.88 -5.58 -45.26
CA LEU C 566 -20.46 -6.98 -45.22
C LEU C 566 -21.04 -7.69 -44.01
N HIS C 567 -21.09 -7.03 -42.86
CA HIS C 567 -21.63 -7.66 -41.67
C HIS C 567 -23.14 -7.76 -41.72
N ALA C 568 -23.80 -6.79 -42.36
CA ALA C 568 -25.25 -6.89 -42.54
C ALA C 568 -25.62 -8.05 -43.46
N ALA C 569 -24.84 -8.24 -44.54
CA ALA C 569 -25.09 -9.35 -45.44
C ALA C 569 -24.95 -10.69 -44.71
N ILE C 570 -23.96 -10.80 -43.82
CA ILE C 570 -23.77 -12.03 -43.06
C ILE C 570 -24.96 -12.26 -42.13
N LYS C 571 -25.46 -11.19 -41.50
CA LYS C 571 -26.62 -11.31 -40.63
C LYS C 571 -27.85 -11.77 -41.41
N ALA C 572 -28.09 -11.16 -42.57
CA ALA C 572 -29.26 -11.52 -43.37
C ALA C 572 -29.18 -12.96 -43.88
N ALA C 573 -27.97 -13.50 -44.03
CA ALA C 573 -27.78 -14.84 -44.56
C ALA C 573 -27.86 -15.92 -43.50
N LEU C 574 -27.98 -15.57 -42.23
CA LEU C 574 -28.13 -16.56 -41.17
C LEU C 574 -29.44 -17.31 -41.34
N ASN D 22 -30.09 16.38 -16.10
CA ASN D 22 -29.25 15.26 -15.67
C ASN D 22 -28.25 15.73 -14.62
N PRO D 23 -28.15 14.99 -13.51
CA PRO D 23 -27.23 15.43 -12.44
C PRO D 23 -25.76 15.33 -12.82
N SER D 24 -25.35 14.26 -13.50
CA SER D 24 -23.93 14.06 -13.75
C SER D 24 -23.39 15.03 -14.79
N THR D 25 -24.19 15.39 -15.80
CA THR D 25 -23.72 16.37 -16.77
C THR D 25 -23.65 17.76 -16.17
N THR D 26 -24.60 18.10 -15.30
CA THR D 26 -24.50 19.35 -14.55
C THR D 26 -23.25 19.33 -13.68
N GLN D 27 -23.03 18.24 -12.96
CA GLN D 27 -21.83 18.10 -12.14
C GLN D 27 -20.57 18.19 -12.96
N ALA D 28 -20.56 17.58 -14.15
CA ALA D 28 -19.37 17.62 -15.00
C ALA D 28 -19.09 19.05 -15.47
N ARG D 29 -20.12 19.79 -15.86
CA ARG D 29 -19.93 21.17 -16.28
C ARG D 29 -19.42 22.03 -15.13
N VAL D 30 -19.93 21.80 -13.92
CA VAL D 30 -19.49 22.58 -12.76
C VAL D 30 -18.00 22.37 -12.51
N VAL D 31 -17.56 21.11 -12.53
CA VAL D 31 -16.16 20.80 -12.24
C VAL D 31 -15.25 21.41 -13.29
N VAL D 32 -15.56 21.18 -14.56
CA VAL D 32 -14.74 21.73 -15.64
C VAL D 32 -14.69 23.24 -15.55
N ASP D 33 -15.81 23.88 -15.24
CA ASP D 33 -15.83 25.33 -15.10
C ASP D 33 -14.91 25.79 -13.97
N GLU D 34 -14.95 25.09 -12.83
CA GLU D 34 -14.10 25.46 -11.71
C GLU D 34 -12.63 25.15 -12.01
N LEU D 35 -12.36 24.05 -12.71
CA LEU D 35 -11.00 23.73 -13.12
C LEU D 35 -10.43 24.84 -13.99
N ILE D 36 -11.22 25.32 -14.94
CA ILE D 36 -10.78 26.43 -15.80
C ILE D 36 -10.52 27.67 -14.95
N ARG D 37 -11.43 27.98 -14.02
CA ARG D 37 -11.21 29.08 -13.09
C ARG D 37 -9.96 28.89 -12.25
N GLY D 38 -9.49 27.66 -12.09
CA GLY D 38 -8.29 27.36 -11.36
C GLY D 38 -7.02 27.43 -12.17
N GLY D 39 -7.08 27.86 -13.43
CA GLY D 39 -5.90 27.99 -14.25
C GLY D 39 -5.53 26.77 -15.07
N VAL D 40 -6.44 25.82 -15.21
CA VAL D 40 -6.20 24.67 -16.09
C VAL D 40 -6.51 25.09 -17.52
N ARG D 41 -5.50 25.07 -18.38
CA ARG D 41 -5.67 25.44 -19.78
C ARG D 41 -5.58 24.27 -20.74
N ASP D 42 -5.04 23.14 -20.30
CA ASP D 42 -4.80 22.00 -21.17
C ASP D 42 -5.18 20.71 -20.47
N VAL D 43 -5.87 19.83 -21.18
CA VAL D 43 -6.29 18.53 -20.67
C VAL D 43 -5.92 17.49 -21.72
N VAL D 44 -5.33 16.38 -21.27
CA VAL D 44 -4.90 15.30 -22.15
C VAL D 44 -5.84 14.12 -21.97
N LEU D 45 -6.35 13.59 -23.08
CA LEU D 45 -7.25 12.45 -23.09
C LEU D 45 -6.70 11.40 -24.06
N CYS D 46 -7.18 10.17 -23.88
CA CYS D 46 -6.89 9.09 -24.81
C CYS D 46 -8.16 8.27 -25.02
N PRO D 47 -8.38 7.78 -26.24
CA PRO D 47 -9.54 6.90 -26.49
C PRO D 47 -9.49 5.72 -25.52
N GLY D 48 -10.65 5.37 -24.95
CA GLY D 48 -10.66 4.42 -23.86
C GLY D 48 -11.83 3.46 -23.92
N SER D 49 -11.70 2.40 -23.11
CA SER D 49 -12.71 1.36 -23.07
C SER D 49 -14.07 1.92 -22.67
N ARG D 50 -14.08 2.85 -21.74
CA ARG D 50 -15.28 3.56 -21.34
C ARG D 50 -15.13 5.04 -21.68
N ASN D 51 -16.20 5.81 -21.43
CA ASN D 51 -16.14 7.24 -21.68
C ASN D 51 -15.19 7.93 -20.70
N ALA D 52 -14.56 8.99 -21.17
CA ALA D 52 -13.66 9.77 -20.34
C ALA D 52 -14.45 10.50 -19.26
N PRO D 53 -13.87 10.69 -18.08
CA PRO D 53 -14.47 11.60 -17.10
C PRO D 53 -14.61 13.00 -17.69
N LEU D 54 -15.82 13.55 -17.61
CA LEU D 54 -16.13 14.92 -17.99
C LEU D 54 -15.98 15.19 -19.48
N ALA D 55 -16.01 14.15 -20.33
CA ALA D 55 -15.65 14.32 -21.74
C ALA D 55 -16.62 15.23 -22.48
N PHE D 56 -17.92 15.12 -22.19
CA PHE D 56 -18.88 16.04 -22.81
C PHE D 56 -18.68 17.45 -22.32
N ALA D 57 -18.47 17.63 -21.01
CA ALA D 57 -18.17 18.94 -20.47
C ALA D 57 -16.83 19.45 -20.97
N LEU D 58 -15.86 18.54 -21.15
CA LEU D 58 -14.56 18.94 -21.67
C LEU D 58 -14.66 19.37 -23.13
N GLN D 59 -15.43 18.64 -23.93
CA GLN D 59 -15.55 18.96 -25.35
C GLN D 59 -16.16 20.35 -25.56
N ASP D 60 -17.21 20.67 -24.79
CA ASP D 60 -17.83 21.98 -24.92
C ASP D 60 -16.86 23.09 -24.59
N ALA D 61 -16.09 22.94 -23.50
CA ALA D 61 -15.10 23.95 -23.14
C ALA D 61 -14.04 24.10 -24.22
N ASP D 62 -13.65 22.99 -24.84
CA ASP D 62 -12.66 23.06 -25.92
C ASP D 62 -13.24 23.74 -27.15
N ARG D 63 -14.51 23.47 -27.46
CA ARG D 63 -15.14 24.14 -28.60
C ARG D 63 -15.21 25.64 -28.38
N SER D 64 -15.55 26.06 -27.17
CA SER D 64 -15.64 27.49 -26.85
C SER D 64 -14.29 28.13 -26.60
N GLY D 65 -13.21 27.35 -26.58
CA GLY D 65 -11.89 27.91 -26.36
C GLY D 65 -11.53 28.18 -24.92
N ARG D 66 -12.35 27.74 -23.96
CA ARG D 66 -12.01 27.91 -22.56
C ARG D 66 -10.85 27.01 -22.14
N ILE D 67 -10.76 25.82 -22.75
CA ILE D 67 -9.72 24.85 -22.45
C ILE D 67 -9.28 24.22 -23.76
N ARG D 68 -8.06 23.69 -23.77
CA ARG D 68 -7.49 23.07 -24.96
C ARG D 68 -7.26 21.59 -24.69
N LEU D 69 -7.90 20.74 -25.48
CA LEU D 69 -7.78 19.30 -25.32
C LEU D 69 -6.70 18.75 -26.24
N HIS D 70 -5.99 17.72 -25.75
CA HIS D 70 -4.96 17.03 -26.51
C HIS D 70 -5.26 15.54 -26.43
N VAL D 71 -5.52 14.91 -27.58
CA VAL D 71 -5.82 13.50 -27.65
C VAL D 71 -4.61 12.74 -28.18
N ARG D 72 -4.28 11.63 -27.53
CA ARG D 72 -3.24 10.73 -27.99
C ARG D 72 -3.77 9.30 -27.85
N ILE D 73 -3.10 8.37 -28.52
CA ILE D 73 -3.50 6.96 -28.39
C ILE D 73 -2.63 6.25 -27.35
N ASP D 74 -1.34 6.58 -27.30
CA ASP D 74 -0.44 6.01 -26.29
C ASP D 74 -0.72 6.67 -24.95
N GLU D 75 -1.12 5.86 -23.97
CA GLU D 75 -1.41 6.41 -22.65
C GLU D 75 -0.15 6.86 -21.92
N ARG D 76 0.98 6.17 -22.13
CA ARG D 76 2.21 6.50 -21.41
C ARG D 76 2.74 7.87 -21.81
N THR D 77 2.82 8.14 -23.12
CA THR D 77 3.39 9.40 -23.58
C THR D 77 2.35 10.52 -23.49
N ALA D 78 1.06 10.18 -23.37
CA ALA D 78 0.04 11.16 -23.01
C ALA D 78 0.24 11.69 -21.59
N GLY D 79 0.71 10.84 -20.69
CA GLY D 79 1.02 11.31 -19.35
C GLY D 79 2.20 12.26 -19.35
N TYR D 80 3.25 11.95 -20.11
CA TYR D 80 4.40 12.85 -20.20
C TYR D 80 4.07 14.08 -21.01
N LEU D 81 3.09 14.01 -21.91
CA LEU D 81 2.62 15.20 -22.59
C LEU D 81 2.00 16.17 -21.59
N ALA D 82 1.26 15.65 -20.60
CA ALA D 82 0.72 16.49 -19.55
C ALA D 82 1.84 17.07 -18.68
N ILE D 83 2.87 16.27 -18.41
CA ILE D 83 4.04 16.76 -17.68
C ILE D 83 4.61 17.98 -18.39
N GLY D 84 4.78 17.89 -19.70
CA GLY D 84 5.31 19.02 -20.46
C GLY D 84 4.36 20.20 -20.47
N LEU D 85 3.06 19.94 -20.65
CA LEU D 85 2.07 21.02 -20.65
C LEU D 85 2.03 21.74 -19.30
N ALA D 86 2.53 21.12 -18.24
CA ALA D 86 2.54 21.75 -16.92
C ALA D 86 3.85 22.48 -16.66
N ILE D 87 4.99 21.83 -16.92
CA ILE D 87 6.28 22.49 -16.70
C ILE D 87 6.59 23.55 -17.74
N GLY D 88 5.84 23.58 -18.85
CA GLY D 88 6.09 24.57 -19.88
C GLY D 88 5.74 25.98 -19.43
N ALA D 89 4.70 26.12 -18.60
CA ALA D 89 4.33 27.43 -18.07
C ALA D 89 3.89 27.37 -16.61
N GLY D 90 4.10 26.26 -15.91
CA GLY D 90 3.83 26.19 -14.50
C GLY D 90 2.36 26.12 -14.13
N ALA D 91 1.51 25.58 -15.02
CA ALA D 91 0.08 25.56 -14.82
C ALA D 91 -0.43 24.15 -14.56
N PRO D 92 -1.52 24.00 -13.80
CA PRO D 92 -2.05 22.66 -13.54
C PRO D 92 -2.68 22.05 -14.78
N VAL D 93 -2.37 20.78 -15.03
CA VAL D 93 -2.82 20.05 -16.21
C VAL D 93 -3.57 18.81 -15.76
N CYS D 94 -4.64 18.48 -16.49
CA CYS D 94 -5.44 17.30 -16.23
C CYS D 94 -5.17 16.23 -17.27
N VAL D 95 -5.28 14.96 -16.84
CA VAL D 95 -5.23 13.82 -17.74
C VAL D 95 -6.45 12.95 -17.43
N ALA D 96 -7.15 12.50 -18.47
CA ALA D 96 -8.43 11.83 -18.34
C ALA D 96 -8.26 10.34 -18.63
N MET D 97 -8.24 9.53 -17.58
CA MET D 97 -8.15 8.08 -17.74
C MET D 97 -9.42 7.54 -18.37
N THR D 98 -9.28 6.47 -19.14
CA THR D 98 -10.39 5.96 -19.92
C THR D 98 -10.45 4.44 -20.04
N SER D 99 -9.48 3.71 -19.50
CA SER D 99 -9.39 2.28 -19.79
C SER D 99 -8.71 1.55 -18.64
N GLY D 100 -8.55 0.25 -18.80
CA GLY D 100 -7.94 -0.61 -17.79
C GLY D 100 -6.42 -0.64 -17.80
N THR D 101 -5.79 -0.06 -18.81
CA THR D 101 -4.34 0.11 -18.81
C THR D 101 -3.92 1.51 -18.41
N ALA D 102 -4.87 2.41 -18.22
CA ALA D 102 -4.54 3.82 -17.99
C ALA D 102 -3.66 4.01 -16.77
N VAL D 103 -4.00 3.35 -15.66
CA VAL D 103 -3.22 3.50 -14.43
C VAL D 103 -1.81 2.99 -14.62
N ALA D 104 -1.65 1.87 -15.32
CA ALA D 104 -0.33 1.30 -15.52
C ALA D 104 0.53 2.18 -16.44
N ASN D 105 -0.08 2.76 -17.47
CA ASN D 105 0.66 3.60 -18.39
C ASN D 105 0.95 4.98 -17.81
N LEU D 106 0.08 5.48 -16.94
CA LEU D 106 0.29 6.80 -16.34
C LEU D 106 1.29 6.77 -15.20
N GLY D 107 1.59 5.59 -14.66
CA GLY D 107 2.48 5.42 -13.54
C GLY D 107 3.80 6.18 -13.64
N PRO D 108 4.56 5.97 -14.71
CA PRO D 108 5.83 6.71 -14.87
C PRO D 108 5.68 8.22 -14.73
N ALA D 109 4.72 8.81 -15.44
CA ALA D 109 4.55 10.27 -15.38
C ALA D 109 4.12 10.74 -14.00
N VAL D 110 3.31 9.94 -13.29
CA VAL D 110 2.85 10.35 -11.97
C VAL D 110 4.00 10.33 -10.97
N VAL D 111 4.86 9.30 -11.05
CA VAL D 111 6.05 9.26 -10.20
C VAL D 111 6.94 10.46 -10.50
N GLU D 112 7.15 10.75 -11.78
CA GLU D 112 7.93 11.93 -12.16
C GLU D 112 7.25 13.20 -11.68
N ALA D 113 5.93 13.27 -11.80
CA ALA D 113 5.19 14.44 -11.31
C ALA D 113 5.37 14.62 -9.80
N ASN D 114 5.51 13.52 -9.07
CA ASN D 114 5.71 13.61 -7.63
C ASN D 114 7.07 14.18 -7.30
N TYR D 115 8.13 13.54 -7.82
CA TYR D 115 9.48 13.93 -7.42
C TYR D 115 9.88 15.28 -8.02
N ALA D 116 9.38 15.61 -9.21
CA ALA D 116 9.64 16.90 -9.82
C ALA D 116 8.63 17.97 -9.41
N ARG D 117 7.63 17.62 -8.61
CA ARG D 117 6.62 18.55 -8.09
C ARG D 117 5.92 19.28 -9.24
N VAL D 118 5.14 18.49 -9.98
CA VAL D 118 4.45 18.96 -11.18
C VAL D 118 2.95 18.89 -10.91
N PRO D 119 2.19 19.97 -11.15
CA PRO D 119 0.75 19.93 -10.89
C PRO D 119 -0.01 19.07 -11.89
N LEU D 120 -0.13 17.78 -11.59
CA LEU D 120 -0.80 16.82 -12.47
C LEU D 120 -2.07 16.34 -11.78
N ILE D 121 -3.21 16.54 -12.42
CA ILE D 121 -4.49 16.07 -11.92
C ILE D 121 -4.95 14.90 -12.78
N VAL D 122 -5.03 13.72 -12.19
CA VAL D 122 -5.46 12.51 -12.87
C VAL D 122 -6.94 12.32 -12.60
N LEU D 123 -7.75 12.33 -13.65
CA LEU D 123 -9.20 12.20 -13.53
C LEU D 123 -9.63 10.76 -13.73
N SER D 124 -10.53 10.29 -12.88
CA SER D 124 -11.12 8.97 -12.99
C SER D 124 -12.64 9.10 -12.88
N ALA D 125 -13.33 7.99 -13.17
CA ALA D 125 -14.80 7.97 -13.10
C ALA D 125 -15.23 6.55 -12.73
N ASN D 126 -15.20 6.25 -11.44
CA ASN D 126 -15.71 4.97 -10.96
C ASN D 126 -17.23 4.92 -11.10
N ARG D 127 -17.75 3.69 -11.13
CA ARG D 127 -19.18 3.45 -11.27
C ARG D 127 -19.65 2.69 -10.04
N PRO D 128 -20.12 3.40 -9.00
CA PRO D 128 -20.47 2.74 -7.73
C PRO D 128 -21.64 1.78 -7.83
N TYR D 129 -22.32 1.70 -8.96
CA TYR D 129 -23.39 0.73 -9.16
C TYR D 129 -22.89 -0.59 -9.74
N GLU D 130 -21.59 -0.82 -9.71
CA GLU D 130 -20.99 -2.00 -10.33
C GLU D 130 -20.13 -2.73 -9.31
N LEU D 131 -19.97 -4.03 -9.55
CA LEU D 131 -19.20 -4.88 -8.64
C LEU D 131 -17.72 -4.51 -8.65
N LEU D 132 -17.09 -4.63 -7.49
CA LEU D 132 -15.67 -4.40 -7.34
C LEU D 132 -15.00 -5.66 -6.82
N GLY D 133 -13.88 -6.02 -7.42
CA GLY D 133 -13.08 -7.14 -6.96
C GLY D 133 -13.52 -8.51 -7.44
N THR D 134 -14.30 -8.58 -8.53
CA THR D 134 -14.83 -9.84 -9.02
C THR D 134 -14.46 -10.17 -10.46
N GLY D 135 -13.93 -9.22 -11.20
CA GLY D 135 -13.55 -9.46 -12.58
C GLY D 135 -12.53 -8.44 -13.03
N ALA D 136 -12.60 -8.07 -14.30
CA ALA D 136 -11.70 -7.07 -14.84
C ALA D 136 -12.25 -5.67 -14.62
N MET D 140 -10.92 1.19 -13.59
CA MET D 140 -9.63 1.49 -12.98
C MET D 140 -8.95 0.21 -12.51
N GLU D 141 -7.74 -0.04 -13.02
CA GLU D 141 -6.96 -1.23 -12.68
C GLU D 141 -5.84 -0.79 -11.75
N GLN D 142 -6.06 -0.98 -10.45
CA GLN D 142 -5.22 -0.36 -9.44
C GLN D 142 -3.87 -1.05 -9.28
N LEU D 143 -2.83 -0.24 -9.14
CA LEU D 143 -1.50 -0.69 -8.76
C LEU D 143 -1.23 -0.19 -7.35
N GLY D 144 0.04 -0.24 -6.93
CA GLY D 144 0.38 0.21 -5.60
C GLY D 144 0.89 1.62 -5.50
N TYR D 145 1.05 2.32 -6.63
CA TYR D 145 1.81 3.57 -6.61
C TYR D 145 0.95 4.77 -6.23
N PHE D 146 -0.36 4.72 -6.46
CA PHE D 146 -1.20 5.87 -6.12
C PHE D 146 -1.09 6.22 -4.64
N GLY D 147 -0.98 5.21 -3.79
CA GLY D 147 -0.91 5.47 -2.36
C GLY D 147 0.35 6.19 -1.92
N THR D 148 1.43 6.07 -2.70
CA THR D 148 2.72 6.62 -2.28
C THR D 148 3.14 7.87 -3.06
N GLN D 149 2.43 8.25 -4.12
CA GLN D 149 2.87 9.33 -4.98
C GLN D 149 2.02 10.59 -4.90
N VAL D 150 0.70 10.47 -4.75
CA VAL D 150 -0.18 11.62 -4.92
C VAL D 150 -0.26 12.44 -3.64
N ARG D 151 -0.52 13.74 -3.81
CA ARG D 151 -0.76 14.62 -2.67
C ARG D 151 -2.16 14.42 -2.09
N ALA D 152 -3.12 14.03 -2.93
CA ALA D 152 -4.49 13.91 -2.48
C ALA D 152 -5.22 12.90 -3.35
N SER D 153 -6.22 12.24 -2.76
CA SER D 153 -7.13 11.34 -3.46
C SER D 153 -8.53 11.75 -3.05
N ILE D 154 -9.21 12.49 -3.93
CA ILE D 154 -10.50 13.09 -3.62
C ILE D 154 -11.53 12.53 -4.59
N SER D 155 -12.63 12.00 -4.05
CA SER D 155 -13.75 11.50 -4.84
C SER D 155 -14.93 12.44 -4.63
N LEU D 156 -15.55 12.85 -5.74
CA LEU D 156 -16.61 13.85 -5.66
C LEU D 156 -17.91 13.28 -5.11
N GLY D 157 -18.13 11.99 -5.26
CA GLY D 157 -19.43 11.46 -4.88
C GLY D 157 -20.45 11.58 -5.99
N LEU D 158 -21.37 10.62 -6.03
CA LEU D 158 -22.36 10.59 -7.09
C LEU D 158 -23.28 11.81 -6.99
N ALA D 159 -23.71 12.30 -8.15
CA ALA D 159 -24.59 13.45 -8.22
C ALA D 159 -26.03 13.01 -8.03
N GLU D 160 -26.70 13.56 -7.01
CA GLU D 160 -28.05 13.15 -6.72
C GLU D 160 -29.05 13.97 -7.52
N ASP D 161 -30.20 13.34 -7.83
CA ASP D 161 -31.27 13.98 -8.57
C ASP D 161 -32.10 14.78 -7.57
N ALA D 162 -31.70 16.04 -7.35
CA ALA D 162 -32.27 16.84 -6.26
C ALA D 162 -32.16 18.31 -6.62
N PRO D 163 -33.08 18.83 -7.44
CA PRO D 163 -33.01 20.24 -7.83
C PRO D 163 -33.22 21.19 -6.67
N GLU D 164 -33.86 20.74 -5.60
CA GLU D 164 -33.97 21.54 -4.39
C GLU D 164 -32.63 22.03 -3.88
N ARG D 165 -31.61 21.18 -3.92
CA ARG D 165 -30.32 21.43 -3.29
C ARG D 165 -29.22 21.71 -4.30
N THR D 166 -29.57 22.08 -5.52
CA THR D 166 -28.58 22.42 -6.54
C THR D 166 -27.56 23.41 -6.01
N SER D 167 -28.06 24.49 -5.39
CA SER D 167 -27.17 25.55 -4.90
C SER D 167 -26.15 24.99 -3.92
N ALA D 168 -26.57 24.07 -3.04
CA ALA D 168 -25.64 23.43 -2.11
C ALA D 168 -24.72 22.44 -2.82
N LEU D 169 -25.27 21.65 -3.74
CA LEU D 169 -24.43 20.73 -4.51
C LEU D 169 -23.42 21.48 -5.36
N ASN D 170 -23.79 22.67 -5.84
CA ASN D 170 -22.85 23.47 -6.61
C ASN D 170 -21.65 23.88 -5.76
N ALA D 171 -21.91 24.39 -4.56
CA ALA D 171 -20.83 24.82 -3.68
C ALA D 171 -19.98 23.65 -3.22
N THR D 172 -20.57 22.47 -3.05
CA THR D 172 -19.80 21.31 -2.62
C THR D 172 -18.91 20.80 -3.74
N TRP D 173 -19.43 20.73 -4.97
CA TRP D 173 -18.61 20.29 -6.09
C TRP D 173 -17.48 21.27 -6.37
N ARG D 174 -17.76 22.57 -6.28
CA ARG D 174 -16.75 23.57 -6.64
C ARG D 174 -15.65 23.66 -5.59
N SER D 175 -16.01 23.60 -4.31
CA SER D 175 -15.01 23.64 -3.25
C SER D 175 -14.10 22.42 -3.30
N ALA D 176 -14.66 21.26 -3.60
CA ALA D 176 -13.85 20.05 -3.74
C ALA D 176 -12.90 20.17 -4.91
N THR D 177 -13.35 20.78 -6.01
CA THR D 177 -12.45 21.03 -7.13
C THR D 177 -11.37 22.04 -6.75
N CYS D 178 -11.73 23.08 -6.01
CA CYS D 178 -10.73 23.98 -5.45
C CYS D 178 -9.74 23.22 -4.58
N ARG D 179 -10.22 22.22 -3.85
CA ARG D 179 -9.36 21.41 -3.01
C ARG D 179 -8.38 20.59 -3.85
N VAL D 180 -8.85 20.03 -4.96
CA VAL D 180 -7.98 19.26 -5.84
C VAL D 180 -6.90 20.13 -6.44
N LEU D 181 -7.26 21.35 -6.87
CA LEU D 181 -6.28 22.26 -7.44
C LEU D 181 -5.27 22.72 -6.38
N ALA D 182 -5.75 22.99 -5.16
CA ALA D 182 -4.85 23.43 -4.10
C ALA D 182 -3.79 22.38 -3.79
N ALA D 183 -4.18 21.11 -3.79
CA ALA D 183 -3.21 20.04 -3.58
C ALA D 183 -2.28 19.90 -4.78
N ALA D 184 -2.81 20.07 -5.99
CA ALA D 184 -2.00 19.86 -7.19
C ALA D 184 -0.96 20.95 -7.36
N THR D 185 -1.35 22.21 -7.16
CA THR D 185 -0.42 23.34 -7.32
C THR D 185 0.34 23.67 -6.05
N GLY D 186 0.07 22.97 -4.94
CA GLY D 186 0.74 23.28 -3.70
C GLY D 186 0.40 24.64 -3.15
N ALA D 187 -0.85 25.09 -3.32
CA ALA D 187 -1.23 26.44 -2.91
C ALA D 187 -1.12 26.65 -1.41
N ARG D 188 -1.13 25.58 -0.61
CA ARG D 188 -0.96 25.68 0.82
C ARG D 188 0.21 24.86 1.37
N THR D 189 0.69 23.87 0.62
CA THR D 189 1.79 23.02 1.07
C THR D 189 3.14 23.46 0.51
N ALA D 190 3.15 24.35 -0.49
CA ALA D 190 4.37 24.66 -1.24
C ALA D 190 5.00 23.40 -1.81
N ASN D 191 4.16 22.44 -2.20
CA ASN D 191 4.63 21.13 -2.67
C ASN D 191 3.66 20.63 -3.74
N ALA D 192 3.77 21.22 -4.93
CA ALA D 192 2.99 20.75 -6.06
C ALA D 192 3.26 19.28 -6.34
N GLY D 193 2.32 18.64 -7.03
CA GLY D 193 2.44 17.23 -7.32
C GLY D 193 1.14 16.63 -7.82
N PRO D 194 1.17 15.33 -8.13
CA PRO D 194 0.00 14.68 -8.71
C PRO D 194 -1.13 14.51 -7.72
N VAL D 195 -2.36 14.62 -8.22
CA VAL D 195 -3.58 14.47 -7.44
C VAL D 195 -4.51 13.54 -8.19
N HIS D 196 -5.14 12.61 -7.46
CA HIS D 196 -6.16 11.75 -8.02
C HIS D 196 -7.53 12.36 -7.73
N PHE D 197 -8.27 12.68 -8.80
CA PHE D 197 -9.60 13.29 -8.71
C PHE D 197 -10.59 12.32 -9.34
N ASP D 198 -11.50 11.79 -8.52
CA ASP D 198 -12.51 10.86 -9.00
C ASP D 198 -13.87 11.53 -9.03
N ILE D 199 -14.58 11.36 -10.14
CA ILE D 199 -15.96 11.83 -10.26
C ILE D 199 -16.81 10.63 -10.67
N PRO D 200 -17.52 10.01 -9.74
CA PRO D 200 -18.21 8.75 -10.06
C PRO D 200 -19.41 8.95 -10.96
N LEU D 201 -19.78 7.87 -11.65
CA LEU D 201 -20.78 7.91 -12.70
C LEU D 201 -21.79 6.79 -12.52
N ARG D 202 -22.97 6.99 -13.08
CA ARG D 202 -23.99 5.97 -13.21
C ARG D 202 -24.33 5.81 -14.69
N GLU D 203 -24.29 4.56 -15.17
CA GLU D 203 -24.46 4.17 -16.58
C GLU D 203 -24.73 5.31 -17.57
N THR D 216 -26.40 25.67 -16.08
CA THR D 216 -25.23 25.38 -15.26
C THR D 216 -25.14 26.34 -14.09
N PRO D 217 -25.12 25.81 -12.87
CA PRO D 217 -24.99 26.66 -11.69
C PRO D 217 -23.70 27.46 -11.74
N PRO D 218 -23.76 28.77 -11.48
CA PRO D 218 -22.60 29.62 -11.69
C PRO D 218 -21.60 29.53 -10.55
N GLY D 219 -20.35 29.88 -10.87
CA GLY D 219 -19.32 30.05 -9.87
C GLY D 219 -19.33 31.45 -9.31
N ARG D 220 -18.19 31.84 -8.75
CA ARG D 220 -18.08 33.17 -8.16
C ARG D 220 -18.08 34.24 -9.24
N PRO D 221 -18.45 35.47 -8.88
CA PRO D 221 -18.38 36.58 -9.84
C PRO D 221 -16.95 36.90 -10.22
N ALA D 222 -16.82 37.57 -11.37
CA ALA D 222 -15.52 37.99 -11.91
C ALA D 222 -14.58 36.81 -12.12
N GLY D 223 -15.14 35.63 -12.38
CA GLY D 223 -14.35 34.45 -12.70
C GLY D 223 -13.47 33.93 -11.59
N LYS D 224 -13.65 34.45 -10.38
CA LYS D 224 -12.78 34.09 -9.27
C LYS D 224 -13.02 32.64 -8.86
N PRO D 225 -11.99 31.94 -8.38
CA PRO D 225 -12.18 30.57 -7.89
C PRO D 225 -13.13 30.55 -6.69
N TRP D 226 -13.82 29.43 -6.54
CA TRP D 226 -14.86 29.33 -5.51
C TRP D 226 -14.27 29.54 -4.12
N THR D 227 -13.20 28.83 -3.79
CA THR D 227 -12.45 29.04 -2.56
C THR D 227 -11.08 29.56 -2.92
N TYR D 228 -10.82 30.81 -2.57
CA TYR D 228 -9.57 31.48 -2.92
C TYR D 228 -8.50 31.19 -1.88
N THR D 229 -7.35 30.74 -2.34
CA THR D 229 -6.18 30.57 -1.46
C THR D 229 -5.08 31.52 -1.91
N PRO D 230 -4.84 32.61 -1.19
CA PRO D 230 -3.83 33.59 -1.61
C PRO D 230 -2.44 32.99 -1.60
N PRO D 231 -1.44 33.70 -2.11
CA PRO D 231 -0.07 33.14 -2.12
C PRO D 231 0.42 32.86 -0.71
N VAL D 232 1.03 31.69 -0.54
CA VAL D 232 1.54 31.25 0.74
C VAL D 232 3.06 31.33 0.72
N THR D 233 3.64 31.70 1.86
CA THR D 233 5.09 31.77 2.02
C THR D 233 5.48 30.85 3.17
N PHE D 234 6.18 29.76 2.85
CA PHE D 234 6.91 28.99 3.84
C PHE D 234 8.28 29.61 4.02
N ASP D 235 8.64 29.92 5.26
CA ASP D 235 9.82 30.74 5.53
C ASP D 235 10.62 30.13 6.68
N GLN D 236 11.90 29.86 6.41
CA GLN D 236 12.76 29.15 7.36
C GLN D 236 14.18 29.71 7.24
N PRO D 237 14.45 30.82 7.90
CA PRO D 237 15.77 31.46 7.76
C PRO D 237 16.88 30.62 8.38
N LEU D 238 18.06 30.66 7.76
CA LEU D 238 19.25 30.00 8.25
C LEU D 238 20.40 30.99 8.30
N ASP D 239 21.07 31.06 9.45
CA ASP D 239 22.25 31.92 9.58
C ASP D 239 23.44 31.24 8.91
N ILE D 240 24.06 31.93 7.95
CA ILE D 240 25.21 31.40 7.22
C ILE D 240 26.30 32.46 7.17
N ASP D 241 27.53 32.05 7.50
CA ASP D 241 28.69 32.94 7.53
C ASP D 241 29.36 32.90 6.15
N LEU D 242 29.14 33.94 5.35
CA LEU D 242 29.70 33.97 4.00
C LEU D 242 31.21 34.16 3.99
N SER D 243 31.82 34.55 5.11
CA SER D 243 33.28 34.66 5.17
C SER D 243 33.94 33.30 5.09
N VAL D 244 33.25 32.25 5.54
CA VAL D 244 33.73 30.89 5.33
C VAL D 244 33.72 30.58 3.84
N ASP D 245 34.76 29.90 3.37
CA ASP D 245 34.89 29.59 1.95
C ASP D 245 33.70 28.79 1.47
N THR D 246 32.77 29.45 0.80
CA THR D 246 31.46 28.91 0.44
C THR D 246 31.36 28.74 -1.07
N VAL D 247 30.70 27.66 -1.50
CA VAL D 247 30.31 27.48 -2.89
C VAL D 247 28.88 26.96 -2.91
N VAL D 248 28.12 27.40 -3.91
CA VAL D 248 26.70 27.12 -4.02
C VAL D 248 26.51 26.00 -5.04
N ILE D 249 25.81 24.93 -4.65
CA ILE D 249 25.40 23.89 -5.57
C ILE D 249 23.88 23.95 -5.68
N SER D 250 23.38 24.20 -6.87
CA SER D 250 21.94 24.37 -7.10
C SER D 250 21.47 23.33 -8.10
N GLY D 251 20.51 22.51 -7.70
CA GLY D 251 19.95 21.49 -8.58
C GLY D 251 18.51 21.76 -8.93
N HIS D 252 17.78 20.68 -9.24
CA HIS D 252 16.39 20.80 -9.67
C HIS D 252 15.52 21.39 -8.56
N GLY D 253 14.62 22.29 -8.96
CA GLY D 253 13.70 22.89 -8.00
C GLY D 253 14.31 23.91 -7.07
N ALA D 254 15.49 24.42 -7.40
CA ALA D 254 16.14 25.41 -6.54
C ALA D 254 15.43 26.76 -6.63
N GLY D 255 15.40 27.47 -5.51
CA GLY D 255 14.86 28.81 -5.48
C GLY D 255 15.90 29.86 -5.86
N VAL D 256 15.43 31.10 -5.98
CA VAL D 256 16.27 32.22 -6.39
C VAL D 256 16.62 33.03 -5.15
N HIS D 257 17.91 33.17 -4.87
CA HIS D 257 18.40 33.84 -3.68
C HIS D 257 19.26 35.04 -4.06
N PRO D 258 18.72 36.26 -3.98
CA PRO D 258 19.55 37.44 -4.31
C PRO D 258 20.81 37.57 -3.46
N ASN D 259 20.74 37.27 -2.17
CA ASN D 259 21.89 37.48 -1.29
C ASN D 259 22.95 36.37 -1.41
N LEU D 260 22.78 35.45 -2.36
CA LEU D 260 23.80 34.46 -2.67
C LEU D 260 24.37 34.65 -4.07
N ALA D 261 24.07 35.77 -4.72
CA ALA D 261 24.37 35.93 -6.14
C ALA D 261 25.87 36.01 -6.41
N ALA D 262 26.65 36.53 -5.47
CA ALA D 262 28.08 36.72 -5.69
C ALA D 262 28.86 35.42 -5.55
N LEU D 263 28.33 34.43 -4.83
CA LEU D 263 29.11 33.25 -4.50
C LEU D 263 29.34 32.40 -5.75
N PRO D 264 30.43 31.62 -5.77
CA PRO D 264 30.62 30.66 -6.87
C PRO D 264 29.49 29.64 -6.82
N THR D 265 28.90 29.36 -7.98
CA THR D 265 27.70 28.54 -8.04
C THR D 265 27.88 27.44 -9.08
N VAL D 266 28.00 26.20 -8.61
CA VAL D 266 27.95 25.05 -9.49
C VAL D 266 26.49 24.72 -9.75
N ALA D 267 25.92 25.33 -10.79
CA ALA D 267 24.50 25.23 -11.06
C ALA D 267 24.21 24.12 -12.06
N GLU D 268 23.07 23.47 -11.88
CA GLU D 268 22.55 22.52 -12.84
C GLU D 268 21.75 23.24 -13.91
N PRO D 269 21.53 22.62 -15.06
CA PRO D 269 20.83 23.34 -16.15
C PRO D 269 19.42 23.79 -15.78
N THR D 270 18.65 22.95 -15.08
CA THR D 270 17.29 23.30 -14.72
C THR D 270 17.21 24.26 -13.54
N ALA D 271 18.31 24.53 -12.86
CA ALA D 271 18.29 25.41 -11.72
C ALA D 271 18.37 26.86 -12.18
N PRO D 272 17.48 27.74 -11.71
CA PRO D 272 17.63 29.16 -12.01
C PRO D 272 18.91 29.71 -11.39
N ARG D 273 19.41 30.78 -11.98
CA ARG D 273 20.62 31.43 -11.49
C ARG D 273 20.25 32.69 -10.71
N SER D 274 20.89 32.86 -9.56
CA SER D 274 20.70 34.05 -8.76
C SER D 274 21.67 35.17 -9.14
N GLY D 275 22.88 34.81 -9.56
CA GLY D 275 23.87 35.79 -9.94
C GLY D 275 24.69 35.39 -11.16
N ASP D 276 25.96 35.74 -11.17
CA ASP D 276 26.79 35.57 -12.36
C ASP D 276 28.24 35.23 -11.96
N ASN D 277 28.40 34.27 -11.07
CA ASN D 277 29.71 33.74 -10.70
C ASN D 277 29.69 32.23 -10.87
N PRO D 278 29.67 31.76 -12.12
CA PRO D 278 29.54 30.31 -12.34
C PRO D 278 30.83 29.58 -11.99
N LEU D 279 30.66 28.36 -11.49
CA LEU D 279 31.78 27.48 -11.17
C LEU D 279 31.58 26.17 -11.90
N HIS D 280 32.50 25.85 -12.82
CA HIS D 280 32.38 24.65 -13.62
C HIS D 280 32.38 23.41 -12.72
N PRO D 281 31.53 22.41 -13.01
CA PRO D 281 31.54 21.20 -12.18
C PRO D 281 32.89 20.52 -12.12
N LEU D 282 33.68 20.59 -13.20
CA LEU D 282 34.99 19.96 -13.21
C LEU D 282 36.01 20.72 -12.37
N ALA D 283 35.73 21.99 -12.05
CA ALA D 283 36.63 22.73 -11.17
C ALA D 283 36.46 22.30 -9.72
N LEU D 284 35.29 21.75 -9.37
CA LEU D 284 34.99 21.38 -7.99
C LEU D 284 36.01 20.45 -7.34
N PRO D 285 36.46 19.37 -7.98
CA PRO D 285 37.41 18.47 -7.29
C PRO D 285 38.75 19.12 -6.98
N LEU D 286 39.09 20.21 -7.64
CA LEU D 286 40.37 20.87 -7.42
C LEU D 286 40.28 22.03 -6.43
N LEU D 287 39.16 22.16 -5.73
CA LEU D 287 38.96 23.19 -4.72
C LEU D 287 38.68 22.54 -3.37
N ARG D 288 38.82 23.34 -2.31
CA ARG D 288 38.55 22.89 -0.95
C ARG D 288 37.61 23.87 -0.27
N PRO D 289 36.32 23.86 -0.62
CA PRO D 289 35.38 24.74 0.08
C PRO D 289 35.16 24.26 1.50
N GLN D 290 35.05 25.22 2.41
CA GLN D 290 34.84 24.90 3.82
C GLN D 290 33.37 24.69 4.17
N GLN D 291 32.46 25.16 3.32
CA GLN D 291 31.03 24.93 3.53
C GLN D 291 30.34 25.04 2.18
N VAL D 292 29.22 24.33 2.05
CA VAL D 292 28.44 24.30 0.82
C VAL D 292 27.01 24.72 1.13
N ILE D 293 26.50 25.67 0.35
CA ILE D 293 25.08 25.97 0.33
C ILE D 293 24.45 25.16 -0.79
N MET D 294 23.52 24.27 -0.44
CA MET D 294 22.88 23.40 -1.41
C MET D 294 21.46 23.92 -1.67
N LEU D 295 21.15 24.16 -2.94
CA LEU D 295 19.85 24.67 -3.35
C LEU D 295 19.12 23.59 -4.13
N GLY D 296 17.86 23.33 -3.74
CA GLY D 296 17.07 22.37 -4.46
C GLY D 296 17.59 20.95 -4.31
N ARG D 297 17.41 20.17 -5.37
CA ARG D 297 17.70 18.73 -5.36
C ARG D 297 18.77 18.41 -6.41
N PRO D 298 20.04 18.38 -6.03
CA PRO D 298 21.09 18.06 -7.01
C PRO D 298 21.16 16.57 -7.28
N THR D 299 21.22 16.21 -8.57
CA THR D 299 21.37 14.83 -8.99
C THR D 299 22.58 14.59 -9.87
N LEU D 300 23.29 15.64 -10.27
CA LEU D 300 24.34 15.53 -11.29
C LEU D 300 25.73 15.67 -10.69
N HIS D 301 26.68 15.04 -11.37
CA HIS D 301 28.12 15.15 -11.15
C HIS D 301 28.59 14.38 -9.94
N ARG D 302 29.43 13.38 -10.19
CA ARG D 302 30.07 12.64 -9.09
C ARG D 302 30.91 13.53 -8.18
N PRO D 303 31.64 14.54 -8.67
CA PRO D 303 32.32 15.45 -7.73
C PRO D 303 31.38 16.16 -6.78
N VAL D 304 30.15 16.43 -7.20
CA VAL D 304 29.20 17.13 -6.34
C VAL D 304 28.78 16.24 -5.18
N SER D 305 28.39 15.00 -5.47
CA SER D 305 28.01 14.06 -4.41
C SER D 305 29.17 13.84 -3.45
N VAL D 306 30.41 13.77 -3.98
CA VAL D 306 31.58 13.62 -3.13
C VAL D 306 31.67 14.80 -2.15
N LEU D 307 31.51 16.02 -2.67
CA LEU D 307 31.56 17.21 -1.82
C LEU D 307 30.42 17.21 -0.80
N LEU D 308 29.20 16.91 -1.26
CA LEU D 308 28.05 16.98 -0.36
C LEU D 308 28.10 15.93 0.73
N ALA D 309 28.80 14.82 0.52
CA ALA D 309 28.94 13.78 1.51
C ALA D 309 30.16 13.96 2.40
N ASP D 310 30.91 15.05 2.24
CA ASP D 310 32.14 15.27 2.99
C ASP D 310 31.80 15.67 4.42
N ALA D 311 32.14 14.82 5.38
CA ALA D 311 31.75 15.02 6.77
C ALA D 311 32.45 16.22 7.42
N GLU D 312 33.49 16.77 6.79
CA GLU D 312 34.17 17.94 7.31
C GLU D 312 33.72 19.23 6.67
N VAL D 313 32.80 19.16 5.71
CA VAL D 313 32.23 20.32 5.04
C VAL D 313 30.76 20.41 5.46
N PRO D 314 30.38 21.40 6.26
CA PRO D 314 28.95 21.59 6.56
C PRO D 314 28.18 21.92 5.29
N VAL D 315 26.97 21.38 5.19
CA VAL D 315 26.12 21.56 4.03
C VAL D 315 24.77 22.08 4.49
N PHE D 316 24.42 23.29 4.08
CA PHE D 316 23.14 23.92 4.39
C PHE D 316 22.20 23.70 3.22
N ALA D 317 21.07 23.04 3.49
CA ALA D 317 20.09 22.76 2.45
C ALA D 317 19.02 23.86 2.43
N LEU D 318 18.93 24.56 1.31
CA LEU D 318 17.90 25.58 1.10
C LEU D 318 16.96 25.11 0.00
N THR D 319 15.69 24.96 0.34
CA THR D 319 14.68 24.43 -0.57
C THR D 319 13.48 25.36 -0.62
N THR D 320 12.67 25.19 -1.66
CA THR D 320 11.39 25.89 -1.75
C THR D 320 10.24 25.07 -1.20
N GLY D 321 10.47 23.80 -0.86
CA GLY D 321 9.43 22.94 -0.37
C GLY D 321 9.82 22.23 0.92
N PRO D 322 8.91 21.41 1.46
CA PRO D 322 9.17 20.76 2.75
C PRO D 322 10.26 19.71 2.67
N ARG D 323 10.42 19.05 1.53
CA ARG D 323 11.45 18.03 1.41
C ARG D 323 12.82 18.68 1.34
N TRP D 324 13.84 17.90 1.72
CA TRP D 324 15.22 18.32 1.60
C TRP D 324 16.07 17.10 1.33
N PRO D 325 17.13 17.23 0.53
CA PRO D 325 17.97 16.08 0.21
C PRO D 325 19.20 15.98 1.10
N ASP D 326 19.85 14.82 1.09
CA ASP D 326 21.13 14.66 1.76
C ASP D 326 21.92 13.56 1.05
N VAL D 327 23.24 13.72 1.08
CA VAL D 327 24.16 12.70 0.58
C VAL D 327 24.92 12.16 1.79
N SER D 328 24.79 10.86 2.03
CA SER D 328 25.48 10.18 3.13
C SER D 328 25.13 10.79 4.49
N GLY D 329 23.93 11.36 4.61
CA GLY D 329 23.48 11.92 5.86
C GLY D 329 24.29 13.09 6.36
N ASN D 330 24.79 13.93 5.45
CA ASN D 330 25.70 15.01 5.80
C ASN D 330 25.07 16.39 5.65
N SER D 331 23.74 16.47 5.65
CA SER D 331 23.05 17.75 5.59
C SER D 331 22.93 18.31 7.00
N GLN D 332 23.60 19.45 7.26
CA GLN D 332 23.66 19.97 8.61
C GLN D 332 22.42 20.75 9.00
N ALA D 333 21.76 21.41 8.04
CA ALA D 333 20.57 22.19 8.36
C ALA D 333 19.75 22.43 7.11
N THR D 334 18.48 22.78 7.31
CA THR D 334 17.54 23.04 6.23
C THR D 334 16.85 24.38 6.43
N GLY D 335 16.47 24.99 5.31
CA GLY D 335 15.77 26.27 5.37
C GLY D 335 15.24 26.66 4.00
N THR D 336 14.60 27.82 3.96
CA THR D 336 14.10 28.39 2.71
C THR D 336 14.98 29.49 2.16
N ARG D 337 15.70 30.19 3.03
CA ARG D 337 16.51 31.33 2.62
C ARG D 337 17.66 31.46 3.60
N ALA D 338 18.72 32.14 3.16
CA ALA D 338 19.88 32.38 4.01
C ALA D 338 19.79 33.75 4.66
N VAL D 339 20.27 33.82 5.89
CA VAL D 339 20.53 35.09 6.57
C VAL D 339 22.04 35.19 6.67
N THR D 340 22.64 36.01 5.81
CA THR D 340 24.09 36.02 5.61
C THR D 340 24.78 37.01 6.52
N THR D 341 25.93 36.62 7.04
CA THR D 341 26.84 37.49 7.76
C THR D 341 28.23 37.35 7.15
N GLY D 342 28.96 38.45 7.08
CA GLY D 342 30.29 38.44 6.49
C GLY D 342 30.24 38.41 4.98
N ALA D 343 31.43 38.31 4.39
CA ALA D 343 31.61 38.32 2.95
C ALA D 343 32.71 37.34 2.57
N PRO D 344 32.61 36.72 1.39
CA PRO D 344 33.66 35.78 0.97
C PRO D 344 35.01 36.48 0.81
N ARG D 345 36.07 35.72 1.04
CA ARG D 345 37.41 36.25 0.82
C ARG D 345 37.60 36.54 -0.66
N PRO D 346 38.14 37.71 -1.01
CA PRO D 346 38.43 37.97 -2.44
C PRO D 346 39.44 36.99 -3.02
N ALA D 347 40.38 36.51 -2.21
CA ALA D 347 41.29 35.46 -2.68
C ALA D 347 40.52 34.19 -2.99
N TRP D 348 39.48 33.89 -2.22
CA TRP D 348 38.66 32.71 -2.49
C TRP D 348 37.84 32.91 -3.76
N LEU D 349 37.28 34.10 -3.95
CA LEU D 349 36.54 34.38 -5.18
C LEU D 349 37.45 34.30 -6.40
N ASP D 350 38.68 34.79 -6.29
CA ASP D 350 39.59 34.81 -7.43
C ASP D 350 39.98 33.39 -7.85
N ARG D 351 40.33 32.54 -6.88
CA ARG D 351 40.78 31.19 -7.25
C ARG D 351 39.64 30.36 -7.83
N CYS D 352 38.42 30.53 -7.32
CA CYS D 352 37.28 29.83 -7.88
C CYS D 352 36.99 30.31 -9.30
N ALA D 353 36.99 31.64 -9.50
CA ALA D 353 36.84 32.18 -10.84
C ALA D 353 37.97 31.71 -11.74
N ALA D 354 39.19 31.61 -11.19
CA ALA D 354 40.31 31.07 -11.96
C ALA D 354 40.10 29.61 -12.30
N MET D 355 39.68 28.81 -11.30
CA MET D 355 39.41 27.40 -11.55
C MET D 355 38.28 27.21 -12.56
N ASN D 356 37.31 28.12 -12.58
CA ASN D 356 36.24 28.04 -13.56
C ASN D 356 36.77 28.24 -14.97
N ARG D 357 37.56 29.30 -15.18
CA ARG D 357 38.13 29.55 -16.50
C ARG D 357 39.02 28.39 -16.95
N HIS D 358 39.80 27.83 -16.02
CA HIS D 358 40.67 26.71 -16.36
C HIS D 358 39.86 25.48 -16.79
N ALA D 359 38.78 25.18 -16.07
CA ALA D 359 37.96 24.03 -16.42
C ALA D 359 37.19 24.26 -17.71
N ILE D 360 36.64 25.47 -17.88
CA ILE D 360 36.02 25.85 -19.15
C ILE D 360 36.99 25.62 -20.30
N ALA D 361 38.21 26.15 -20.16
CA ALA D 361 39.19 26.08 -21.24
C ALA D 361 39.59 24.65 -21.57
N ALA D 362 39.68 23.80 -20.55
CA ALA D 362 40.07 22.41 -20.79
C ALA D 362 39.02 21.69 -21.62
N VAL D 363 37.75 21.99 -21.41
CA VAL D 363 36.68 21.34 -22.18
C VAL D 363 36.72 21.82 -23.62
N ARG D 364 36.73 23.14 -23.83
CA ARG D 364 36.65 23.68 -25.19
C ARG D 364 37.90 23.35 -26.00
N GLU D 365 39.07 23.28 -25.35
CA GLU D 365 40.28 22.95 -26.09
C GLU D 365 40.37 21.47 -26.41
N GLN D 366 39.96 20.61 -25.47
CA GLN D 366 39.97 19.19 -25.75
C GLN D 366 38.89 18.80 -26.75
N LEU D 367 37.79 19.54 -26.78
CA LEU D 367 36.77 19.31 -27.80
C LEU D 367 37.30 19.64 -29.19
N ALA D 368 37.99 20.77 -29.32
CA ALA D 368 38.56 21.16 -30.61
C ALA D 368 39.62 20.15 -31.05
N ALA D 369 40.46 19.69 -30.13
CA ALA D 369 41.48 18.71 -30.47
C ALA D 369 40.89 17.35 -30.78
N HIS D 370 39.69 17.05 -30.30
CA HIS D 370 39.11 15.72 -30.51
C HIS D 370 38.64 15.57 -31.95
N PRO D 371 39.02 14.49 -32.63
CA PRO D 371 38.69 14.37 -34.06
C PRO D 371 37.22 14.07 -34.31
N LEU D 372 36.63 13.19 -33.52
CA LEU D 372 35.28 12.71 -33.77
C LEU D 372 34.25 13.58 -33.07
N THR D 373 33.04 13.59 -33.62
CA THR D 373 31.93 14.27 -32.99
C THR D 373 31.32 13.39 -31.90
N THR D 374 31.05 14.00 -30.74
CA THR D 374 30.39 13.31 -29.65
C THR D 374 29.20 14.16 -29.18
N GLY D 375 28.39 13.58 -28.30
CA GLY D 375 27.27 14.31 -27.73
C GLY D 375 27.71 15.59 -27.05
N LEU D 376 28.88 15.56 -26.40
CA LEU D 376 29.43 16.77 -25.81
C LEU D 376 29.65 17.85 -26.85
N HIS D 377 30.13 17.47 -28.04
CA HIS D 377 30.24 18.42 -29.15
C HIS D 377 28.86 18.95 -29.52
N VAL D 378 27.88 18.05 -29.66
CA VAL D 378 26.52 18.47 -30.00
C VAL D 378 25.97 19.40 -28.92
N ALA D 379 26.20 19.06 -27.65
CA ALA D 379 25.71 19.88 -26.56
C ALA D 379 26.31 21.29 -26.61
N ALA D 380 27.63 21.38 -26.78
CA ALA D 380 28.27 22.68 -26.87
C ALA D 380 27.72 23.50 -28.03
N ALA D 381 27.43 22.85 -29.15
CA ALA D 381 26.84 23.54 -30.30
C ALA D 381 25.46 24.09 -29.95
N VAL D 382 24.63 23.27 -29.29
CA VAL D 382 23.28 23.70 -28.96
C VAL D 382 23.30 24.91 -28.06
N SER D 383 24.21 24.93 -27.07
CA SER D 383 24.19 26.01 -26.08
C SER D 383 24.63 27.33 -26.69
N HIS D 384 25.63 27.33 -27.57
CA HIS D 384 26.04 28.57 -28.21
C HIS D 384 24.93 29.12 -29.11
N ALA D 385 24.04 28.26 -29.60
CA ALA D 385 22.97 28.68 -30.50
C ALA D 385 21.75 29.23 -29.77
N LEU D 386 21.72 29.21 -28.44
CA LEU D 386 20.54 29.60 -27.69
C LEU D 386 20.52 31.10 -27.40
N ARG D 387 19.33 31.66 -27.36
CA ARG D 387 19.08 33.07 -27.13
C ARG D 387 18.14 33.23 -25.94
N PRO D 388 18.13 34.40 -25.31
CA PRO D 388 17.14 34.66 -24.25
C PRO D 388 15.72 34.55 -24.79
N GLY D 389 14.82 34.04 -23.96
CA GLY D 389 13.47 33.75 -24.37
C GLY D 389 13.26 32.35 -24.90
N ASP D 390 14.34 31.63 -25.21
CA ASP D 390 14.22 30.25 -25.65
C ASP D 390 13.83 29.35 -24.48
N GLN D 391 13.13 28.27 -24.81
CA GLN D 391 12.90 27.17 -23.87
C GLN D 391 13.79 26.01 -24.27
N LEU D 392 14.55 25.48 -23.32
CA LEU D 392 15.47 24.38 -23.57
C LEU D 392 14.99 23.17 -22.78
N VAL D 393 14.72 22.07 -23.49
CA VAL D 393 14.30 20.81 -22.88
C VAL D 393 15.44 19.82 -23.01
N LEU D 394 15.90 19.30 -21.89
CA LEU D 394 17.10 18.45 -21.85
C LEU D 394 16.68 17.02 -21.50
N GLY D 395 17.09 16.08 -22.34
CA GLY D 395 16.91 14.68 -22.02
C GLY D 395 17.82 14.27 -20.87
N ALA D 396 17.59 13.06 -20.38
CA ALA D 396 18.40 12.51 -19.31
C ALA D 396 19.71 11.97 -19.88
N SER D 397 20.45 11.23 -19.08
CA SER D 397 21.74 10.63 -19.47
C SER D 397 22.70 11.78 -19.79
N ASN D 398 23.51 11.65 -20.84
CA ASN D 398 24.60 12.57 -21.12
C ASN D 398 24.14 13.97 -21.53
N PRO D 399 23.07 14.13 -22.33
CA PRO D 399 22.66 15.49 -22.73
C PRO D 399 22.57 16.51 -21.61
N VAL D 400 21.85 16.22 -20.53
CA VAL D 400 21.74 17.19 -19.45
C VAL D 400 23.08 17.38 -18.75
N ARG D 401 23.90 16.32 -18.66
CA ARG D 401 25.22 16.47 -18.08
C ARG D 401 26.15 17.22 -19.01
N ASP D 402 26.08 16.91 -20.31
CA ASP D 402 26.98 17.55 -21.27
C ASP D 402 26.71 19.03 -21.39
N VAL D 403 25.45 19.45 -21.28
CA VAL D 403 25.11 20.86 -21.40
C VAL D 403 25.75 21.66 -20.28
N ALA D 404 25.82 21.10 -19.08
CA ALA D 404 26.50 21.77 -17.98
C ALA D 404 28.01 21.76 -18.17
N LEU D 405 28.56 20.68 -18.73
CA LEU D 405 30.00 20.61 -18.98
C LEU D 405 30.43 21.61 -20.04
N ALA D 406 29.54 21.94 -20.99
CA ALA D 406 29.80 22.98 -21.97
C ALA D 406 29.65 24.38 -21.40
N GLY D 407 29.31 24.50 -20.12
CA GLY D 407 29.20 25.81 -19.49
C GLY D 407 28.10 26.68 -20.05
N LEU D 408 26.94 26.08 -20.34
CA LEU D 408 25.82 26.86 -20.84
C LEU D 408 25.42 27.93 -19.85
N ASP D 409 25.16 29.13 -20.35
CA ASP D 409 24.62 30.22 -19.55
C ASP D 409 23.10 30.16 -19.65
N THR D 410 22.45 29.77 -18.56
CA THR D 410 21.00 29.56 -18.55
C THR D 410 20.22 30.81 -18.18
N ARG D 411 20.88 31.94 -17.98
CA ARG D 411 20.17 33.17 -17.64
C ARG D 411 19.38 33.66 -18.85
N GLY D 412 18.09 33.89 -18.65
CA GLY D 412 17.19 34.23 -19.73
C GLY D 412 16.56 33.06 -20.43
N ILE D 413 16.92 31.83 -20.05
CA ILE D 413 16.46 30.62 -20.73
C ILE D 413 15.67 29.78 -19.73
N ARG D 414 14.48 29.36 -20.15
CA ARG D 414 13.72 28.38 -19.38
C ARG D 414 14.21 26.98 -19.74
N VAL D 415 14.80 26.29 -18.78
CA VAL D 415 15.41 24.98 -19.00
C VAL D 415 14.55 23.93 -18.31
N ARG D 416 14.13 22.92 -19.07
CA ARG D 416 13.32 21.85 -18.55
C ARG D 416 14.03 20.51 -18.72
N SER D 417 13.81 19.62 -17.75
CA SER D 417 14.32 18.26 -17.73
C SER D 417 13.57 17.50 -16.65
N ASN D 418 13.32 16.22 -16.90
CA ASN D 418 12.59 15.39 -15.95
C ASN D 418 13.56 14.82 -14.91
N ARG D 419 14.00 15.71 -14.01
CA ARG D 419 14.99 15.32 -13.00
C ARG D 419 14.39 14.60 -11.81
N GLY D 420 13.05 14.51 -11.74
CA GLY D 420 12.43 13.85 -10.61
C GLY D 420 12.85 12.39 -10.48
N VAL D 421 12.83 11.65 -11.58
CA VAL D 421 13.24 10.25 -11.58
C VAL D 421 14.32 10.03 -12.64
N ALA D 422 14.52 11.04 -13.49
CA ALA D 422 15.55 11.00 -14.53
C ALA D 422 15.34 9.81 -15.48
N GLY D 423 14.09 9.57 -15.86
CA GLY D 423 13.81 8.54 -16.84
C GLY D 423 14.14 9.01 -18.25
N ILE D 424 14.46 8.04 -19.10
CA ILE D 424 14.68 8.33 -20.51
C ILE D 424 13.36 8.09 -21.25
N ASP D 425 12.29 7.87 -20.49
CA ASP D 425 10.97 7.66 -21.06
C ASP D 425 10.19 8.96 -21.12
N GLY D 426 9.47 9.17 -22.22
CA GLY D 426 8.52 10.27 -22.33
C GLY D 426 9.10 11.63 -22.62
N THR D 427 10.33 11.71 -23.12
CA THR D 427 10.96 13.02 -23.30
C THR D 427 10.47 13.72 -24.56
N VAL D 428 10.13 12.98 -25.61
CA VAL D 428 9.63 13.61 -26.84
C VAL D 428 8.33 14.35 -26.54
N SER D 429 7.41 13.70 -25.83
CA SER D 429 6.13 14.35 -25.51
C SER D 429 6.30 15.43 -24.46
N THR D 430 7.26 15.29 -23.55
CA THR D 430 7.54 16.36 -22.61
C THR D 430 7.98 17.62 -23.36
N ALA D 431 8.83 17.47 -24.37
CA ALA D 431 9.23 18.61 -25.19
C ALA D 431 8.04 19.20 -25.93
N ILE D 432 7.17 18.34 -26.47
CA ILE D 432 6.00 18.83 -27.20
C ILE D 432 5.07 19.59 -26.27
N GLY D 433 4.71 18.97 -25.13
CA GLY D 433 3.85 19.64 -24.18
C GLY D 433 4.45 20.93 -23.64
N ALA D 434 5.76 20.90 -23.36
CA ALA D 434 6.42 22.12 -22.90
C ALA D 434 6.37 23.22 -23.96
N ALA D 435 6.55 22.85 -25.23
CA ALA D 435 6.51 23.85 -26.29
C ALA D 435 5.11 24.42 -26.46
N LEU D 436 4.09 23.57 -26.40
CA LEU D 436 2.72 24.05 -26.56
C LEU D 436 2.33 25.01 -25.44
N ALA D 437 2.65 24.64 -24.20
CA ALA D 437 2.31 25.49 -23.06
C ALA D 437 3.11 26.79 -23.09
N TYR D 438 4.39 26.70 -23.45
CA TYR D 438 5.21 27.91 -23.57
C TYR D 438 4.66 28.84 -24.65
N GLU D 439 4.31 28.28 -25.81
CA GLU D 439 3.79 29.09 -26.90
C GLU D 439 2.41 29.66 -26.55
N GLY D 440 1.58 28.86 -25.88
CA GLY D 440 0.28 29.36 -25.48
C GLY D 440 0.36 30.55 -24.56
N ALA D 441 1.34 30.55 -23.65
CA ALA D 441 1.53 31.69 -22.76
C ALA D 441 1.99 32.91 -23.53
N HIS D 442 2.97 32.73 -24.43
CA HIS D 442 3.44 33.85 -25.25
C HIS D 442 2.30 34.45 -26.04
N GLU D 443 1.47 33.60 -26.64
CA GLU D 443 0.42 34.06 -27.53
C GLU D 443 -0.65 34.85 -26.78
N ARG D 444 -0.84 34.57 -25.49
CA ARG D 444 -1.83 35.30 -24.70
C ARG D 444 -1.38 36.75 -24.47
N THR D 445 -0.07 37.00 -24.40
CA THR D 445 0.45 38.36 -24.41
C THR D 445 -0.19 39.18 -25.51
N GLY D 446 -0.30 38.59 -26.69
CA GLY D 446 -0.72 39.28 -27.88
C GLY D 446 0.42 39.75 -28.74
N SER D 447 1.66 39.49 -28.31
CA SER D 447 2.84 40.05 -28.98
C SER D 447 2.81 39.75 -30.47
N PRO D 448 3.18 40.72 -31.31
CA PRO D 448 3.25 40.45 -32.75
C PRO D 448 4.31 39.42 -33.10
N ASP D 449 5.37 39.32 -32.29
CA ASP D 449 6.50 38.46 -32.60
C ASP D 449 6.08 37.00 -32.71
N SER D 450 6.82 36.25 -33.50
CA SER D 450 6.57 34.83 -33.65
C SER D 450 6.90 34.10 -32.34
N PRO D 451 6.23 32.98 -32.07
CA PRO D 451 6.35 32.36 -30.76
C PRO D 451 7.79 31.96 -30.48
N PRO D 452 8.20 31.98 -29.21
CA PRO D 452 9.60 31.71 -28.88
C PRO D 452 9.99 30.27 -29.17
N ARG D 453 11.27 30.08 -29.42
CA ARG D 453 11.78 28.75 -29.78
C ARG D 453 11.74 27.81 -28.57
N THR D 454 11.44 26.55 -28.84
CA THR D 454 11.63 25.47 -27.88
C THR D 454 12.58 24.46 -28.50
N ILE D 455 13.78 24.37 -27.96
CA ILE D 455 14.82 23.48 -28.47
C ILE D 455 15.03 22.37 -27.46
N ALA D 456 15.04 21.12 -27.94
CA ALA D 456 15.22 19.95 -27.11
C ALA D 456 16.46 19.20 -27.56
N LEU D 457 17.29 18.80 -26.59
CA LEU D 457 18.50 18.02 -26.85
C LEU D 457 18.37 16.68 -26.12
N ILE D 458 18.23 15.60 -26.89
CA ILE D 458 18.01 14.28 -26.33
C ILE D 458 18.92 13.27 -27.01
N GLY D 459 19.29 12.22 -26.26
CA GLY D 459 20.03 11.11 -26.83
C GLY D 459 19.15 10.22 -27.68
N ASP D 460 19.79 9.25 -28.34
CA ASP D 460 19.07 8.42 -29.31
C ASP D 460 18.18 7.39 -28.63
N LEU D 461 18.71 6.69 -27.62
CA LEU D 461 17.88 5.77 -26.84
C LEU D 461 16.65 6.49 -26.29
N THR D 462 16.86 7.68 -25.72
CA THR D 462 15.75 8.53 -25.30
C THR D 462 14.76 8.73 -26.44
N PHE D 463 15.29 9.05 -27.64
CA PHE D 463 14.41 9.32 -28.77
C PHE D 463 13.64 8.07 -29.19
N VAL D 464 14.30 6.91 -29.18
CA VAL D 464 13.62 5.68 -29.54
C VAL D 464 12.61 5.28 -28.47
N HIS D 465 12.88 5.64 -27.21
CA HIS D 465 11.98 5.29 -26.11
C HIS D 465 10.61 5.93 -26.30
N ASP D 466 10.59 7.23 -26.60
CA ASP D 466 9.34 7.98 -26.77
C ASP D 466 9.09 8.34 -28.24
N SER D 467 9.48 7.44 -29.15
CA SER D 467 9.28 7.69 -30.58
C SER D 467 7.82 7.91 -30.90
N SER D 468 6.92 7.16 -30.23
CA SER D 468 5.50 7.24 -30.52
C SER D 468 4.91 8.61 -30.17
N GLY D 469 5.58 9.40 -29.35
CA GLY D 469 5.10 10.74 -29.04
C GLY D 469 5.06 11.69 -30.22
N LEU D 470 5.72 11.33 -31.32
CA LEU D 470 5.70 12.16 -32.52
C LEU D 470 4.40 12.02 -33.31
N LEU D 471 3.64 10.94 -33.10
CA LEU D 471 2.42 10.69 -33.84
C LEU D 471 1.30 11.56 -33.28
N ILE D 472 0.93 12.60 -34.00
CA ILE D 472 -0.10 13.55 -33.58
C ILE D 472 -1.11 13.71 -34.70
N GLY D 473 -2.39 13.50 -34.38
CA GLY D 473 -3.44 13.65 -35.35
C GLY D 473 -3.54 15.08 -35.87
N PRO D 474 -4.11 15.24 -37.07
CA PRO D 474 -4.28 16.60 -37.61
C PRO D 474 -5.26 17.44 -36.81
N THR D 475 -6.14 16.81 -36.02
CA THR D 475 -7.07 17.57 -35.18
C THR D 475 -6.43 18.05 -33.89
N GLU D 476 -5.28 17.48 -33.49
CA GLU D 476 -4.70 17.82 -32.20
C GLU D 476 -3.74 19.01 -32.34
N PRO D 477 -3.55 19.76 -31.25
CA PRO D 477 -2.62 20.90 -31.31
C PRO D 477 -1.19 20.44 -31.54
N ILE D 478 -0.50 21.14 -32.43
CA ILE D 478 0.89 20.83 -32.77
C ILE D 478 1.72 22.09 -32.51
N PRO D 479 2.89 21.99 -31.88
CA PRO D 479 3.69 23.19 -31.62
C PRO D 479 4.13 23.85 -32.92
N ARG D 480 4.47 25.14 -32.82
CA ARG D 480 4.85 25.92 -33.97
C ARG D 480 6.34 26.24 -34.02
N SER D 481 7.08 26.04 -32.93
CA SER D 481 8.50 26.37 -32.91
C SER D 481 9.32 25.34 -32.13
N LEU D 482 8.92 24.08 -32.16
CA LEU D 482 9.66 23.04 -31.47
C LEU D 482 10.68 22.42 -32.42
N THR D 483 11.92 22.28 -31.94
CA THR D 483 12.98 21.61 -32.68
C THR D 483 13.65 20.61 -31.75
N ILE D 484 13.56 19.33 -32.08
CA ILE D 484 14.12 18.26 -31.27
C ILE D 484 15.45 17.85 -31.87
N VAL D 485 16.54 18.24 -31.22
CA VAL D 485 17.89 17.86 -31.65
C VAL D 485 18.23 16.51 -31.03
N VAL D 486 18.53 15.53 -31.87
CA VAL D 486 18.83 14.17 -31.43
C VAL D 486 20.31 13.92 -31.69
N SER D 487 21.11 13.93 -30.63
CA SER D 487 22.49 13.48 -30.70
C SER D 487 22.49 11.96 -30.68
N ASN D 488 22.79 11.35 -31.82
CA ASN D 488 22.63 9.90 -32.02
C ASN D 488 24.00 9.26 -32.09
N ASP D 489 24.41 8.60 -31.00
CA ASP D 489 25.62 7.77 -30.99
C ASP D 489 25.28 6.29 -30.87
N ASN D 490 24.10 5.91 -31.33
CA ASN D 490 23.71 4.50 -31.51
C ASN D 490 23.90 3.69 -30.23
N GLY D 491 23.46 4.25 -29.12
CA GLY D 491 23.53 3.56 -27.85
C GLY D 491 23.64 4.54 -26.71
N GLY D 492 23.92 4.00 -25.52
CA GLY D 492 24.04 4.79 -24.32
C GLY D 492 25.45 5.28 -24.08
N GLY D 493 25.73 6.52 -24.47
CA GLY D 493 27.08 7.04 -24.35
C GLY D 493 27.55 7.19 -22.91
N ILE D 494 26.62 7.43 -21.98
CA ILE D 494 26.99 7.68 -20.59
C ILE D 494 27.65 6.47 -19.97
N PHE D 495 27.42 5.27 -20.49
CA PHE D 495 28.02 4.08 -19.92
C PHE D 495 29.49 3.93 -20.28
N GLU D 496 29.96 4.64 -21.31
CA GLU D 496 31.39 4.69 -21.58
C GLU D 496 32.16 5.37 -20.46
N LEU D 497 31.49 6.21 -19.67
CA LEU D 497 32.14 7.03 -18.66
C LEU D 497 31.99 6.47 -17.25
N LEU D 498 31.52 5.24 -17.11
CA LEU D 498 31.32 4.62 -15.80
C LEU D 498 32.24 3.41 -15.66
N GLU D 499 32.09 2.72 -14.52
CA GLU D 499 32.99 1.61 -14.20
C GLU D 499 32.88 0.49 -15.23
N GLN D 500 31.69 0.22 -15.73
CA GLN D 500 31.53 -0.79 -16.77
C GLN D 500 32.09 -0.36 -18.11
N GLY D 501 32.54 0.88 -18.24
CA GLY D 501 33.19 1.37 -19.43
C GLY D 501 34.69 1.16 -19.46
N ASP D 502 35.27 0.66 -18.37
CA ASP D 502 36.70 0.37 -18.35
C ASP D 502 37.04 -0.63 -19.44
N PRO D 503 38.20 -0.49 -20.10
CA PRO D 503 38.54 -1.40 -21.20
C PRO D 503 38.59 -2.87 -20.83
N ARG D 504 38.73 -3.22 -19.54
CA ARG D 504 38.74 -4.64 -19.19
C ARG D 504 37.38 -5.31 -19.39
N PHE D 505 36.32 -4.52 -19.59
CA PHE D 505 34.99 -5.04 -19.90
C PHE D 505 34.63 -4.90 -21.37
N SER D 506 35.51 -4.27 -22.17
CA SER D 506 35.32 -4.06 -23.61
C SER D 506 34.66 -5.25 -24.29
N ASP D 507 35.10 -6.45 -23.91
CA ASP D 507 34.60 -7.68 -24.49
C ASP D 507 33.08 -7.79 -24.38
N VAL D 508 32.50 -7.35 -23.25
CA VAL D 508 31.13 -7.69 -22.91
C VAL D 508 30.21 -6.49 -22.75
N SER D 509 30.72 -5.26 -22.55
CA SER D 509 29.86 -4.16 -22.12
C SER D 509 29.05 -3.55 -23.26
N SER D 510 29.45 -3.76 -24.52
CA SER D 510 28.74 -3.12 -25.62
C SER D 510 27.31 -3.66 -25.75
N ARG D 511 27.13 -4.96 -25.57
CA ARG D 511 25.81 -5.54 -25.77
C ARG D 511 24.86 -5.17 -24.63
N ILE D 512 25.34 -5.20 -23.38
CA ILE D 512 24.47 -5.01 -22.22
C ILE D 512 24.49 -3.59 -21.68
N PHE D 513 25.42 -2.74 -22.11
CA PHE D 513 25.45 -1.35 -21.70
C PHE D 513 25.42 -0.38 -22.86
N GLY D 514 26.11 -0.68 -23.96
CA GLY D 514 26.00 0.17 -25.14
C GLY D 514 24.64 0.06 -25.79
N THR D 515 24.16 -1.17 -25.98
CA THR D 515 22.88 -1.49 -26.60
C THR D 515 22.68 -0.74 -27.92
N PRO D 516 23.47 -1.06 -28.95
CA PRO D 516 23.24 -0.43 -30.26
C PRO D 516 21.95 -0.95 -30.89
N HIS D 517 21.33 -0.10 -31.71
CA HIS D 517 20.03 -0.40 -32.29
C HIS D 517 19.94 -0.26 -33.80
N ASP D 518 20.82 0.52 -34.44
CA ASP D 518 20.84 0.68 -35.89
C ASP D 518 19.54 1.28 -36.43
N VAL D 519 18.83 2.05 -35.61
CA VAL D 519 17.56 2.63 -36.04
C VAL D 519 17.81 3.69 -37.09
N ASP D 520 17.02 3.64 -38.18
CA ASP D 520 16.99 4.70 -39.18
C ASP D 520 16.11 5.82 -38.64
N VAL D 521 16.74 6.79 -37.97
CA VAL D 521 16.01 7.90 -37.37
C VAL D 521 15.21 8.65 -38.43
N GLY D 522 15.82 8.89 -39.59
CA GLY D 522 15.13 9.64 -40.63
C GLY D 522 13.89 8.93 -41.15
N ALA D 523 13.98 7.61 -41.34
CA ALA D 523 12.83 6.85 -41.83
C ALA D 523 11.68 6.90 -40.83
N LEU D 524 11.99 6.80 -39.52
CA LEU D 524 10.93 6.76 -38.51
C LEU D 524 10.17 8.07 -38.45
N CYS D 525 10.88 9.20 -38.56
CA CYS D 525 10.23 10.50 -38.61
C CYS D 525 9.43 10.67 -39.90
N ARG D 526 9.92 10.07 -41.00
CA ARG D 526 9.15 10.08 -42.24
C ARG D 526 7.83 9.33 -42.07
N ALA D 527 7.87 8.22 -41.34
CA ALA D 527 6.65 7.43 -41.15
C ALA D 527 5.58 8.22 -40.42
N TYR D 528 5.99 9.05 -39.46
CA TYR D 528 5.06 9.90 -38.71
C TYR D 528 4.83 11.25 -39.37
N HIS D 529 5.41 11.47 -40.55
CA HIS D 529 5.25 12.73 -41.30
C HIS D 529 5.78 13.91 -40.51
N VAL D 530 6.94 13.73 -39.87
CA VAL D 530 7.63 14.79 -39.14
C VAL D 530 8.83 15.22 -39.98
N GLU D 531 8.93 16.53 -40.22
CA GLU D 531 10.11 17.09 -40.87
C GLU D 531 11.37 16.67 -40.14
N SER D 532 12.33 16.10 -40.87
CA SER D 532 13.58 15.71 -40.24
C SER D 532 14.73 15.81 -41.23
N ARG D 533 15.91 16.11 -40.68
CA ARG D 533 17.11 16.39 -41.45
C ARG D 533 18.29 15.92 -40.62
N GLN D 534 19.17 15.13 -41.22
CA GLN D 534 20.46 14.83 -40.59
C GLN D 534 21.43 15.93 -40.95
N ILE D 535 22.16 16.44 -39.95
CA ILE D 535 23.05 17.57 -40.13
C ILE D 535 24.32 17.33 -39.32
N GLU D 536 25.38 18.03 -39.71
CA GLU D 536 26.65 17.97 -38.99
C GLU D 536 26.68 19.02 -37.89
N VAL D 537 27.68 18.90 -37.01
CA VAL D 537 27.72 19.69 -35.79
C VAL D 537 27.73 21.18 -36.10
N ASP D 538 28.49 21.59 -37.10
CA ASP D 538 28.59 23.00 -37.40
C ASP D 538 27.35 23.51 -38.14
N GLU D 539 26.52 22.61 -38.67
CA GLU D 539 25.25 23.00 -39.28
C GLU D 539 24.18 23.31 -38.26
N LEU D 540 24.42 23.04 -36.99
CA LEU D 540 23.36 23.08 -35.98
C LEU D 540 22.91 24.52 -35.71
N GLY D 541 23.85 25.38 -35.34
CA GLY D 541 23.58 26.78 -35.10
C GLY D 541 22.84 27.48 -36.22
N PRO D 542 23.33 27.34 -37.47
CA PRO D 542 22.63 28.00 -38.58
C PRO D 542 21.24 27.44 -38.83
N THR D 543 21.06 26.12 -38.68
CA THR D 543 19.75 25.52 -38.93
C THR D 543 18.74 25.89 -37.85
N LEU D 544 19.20 26.06 -36.61
CA LEU D 544 18.31 26.52 -35.54
C LEU D 544 17.99 28.00 -35.66
N ASP D 545 18.79 28.77 -36.39
CA ASP D 545 18.55 30.21 -36.51
C ASP D 545 17.38 30.50 -37.43
N GLN D 546 17.11 29.64 -38.41
CA GLN D 546 16.00 29.84 -39.34
C GLN D 546 14.92 28.81 -39.06
N PRO D 547 13.67 29.24 -38.85
CA PRO D 547 12.61 28.29 -38.51
C PRO D 547 12.19 27.47 -39.71
N GLY D 548 11.58 26.32 -39.42
CA GLY D 548 11.04 25.47 -40.45
C GLY D 548 9.60 25.09 -40.14
N ALA D 549 9.30 23.80 -40.17
CA ALA D 549 7.99 23.35 -39.74
C ALA D 549 7.80 23.63 -38.24
N GLY D 550 6.54 23.60 -37.81
CA GLY D 550 6.26 23.75 -36.39
C GLY D 550 6.98 22.72 -35.54
N MET D 551 7.15 21.51 -36.06
CA MET D 551 7.87 20.44 -35.39
C MET D 551 8.83 19.79 -36.37
N ARG D 552 10.07 19.56 -35.93
CA ARG D 552 11.10 18.97 -36.77
C ARG D 552 12.12 18.29 -35.88
N VAL D 553 12.85 17.34 -36.45
CA VAL D 553 13.89 16.62 -35.73
C VAL D 553 15.20 16.81 -36.45
N LEU D 554 16.18 17.38 -35.77
CA LEU D 554 17.52 17.57 -36.31
C LEU D 554 18.41 16.50 -35.70
N GLU D 555 18.74 15.49 -36.50
CA GLU D 555 19.62 14.42 -36.05
C GLU D 555 21.07 14.76 -36.34
N VAL D 556 21.93 14.52 -35.35
CA VAL D 556 23.37 14.72 -35.50
C VAL D 556 24.05 13.42 -35.10
N LYS D 557 24.58 12.70 -36.10
CA LYS D 557 25.32 11.49 -35.81
C LYS D 557 26.51 11.80 -34.91
N ALA D 558 26.73 10.94 -33.93
CA ALA D 558 27.78 11.17 -32.95
C ALA D 558 28.42 9.85 -32.58
N ASP D 559 29.45 9.96 -31.75
CA ASP D 559 30.35 8.85 -31.53
C ASP D 559 30.55 8.61 -30.04
N ARG D 560 30.42 7.35 -29.62
CA ARG D 560 30.81 6.94 -28.28
C ARG D 560 32.03 6.04 -28.25
N SER D 561 32.56 5.67 -29.41
CA SER D 561 33.87 5.01 -29.46
C SER D 561 34.90 5.72 -28.60
N SER D 562 34.96 7.04 -28.72
CA SER D 562 36.03 7.84 -28.16
C SER D 562 35.62 8.64 -26.95
N LEU D 563 34.41 8.41 -26.45
CA LEU D 563 33.85 9.25 -25.40
C LEU D 563 34.66 9.15 -24.12
N ARG D 564 35.09 7.94 -23.76
CA ARG D 564 35.91 7.77 -22.56
C ARG D 564 37.25 8.46 -22.70
N GLN D 565 37.93 8.24 -23.84
CA GLN D 565 39.21 8.89 -24.06
C GLN D 565 39.08 10.40 -24.09
N LEU D 566 37.97 10.90 -24.65
CA LEU D 566 37.74 12.35 -24.64
C LEU D 566 37.65 12.89 -23.22
N HIS D 567 36.89 12.20 -22.36
CA HIS D 567 36.75 12.65 -20.98
C HIS D 567 38.05 12.47 -20.20
N ALA D 568 38.85 11.47 -20.56
CA ALA D 568 40.18 11.35 -19.96
C ALA D 568 41.07 12.52 -20.38
N ALA D 569 40.99 12.92 -21.65
CA ALA D 569 41.75 14.06 -22.12
C ALA D 569 41.38 15.33 -21.37
N ILE D 570 40.09 15.50 -21.05
CA ILE D 570 39.66 16.69 -20.33
C ILE D 570 40.16 16.66 -18.88
N LYS D 571 40.10 15.49 -18.24
CA LYS D 571 40.61 15.38 -16.88
C LYS D 571 42.13 15.58 -16.84
N ALA D 572 42.84 15.05 -17.84
CA ALA D 572 44.29 15.23 -17.89
C ALA D 572 44.65 16.71 -18.01
N ALA D 573 43.94 17.45 -18.84
CA ALA D 573 44.23 18.88 -19.03
C ALA D 573 43.94 19.69 -17.78
N LEU D 574 43.11 19.19 -16.88
CA LEU D 574 42.75 19.93 -15.67
C LEU D 574 43.92 20.02 -14.69
O1A DNA E . -5.94 21.77 12.73
O1B DNA E . -7.19 23.02 11.44
O1C DNA E . -6.73 17.05 11.17
O1D DNA E . -8.60 22.10 9.57
C1E DNA E . -9.46 17.32 7.89
C1F DNA E . -9.93 18.58 7.48
C1G DNA E . -8.57 17.20 8.94
C1H DNA E . -9.52 19.74 8.13
C1I DNA E . -6.77 19.42 11.43
C1J DNA E . -6.75 21.90 11.79
C1K DNA E . -7.19 18.27 10.77
C1L DNA E . -7.23 20.69 11.06
C1M DNA E . -8.17 20.85 9.92
C1N DNA E . -8.15 18.33 9.62
C1O DNA E . -8.64 19.66 9.20
C ACT F . 20.27 -4.61 4.84
O ACT F . 19.37 -5.36 5.28
OXT ACT F . 20.03 -3.50 4.31
CH3 ACT F . 21.71 -5.06 4.98
C FMT G . -5.94 25.17 24.59
O1 FMT G . -6.25 24.96 25.76
O2 FMT G . -5.30 24.24 23.90
C FMT H . -6.81 29.28 26.34
O1 FMT H . -6.79 28.50 27.28
O2 FMT H . -7.93 29.90 26.01
MG MG I . 3.23 -13.59 33.55
O2P TOI J . 13.17 -17.76 22.10
C1P TOI J . 12.88 -16.55 22.02
O1P TOI J . 13.69 -15.69 21.67
C2P TOI J . 11.50 -16.11 22.38
C3P TOI J . 10.58 -16.99 22.76
O3P TOI J . 11.21 -14.69 22.28
C5I TOI J . 9.85 -14.28 22.28
C6I TOI J . 9.83 -13.03 21.42
O3I TOI J . 9.89 -13.40 20.04
C1I TOI J . 8.64 -12.08 21.60
CI TOI J . 9.16 -10.71 21.28
O2I TOI J . 9.97 -10.58 20.33
O1I TOI J . 8.78 -9.74 21.97
C4I TOI J . 9.44 -13.98 23.70
C3I TOI J . 8.70 -12.92 24.01
C2I TOI J . 7.98 -12.06 22.99
C21 TOI J . 6.49 -12.40 22.88
C3 TOI J . 6.21 -13.91 22.84
C41 TOI J . 5.09 -14.25 21.87
C51 TOI J . 5.02 -15.73 21.60
O3 TOI J . 4.16 -16.41 22.18
O4 TOI J . 5.85 -16.24 20.79
O5 TOI J . 6.04 -11.87 21.62
C2 TOI J . 5.71 -11.79 24.02
S1 TOI J . 5.49 -12.74 25.44
N3 TOI J . 5.53 -10.46 24.34
C35 TOI J . 5.64 -9.38 23.36
C5' TOI J . 4.27 -8.88 22.94
C4' TOI J . 3.26 -9.76 22.30
N4' TOI J . 3.49 -11.07 22.08
N3' TOI J . 2.07 -9.23 21.94
C2' TOI J . 1.82 -7.92 22.16
C2A TOI J . 0.48 -7.37 21.73
N1' TOI J . 2.72 -7.11 22.72
C6' TOI J . 3.93 -7.54 23.11
C4 TOI J . 5.23 -10.19 25.70
C4A TOI J . 5.00 -8.82 26.27
C5 TOI J . 5.17 -11.34 26.42
C5A TOI J . 4.89 -11.40 27.91
C5B TOI J . 3.58 -12.08 28.28
O5G TOI J . 3.50 -12.17 29.70
P1 TOI J . 2.40 -13.07 30.47
O13 TOI J . 2.41 -12.68 31.93
O12 TOI J . 1.09 -12.97 29.72
O11 TOI J . 2.94 -14.58 30.31
P2 TOI J . 4.18 -15.22 31.12
O23 TOI J . 5.20 -15.53 30.06
O21 TOI J . 4.61 -14.18 32.12
O22 TOI J . 3.57 -16.45 31.75
O1A DNA K . 1.29 -23.75 7.15
O1B DNA K . -0.45 -22.78 8.05
O1C DNA K . 0.56 -17.84 7.96
O1D DNA K . 3.25 -22.45 6.21
C1E DNA K . 4.35 -17.44 6.03
C1F DNA K . 5.02 -18.58 5.59
C1G DNA K . 3.11 -17.53 6.67
C1H DNA K . 4.49 -19.86 5.77
C1I DNA K . 0.66 -20.22 7.72
C1J DNA K . 0.68 -22.72 7.52
C1K DNA K . 1.22 -18.96 7.53
C1L DNA K . 1.31 -21.38 7.29
C1M DNA K . 2.62 -21.31 6.62
C1N DNA K . 2.54 -18.79 6.86
C1O DNA K . 3.26 -19.99 6.39
O1A DNA L . -9.59 -19.27 -15.51
O1B DNA L . -7.82 -18.49 -16.53
O1C DNA L . -7.31 -13.81 -14.73
O1D DNA L . -11.42 -17.62 -14.76
C1E DNA L . -11.15 -12.74 -13.18
C1F DNA L . -12.18 -13.69 -13.18
C1G DNA L . -9.89 -13.04 -13.68
C1H DNA L . -11.98 -14.97 -13.69
C1I DNA L . -8.10 -16.00 -15.24
C1J DNA L . -8.82 -18.33 -15.81
C1K DNA L . -8.32 -14.71 -14.73
C1L DNA L . -9.10 -16.96 -15.26
C1M DNA L . -10.45 -16.67 -14.74
C1N DNA L . -9.65 -14.32 -14.19
C1O DNA L . -10.74 -15.31 -14.19
C ACT M . 6.08 -17.97 -0.92
O ACT M . 6.23 -18.27 -2.13
OXT ACT M . 5.66 -18.80 -0.08
CH3 ACT M . 6.40 -16.58 -0.48
CL CL N . -32.76 -24.90 -29.41
O2P TOI O . 27.46 8.77 -12.23
C1P TOI O . 26.84 7.69 -12.31
O1P TOI O . 27.18 6.67 -11.68
C2P TOI O . 25.65 7.60 -13.20
C3P TOI O . 25.26 8.66 -13.88
O3P TOI O . 24.95 6.34 -13.28
C5I TOI O . 23.76 6.43 -14.03
C6I TOI O . 22.71 5.60 -13.31
O3I TOI O . 22.24 6.32 -12.17
C1I TOI O . 21.50 5.18 -14.16
CI TOI O . 21.20 3.76 -13.80
O2I TOI O . 21.51 3.36 -12.65
O1I TOI O . 20.64 3.03 -14.63
C4I TOI O . 24.00 5.81 -15.38
C3I TOI O . 22.97 5.70 -16.20
C2I TOI O . 21.61 5.28 -15.68
C21 TOI O . 20.56 6.24 -16.24
C3 TOI O . 20.99 7.70 -16.14
C41 TOI O . 19.76 8.60 -16.01
C51 TOI O . 20.15 9.99 -15.59
O3 TOI O . 20.08 10.92 -16.43
O4 TOI O . 20.51 10.19 -14.41
O5 TOI O . 19.37 6.11 -15.45
C2 TOI O . 20.26 5.91 -17.68
S1 TOI O . 21.16 6.74 -18.87
N3 TOI O . 19.58 4.86 -18.26
C35 TOI O . 18.72 3.96 -17.50
C5' TOI O . 17.24 4.14 -17.77
C4' TOI O . 16.53 5.42 -17.51
N4' TOI O . 17.17 6.51 -17.06
N3' TOI O . 15.21 5.48 -17.77
C2' TOI O . 14.56 4.39 -18.24
C2A TOI O . 13.08 4.48 -18.53
N1' TOI O . 15.20 3.22 -18.44
C6' TOI O . 16.51 3.07 -18.24
C4 TOI O . 19.81 4.70 -19.65
C4A TOI O . 19.19 3.62 -20.50
C5 TOI O . 20.64 5.65 -20.12
C5A TOI O . 21.11 5.76 -21.55
C5B TOI O . 20.38 6.84 -22.35
O5G TOI O . 20.93 6.83 -23.66
P1 TOI O . 20.73 8.04 -24.70
O13 TOI O . 21.15 7.56 -26.06
O12 TOI O . 19.34 8.58 -24.53
O11 TOI O . 21.75 9.18 -24.18
P2 TOI O . 23.34 9.22 -24.41
O23 TOI O . 23.93 8.89 -23.07
O21 TOI O . 23.68 8.21 -25.47
O22 TOI O . 23.59 10.65 -24.83
MG MG P . 23.15 7.64 -27.24
O1A DNA Q . 12.20 19.93 -5.09
O1B DNA Q . 13.63 20.30 -3.47
O1C DNA Q . 11.22 15.00 -4.92
O1D DNA Q . 14.36 18.50 -1.85
C1E DNA Q . 13.38 13.46 -1.57
C1F DNA Q . 14.16 14.33 -0.80
C1G DNA Q . 12.66 13.92 -2.66
C1H DNA Q . 14.26 15.68 -1.11
C1I DNA Q . 12.06 17.18 -4.49
C1J DNA Q . 12.89 19.53 -4.13
C1K DNA Q . 11.98 15.83 -4.17
C1L DNA Q . 12.83 18.07 -3.75
C1M DNA Q . 13.61 17.61 -2.58
C1N DNA Q . 12.72 15.27 -3.00
C1O DNA Q . 13.56 16.18 -2.19
#